data_1T56
# 
_entry.id   1T56 
# 
_audit_conform.dict_name       mmcif_pdbx.dic 
_audit_conform.dict_version    5.386 
_audit_conform.dict_location   http://mmcif.pdb.org/dictionaries/ascii/mmcif_pdbx.dic 
# 
loop_
_database_2.database_id 
_database_2.database_code 
_database_2.pdbx_database_accession 
_database_2.pdbx_DOI 
PDB   1T56         pdb_00001t56 10.2210/pdb1t56/pdb 
RCSB  RCSB022325   ?            ?                   
WWPDB D_1000022325 ?            ?                   
# 
loop_
_pdbx_audit_revision_history.ordinal 
_pdbx_audit_revision_history.data_content_type 
_pdbx_audit_revision_history.major_revision 
_pdbx_audit_revision_history.minor_revision 
_pdbx_audit_revision_history.revision_date 
1 'Structure model' 1 0 2004-07-27 
2 'Structure model' 1 1 2008-04-30 
3 'Structure model' 1 2 2011-07-13 
4 'Structure model' 1 3 2024-02-14 
# 
_pdbx_audit_revision_details.ordinal             1 
_pdbx_audit_revision_details.revision_ordinal    1 
_pdbx_audit_revision_details.data_content_type   'Structure model' 
_pdbx_audit_revision_details.provider            repository 
_pdbx_audit_revision_details.type                'Initial release' 
_pdbx_audit_revision_details.description         ? 
_pdbx_audit_revision_details.details             ? 
# 
loop_
_pdbx_audit_revision_group.ordinal 
_pdbx_audit_revision_group.revision_ordinal 
_pdbx_audit_revision_group.data_content_type 
_pdbx_audit_revision_group.group 
1 2 'Structure model' 'Version format compliance' 
2 3 'Structure model' Advisory                    
3 3 'Structure model' 'Derived calculations'      
4 3 'Structure model' 'Source and taxonomy'       
5 3 'Structure model' 'Version format compliance' 
6 4 'Structure model' 'Data collection'           
7 4 'Structure model' 'Database references'       
8 4 'Structure model' 'Derived calculations'      
# 
loop_
_pdbx_audit_revision_category.ordinal 
_pdbx_audit_revision_category.revision_ordinal 
_pdbx_audit_revision_category.data_content_type 
_pdbx_audit_revision_category.category 
1 4 'Structure model' chem_comp_atom 
2 4 'Structure model' chem_comp_bond 
3 4 'Structure model' database_2     
4 4 'Structure model' struct_site    
# 
loop_
_pdbx_audit_revision_item.ordinal 
_pdbx_audit_revision_item.revision_ordinal 
_pdbx_audit_revision_item.data_content_type 
_pdbx_audit_revision_item.item 
1 4 'Structure model' '_database_2.pdbx_DOI'                
2 4 'Structure model' '_database_2.pdbx_database_accession' 
3 4 'Structure model' '_struct_site.pdbx_auth_asym_id'      
4 4 'Structure model' '_struct_site.pdbx_auth_comp_id'      
5 4 'Structure model' '_struct_site.pdbx_auth_seq_id'       
# 
_pdbx_database_status.status_code                     REL 
_pdbx_database_status.entry_id                        1T56 
_pdbx_database_status.recvd_initial_deposition_date   2004-05-03 
_pdbx_database_status.deposit_site                    RCSB 
_pdbx_database_status.process_site                    RCSB 
_pdbx_database_status.status_code_sf                  REL 
_pdbx_database_status.SG_entry                        . 
_pdbx_database_status.pdb_format_compatible           Y 
_pdbx_database_status.status_code_mr                  ? 
_pdbx_database_status.status_code_cs                  ? 
_pdbx_database_status.status_code_nmr_data            ? 
_pdbx_database_status.methods_development_category    ? 
# 
loop_
_audit_author.name 
_audit_author.pdbx_ordinal 
'Dover, L.G.'   1 
'Corsino, P.E.' 2 
'Daniels, I.R.' 3 
'Cocklin, S.L.' 4 
'Tatituri, V.'  5 
'Besra, G.S.'   6 
'Futterer, K.'  7 
# 
_citation.id                        primary 
_citation.title                     
'Crystal Structure of the TetR/CamR Family Repressor Mycobacterium tuberculosis EthR Implicated in Ethionamide Resistance.' 
_citation.journal_abbrev            J.Mol.Biol. 
_citation.journal_volume            340 
_citation.page_first                1095 
_citation.page_last                 1105 
_citation.year                      2004 
_citation.journal_id_ASTM           JMOBAK 
_citation.country                   UK 
_citation.journal_id_ISSN           0022-2836 
_citation.journal_id_CSD            0070 
_citation.book_publisher            ? 
_citation.pdbx_database_id_PubMed   15236969 
_citation.pdbx_database_id_DOI      10.1016/j.jmb.2004.06.003 
# 
loop_
_citation_author.citation_id 
_citation_author.name 
_citation_author.ordinal 
_citation_author.identifier_ORCID 
primary 'Dover, L.G.'   1 ? 
primary 'Corsino, P.E.' 2 ? 
primary 'Daniels, I.R.' 3 ? 
primary 'Cocklin, S.L.' 4 ? 
primary 'Tatituri, V.'  5 ? 
primary 'Besra, G.S.'   6 ? 
primary 'Futterer, K.'  7 ? 
# 
loop_
_entity.id 
_entity.type 
_entity.src_method 
_entity.pdbx_description 
_entity.formula_weight 
_entity.pdbx_number_of_molecules 
_entity.pdbx_ec 
_entity.pdbx_mutation 
_entity.pdbx_fragment 
_entity.details 
1 polymer     man 'EthR repressor'         23781.705 1   ? ? ? ? 
2 non-polymer syn '1,4-DIETHYLENE DIOXIDE' 88.105    2   ? ? ? ? 
3 non-polymer syn GLYCEROL                 92.094    1   ? ? ? ? 
4 water       nat water                    18.015    118 ? ? ? ? 
# 
_entity_poly.entity_id                      1 
_entity_poly.type                           'polypeptide(L)' 
_entity_poly.nstd_linkage                   no 
_entity_poly.nstd_monomer                   no 
_entity_poly.pdbx_seq_one_letter_code       
;MTTSAASQASLPRGRRTARPSGDDRELAILATAENLLEDRPLADISVDDLAKGAGISRPTFYFYFPSKEAVLLTLLDRVV
NQADMALQTLAENPADTDRENMWRTGINVFFETFGSHKAVTRAGQAARATSVEVAELWSTFMQKWIAYTAAVIDAERDRG
AAPRTLPAHELATALNLMNERTLFASFAGEQPSVPEARVLDTLVHIWVTSIYGENR
;
_entity_poly.pdbx_seq_one_letter_code_can   
;MTTSAASQASLPRGRRTARPSGDDRELAILATAENLLEDRPLADISVDDLAKGAGISRPTFYFYFPSKEAVLLTLLDRVV
NQADMALQTLAENPADTDRENMWRTGINVFFETFGSHKAVTRAGQAARATSVEVAELWSTFMQKWIAYTAAVIDAERDRG
AAPRTLPAHELATALNLMNERTLFASFAGEQPSVPEARVLDTLVHIWVTSIYGENR
;
_entity_poly.pdbx_strand_id                 A 
_entity_poly.pdbx_target_identifier         ? 
# 
loop_
_pdbx_entity_nonpoly.entity_id 
_pdbx_entity_nonpoly.name 
_pdbx_entity_nonpoly.comp_id 
2 '1,4-DIETHYLENE DIOXIDE' DIO 
3 GLYCEROL                 GOL 
4 water                    HOH 
# 
loop_
_entity_poly_seq.entity_id 
_entity_poly_seq.num 
_entity_poly_seq.mon_id 
_entity_poly_seq.hetero 
1 1   MET n 
1 2   THR n 
1 3   THR n 
1 4   SER n 
1 5   ALA n 
1 6   ALA n 
1 7   SER n 
1 8   GLN n 
1 9   ALA n 
1 10  SER n 
1 11  LEU n 
1 12  PRO n 
1 13  ARG n 
1 14  GLY n 
1 15  ARG n 
1 16  ARG n 
1 17  THR n 
1 18  ALA n 
1 19  ARG n 
1 20  PRO n 
1 21  SER n 
1 22  GLY n 
1 23  ASP n 
1 24  ASP n 
1 25  ARG n 
1 26  GLU n 
1 27  LEU n 
1 28  ALA n 
1 29  ILE n 
1 30  LEU n 
1 31  ALA n 
1 32  THR n 
1 33  ALA n 
1 34  GLU n 
1 35  ASN n 
1 36  LEU n 
1 37  LEU n 
1 38  GLU n 
1 39  ASP n 
1 40  ARG n 
1 41  PRO n 
1 42  LEU n 
1 43  ALA n 
1 44  ASP n 
1 45  ILE n 
1 46  SER n 
1 47  VAL n 
1 48  ASP n 
1 49  ASP n 
1 50  LEU n 
1 51  ALA n 
1 52  LYS n 
1 53  GLY n 
1 54  ALA n 
1 55  GLY n 
1 56  ILE n 
1 57  SER n 
1 58  ARG n 
1 59  PRO n 
1 60  THR n 
1 61  PHE n 
1 62  TYR n 
1 63  PHE n 
1 64  TYR n 
1 65  PHE n 
1 66  PRO n 
1 67  SER n 
1 68  LYS n 
1 69  GLU n 
1 70  ALA n 
1 71  VAL n 
1 72  LEU n 
1 73  LEU n 
1 74  THR n 
1 75  LEU n 
1 76  LEU n 
1 77  ASP n 
1 78  ARG n 
1 79  VAL n 
1 80  VAL n 
1 81  ASN n 
1 82  GLN n 
1 83  ALA n 
1 84  ASP n 
1 85  MET n 
1 86  ALA n 
1 87  LEU n 
1 88  GLN n 
1 89  THR n 
1 90  LEU n 
1 91  ALA n 
1 92  GLU n 
1 93  ASN n 
1 94  PRO n 
1 95  ALA n 
1 96  ASP n 
1 97  THR n 
1 98  ASP n 
1 99  ARG n 
1 100 GLU n 
1 101 ASN n 
1 102 MET n 
1 103 TRP n 
1 104 ARG n 
1 105 THR n 
1 106 GLY n 
1 107 ILE n 
1 108 ASN n 
1 109 VAL n 
1 110 PHE n 
1 111 PHE n 
1 112 GLU n 
1 113 THR n 
1 114 PHE n 
1 115 GLY n 
1 116 SER n 
1 117 HIS n 
1 118 LYS n 
1 119 ALA n 
1 120 VAL n 
1 121 THR n 
1 122 ARG n 
1 123 ALA n 
1 124 GLY n 
1 125 GLN n 
1 126 ALA n 
1 127 ALA n 
1 128 ARG n 
1 129 ALA n 
1 130 THR n 
1 131 SER n 
1 132 VAL n 
1 133 GLU n 
1 134 VAL n 
1 135 ALA n 
1 136 GLU n 
1 137 LEU n 
1 138 TRP n 
1 139 SER n 
1 140 THR n 
1 141 PHE n 
1 142 MET n 
1 143 GLN n 
1 144 LYS n 
1 145 TRP n 
1 146 ILE n 
1 147 ALA n 
1 148 TYR n 
1 149 THR n 
1 150 ALA n 
1 151 ALA n 
1 152 VAL n 
1 153 ILE n 
1 154 ASP n 
1 155 ALA n 
1 156 GLU n 
1 157 ARG n 
1 158 ASP n 
1 159 ARG n 
1 160 GLY n 
1 161 ALA n 
1 162 ALA n 
1 163 PRO n 
1 164 ARG n 
1 165 THR n 
1 166 LEU n 
1 167 PRO n 
1 168 ALA n 
1 169 HIS n 
1 170 GLU n 
1 171 LEU n 
1 172 ALA n 
1 173 THR n 
1 174 ALA n 
1 175 LEU n 
1 176 ASN n 
1 177 LEU n 
1 178 MET n 
1 179 ASN n 
1 180 GLU n 
1 181 ARG n 
1 182 THR n 
1 183 LEU n 
1 184 PHE n 
1 185 ALA n 
1 186 SER n 
1 187 PHE n 
1 188 ALA n 
1 189 GLY n 
1 190 GLU n 
1 191 GLN n 
1 192 PRO n 
1 193 SER n 
1 194 VAL n 
1 195 PRO n 
1 196 GLU n 
1 197 ALA n 
1 198 ARG n 
1 199 VAL n 
1 200 LEU n 
1 201 ASP n 
1 202 THR n 
1 203 LEU n 
1 204 VAL n 
1 205 HIS n 
1 206 ILE n 
1 207 TRP n 
1 208 VAL n 
1 209 THR n 
1 210 SER n 
1 211 ILE n 
1 212 TYR n 
1 213 GLY n 
1 214 GLU n 
1 215 ASN n 
1 216 ARG n 
# 
_entity_src_gen.entity_id                          1 
_entity_src_gen.pdbx_src_id                        1 
_entity_src_gen.pdbx_alt_source_flag               sample 
_entity_src_gen.pdbx_seq_type                      ? 
_entity_src_gen.pdbx_beg_seq_num                   ? 
_entity_src_gen.pdbx_end_seq_num                   ? 
_entity_src_gen.gene_src_common_name               ? 
_entity_src_gen.gene_src_genus                     Mycobacterium 
_entity_src_gen.pdbx_gene_src_gene                 ? 
_entity_src_gen.gene_src_species                   'Mycobacterium tuberculosis' 
_entity_src_gen.gene_src_strain                    H37Rv 
_entity_src_gen.gene_src_tissue                    ? 
_entity_src_gen.gene_src_tissue_fraction           ? 
_entity_src_gen.gene_src_details                   ? 
_entity_src_gen.pdbx_gene_src_fragment             ? 
_entity_src_gen.pdbx_gene_src_scientific_name      'Mycobacterium tuberculosis' 
_entity_src_gen.pdbx_gene_src_ncbi_taxonomy_id     83332 
_entity_src_gen.pdbx_gene_src_variant              ? 
_entity_src_gen.pdbx_gene_src_cell_line            ? 
_entity_src_gen.pdbx_gene_src_atcc                 ? 
_entity_src_gen.pdbx_gene_src_organ                ? 
_entity_src_gen.pdbx_gene_src_organelle            ? 
_entity_src_gen.pdbx_gene_src_cell                 ? 
_entity_src_gen.pdbx_gene_src_cellular_location    ? 
_entity_src_gen.host_org_common_name               ? 
_entity_src_gen.pdbx_host_org_scientific_name      'Escherichia coli' 
_entity_src_gen.pdbx_host_org_ncbi_taxonomy_id     562 
_entity_src_gen.host_org_genus                     Escherichia 
_entity_src_gen.pdbx_host_org_gene                 ? 
_entity_src_gen.pdbx_host_org_organ                ? 
_entity_src_gen.host_org_species                   ? 
_entity_src_gen.pdbx_host_org_tissue               ? 
_entity_src_gen.pdbx_host_org_tissue_fraction      ? 
_entity_src_gen.pdbx_host_org_strain               'C41(DE3)' 
_entity_src_gen.pdbx_host_org_variant              ? 
_entity_src_gen.pdbx_host_org_cell_line            ? 
_entity_src_gen.pdbx_host_org_atcc                 ? 
_entity_src_gen.pdbx_host_org_culture_collection   ? 
_entity_src_gen.pdbx_host_org_cell                 ? 
_entity_src_gen.pdbx_host_org_organelle            ? 
_entity_src_gen.pdbx_host_org_cellular_location    ? 
_entity_src_gen.pdbx_host_org_vector_type          plasmid 
_entity_src_gen.pdbx_host_org_vector               ? 
_entity_src_gen.host_org_details                   ? 
_entity_src_gen.expression_system_id               ? 
_entity_src_gen.plasmid_name                       pET23b 
_entity_src_gen.plasmid_details                    ? 
_entity_src_gen.pdbx_description                   ? 
# 
loop_
_chem_comp.id 
_chem_comp.type 
_chem_comp.mon_nstd_flag 
_chem_comp.name 
_chem_comp.pdbx_synonyms 
_chem_comp.formula 
_chem_comp.formula_weight 
ALA 'L-peptide linking' y ALANINE                  ?                               'C3 H7 N O2'     89.093  
ARG 'L-peptide linking' y ARGININE                 ?                               'C6 H15 N4 O2 1' 175.209 
ASN 'L-peptide linking' y ASPARAGINE               ?                               'C4 H8 N2 O3'    132.118 
ASP 'L-peptide linking' y 'ASPARTIC ACID'          ?                               'C4 H7 N O4'     133.103 
DIO non-polymer         . '1,4-DIETHYLENE DIOXIDE' ?                               'C4 H8 O2'       88.105  
GLN 'L-peptide linking' y GLUTAMINE                ?                               'C5 H10 N2 O3'   146.144 
GLU 'L-peptide linking' y 'GLUTAMIC ACID'          ?                               'C5 H9 N O4'     147.129 
GLY 'peptide linking'   y GLYCINE                  ?                               'C2 H5 N O2'     75.067  
GOL non-polymer         . GLYCEROL                 'GLYCERIN; PROPANE-1,2,3-TRIOL' 'C3 H8 O3'       92.094  
HIS 'L-peptide linking' y HISTIDINE                ?                               'C6 H10 N3 O2 1' 156.162 
HOH non-polymer         . WATER                    ?                               'H2 O'           18.015  
ILE 'L-peptide linking' y ISOLEUCINE               ?                               'C6 H13 N O2'    131.173 
LEU 'L-peptide linking' y LEUCINE                  ?                               'C6 H13 N O2'    131.173 
LYS 'L-peptide linking' y LYSINE                   ?                               'C6 H15 N2 O2 1' 147.195 
MET 'L-peptide linking' y METHIONINE               ?                               'C5 H11 N O2 S'  149.211 
PHE 'L-peptide linking' y PHENYLALANINE            ?                               'C9 H11 N O2'    165.189 
PRO 'L-peptide linking' y PROLINE                  ?                               'C5 H9 N O2'     115.130 
SER 'L-peptide linking' y SERINE                   ?                               'C3 H7 N O3'     105.093 
THR 'L-peptide linking' y THREONINE                ?                               'C4 H9 N O3'     119.119 
TRP 'L-peptide linking' y TRYPTOPHAN               ?                               'C11 H12 N2 O2'  204.225 
TYR 'L-peptide linking' y TYROSINE                 ?                               'C9 H11 N O3'    181.189 
VAL 'L-peptide linking' y VALINE                   ?                               'C5 H11 N O2'    117.146 
# 
loop_
_pdbx_poly_seq_scheme.asym_id 
_pdbx_poly_seq_scheme.entity_id 
_pdbx_poly_seq_scheme.seq_id 
_pdbx_poly_seq_scheme.mon_id 
_pdbx_poly_seq_scheme.ndb_seq_num 
_pdbx_poly_seq_scheme.pdb_seq_num 
_pdbx_poly_seq_scheme.auth_seq_num 
_pdbx_poly_seq_scheme.pdb_mon_id 
_pdbx_poly_seq_scheme.auth_mon_id 
_pdbx_poly_seq_scheme.pdb_strand_id 
_pdbx_poly_seq_scheme.pdb_ins_code 
_pdbx_poly_seq_scheme.hetero 
A 1 1   MET 1   1   ?   ?   ?   A . n 
A 1 2   THR 2   2   ?   ?   ?   A . n 
A 1 3   THR 3   3   ?   ?   ?   A . n 
A 1 4   SER 4   4   ?   ?   ?   A . n 
A 1 5   ALA 5   5   ?   ?   ?   A . n 
A 1 6   ALA 6   6   ?   ?   ?   A . n 
A 1 7   SER 7   7   ?   ?   ?   A . n 
A 1 8   GLN 8   8   ?   ?   ?   A . n 
A 1 9   ALA 9   9   ?   ?   ?   A . n 
A 1 10  SER 10  10  ?   ?   ?   A . n 
A 1 11  LEU 11  11  ?   ?   ?   A . n 
A 1 12  PRO 12  12  ?   ?   ?   A . n 
A 1 13  ARG 13  13  ?   ?   ?   A . n 
A 1 14  GLY 14  14  ?   ?   ?   A . n 
A 1 15  ARG 15  15  ?   ?   ?   A . n 
A 1 16  ARG 16  16  ?   ?   ?   A . n 
A 1 17  THR 17  17  ?   ?   ?   A . n 
A 1 18  ALA 18  18  ?   ?   ?   A . n 
A 1 19  ARG 19  19  ?   ?   ?   A . n 
A 1 20  PRO 20  20  ?   ?   ?   A . n 
A 1 21  SER 21  21  ?   ?   ?   A . n 
A 1 22  GLY 22  22  22  GLY GLY A . n 
A 1 23  ASP 23  23  23  ASP ASP A . n 
A 1 24  ASP 24  24  24  ASP ASP A . n 
A 1 25  ARG 25  25  25  ARG ARG A . n 
A 1 26  GLU 26  26  26  GLU GLU A . n 
A 1 27  LEU 27  27  27  LEU LEU A . n 
A 1 28  ALA 28  28  28  ALA ALA A . n 
A 1 29  ILE 29  29  29  ILE ILE A . n 
A 1 30  LEU 30  30  30  LEU LEU A . n 
A 1 31  ALA 31  31  31  ALA ALA A . n 
A 1 32  THR 32  32  32  THR THR A . n 
A 1 33  ALA 33  33  33  ALA ALA A . n 
A 1 34  GLU 34  34  34  GLU GLU A . n 
A 1 35  ASN 35  35  35  ASN ASN A . n 
A 1 36  LEU 36  36  36  LEU LEU A . n 
A 1 37  LEU 37  37  37  LEU LEU A . n 
A 1 38  GLU 38  38  38  GLU GLU A . n 
A 1 39  ASP 39  39  39  ASP ASP A . n 
A 1 40  ARG 40  40  40  ARG ARG A . n 
A 1 41  PRO 41  41  41  PRO PRO A . n 
A 1 42  LEU 42  42  42  LEU LEU A . n 
A 1 43  ALA 43  43  43  ALA ALA A . n 
A 1 44  ASP 44  44  44  ASP ASP A . n 
A 1 45  ILE 45  45  45  ILE ILE A . n 
A 1 46  SER 46  46  46  SER SER A . n 
A 1 47  VAL 47  47  47  VAL VAL A . n 
A 1 48  ASP 48  48  48  ASP ASP A . n 
A 1 49  ASP 49  49  49  ASP ASP A . n 
A 1 50  LEU 50  50  50  LEU LEU A . n 
A 1 51  ALA 51  51  51  ALA ALA A . n 
A 1 52  LYS 52  52  52  LYS LYS A . n 
A 1 53  GLY 53  53  53  GLY GLY A . n 
A 1 54  ALA 54  54  54  ALA ALA A . n 
A 1 55  GLY 55  55  55  GLY GLY A . n 
A 1 56  ILE 56  56  56  ILE ILE A . n 
A 1 57  SER 57  57  57  SER SER A . n 
A 1 58  ARG 58  58  58  ARG ARG A . n 
A 1 59  PRO 59  59  59  PRO PRO A . n 
A 1 60  THR 60  60  60  THR THR A . n 
A 1 61  PHE 61  61  61  PHE PHE A . n 
A 1 62  TYR 62  62  62  TYR TYR A . n 
A 1 63  PHE 63  63  63  PHE PHE A . n 
A 1 64  TYR 64  64  64  TYR TYR A . n 
A 1 65  PHE 65  65  65  PHE PHE A . n 
A 1 66  PRO 66  66  66  PRO PRO A . n 
A 1 67  SER 67  67  67  SER SER A . n 
A 1 68  LYS 68  68  68  LYS LYS A . n 
A 1 69  GLU 69  69  69  GLU GLU A . n 
A 1 70  ALA 70  70  70  ALA ALA A . n 
A 1 71  VAL 71  71  71  VAL VAL A . n 
A 1 72  LEU 72  72  72  LEU LEU A . n 
A 1 73  LEU 73  73  73  LEU LEU A . n 
A 1 74  THR 74  74  74  THR THR A . n 
A 1 75  LEU 75  75  75  LEU LEU A . n 
A 1 76  LEU 76  76  76  LEU LEU A . n 
A 1 77  ASP 77  77  77  ASP ASP A . n 
A 1 78  ARG 78  78  78  ARG ARG A . n 
A 1 79  VAL 79  79  79  VAL VAL A . n 
A 1 80  VAL 80  80  80  VAL VAL A . n 
A 1 81  ASN 81  81  81  ASN ASN A . n 
A 1 82  GLN 82  82  82  GLN GLN A . n 
A 1 83  ALA 83  83  83  ALA ALA A . n 
A 1 84  ASP 84  84  84  ASP ASP A . n 
A 1 85  MET 85  85  85  MET MET A . n 
A 1 86  ALA 86  86  86  ALA ALA A . n 
A 1 87  LEU 87  87  87  LEU LEU A . n 
A 1 88  GLN 88  88  88  GLN GLN A . n 
A 1 89  THR 89  89  89  THR THR A . n 
A 1 90  LEU 90  90  90  LEU LEU A . n 
A 1 91  ALA 91  91  91  ALA ALA A . n 
A 1 92  GLU 92  92  92  GLU GLU A . n 
A 1 93  ASN 93  93  93  ASN ASN A . n 
A 1 94  PRO 94  94  94  PRO PRO A . n 
A 1 95  ALA 95  95  95  ALA ALA A . n 
A 1 96  ASP 96  96  96  ASP ASP A . n 
A 1 97  THR 97  97  97  THR THR A . n 
A 1 98  ASP 98  98  98  ASP ASP A . n 
A 1 99  ARG 99  99  99  ARG ARG A . n 
A 1 100 GLU 100 100 100 GLU GLU A . n 
A 1 101 ASN 101 101 101 ASN ASN A . n 
A 1 102 MET 102 102 102 MET MET A . n 
A 1 103 TRP 103 103 103 TRP TRP A . n 
A 1 104 ARG 104 104 104 ARG ARG A . n 
A 1 105 THR 105 105 105 THR THR A . n 
A 1 106 GLY 106 106 106 GLY GLY A . n 
A 1 107 ILE 107 107 107 ILE ILE A . n 
A 1 108 ASN 108 108 108 ASN ASN A . n 
A 1 109 VAL 109 109 109 VAL VAL A . n 
A 1 110 PHE 110 110 110 PHE PHE A . n 
A 1 111 PHE 111 111 111 PHE PHE A . n 
A 1 112 GLU 112 112 112 GLU GLU A . n 
A 1 113 THR 113 113 113 THR THR A . n 
A 1 114 PHE 114 114 114 PHE PHE A . n 
A 1 115 GLY 115 115 115 GLY GLY A . n 
A 1 116 SER 116 116 116 SER SER A . n 
A 1 117 HIS 117 117 117 HIS HIS A . n 
A 1 118 LYS 118 118 118 LYS LYS A . n 
A 1 119 ALA 119 119 119 ALA ALA A . n 
A 1 120 VAL 120 120 120 VAL VAL A . n 
A 1 121 THR 121 121 121 THR THR A . n 
A 1 122 ARG 122 122 122 ARG ARG A . n 
A 1 123 ALA 123 123 123 ALA ALA A . n 
A 1 124 GLY 124 124 124 GLY GLY A . n 
A 1 125 GLN 125 125 125 GLN GLN A . n 
A 1 126 ALA 126 126 126 ALA ALA A . n 
A 1 127 ALA 127 127 127 ALA ALA A . n 
A 1 128 ARG 128 128 128 ARG ARG A . n 
A 1 129 ALA 129 129 129 ALA ALA A . n 
A 1 130 THR 130 130 130 THR THR A . n 
A 1 131 SER 131 131 131 SER SER A . n 
A 1 132 VAL 132 132 132 VAL VAL A . n 
A 1 133 GLU 133 133 133 GLU GLU A . n 
A 1 134 VAL 134 134 134 VAL VAL A . n 
A 1 135 ALA 135 135 135 ALA ALA A . n 
A 1 136 GLU 136 136 136 GLU GLU A . n 
A 1 137 LEU 137 137 137 LEU LEU A . n 
A 1 138 TRP 138 138 138 TRP TRP A . n 
A 1 139 SER 139 139 139 SER SER A . n 
A 1 140 THR 140 140 140 THR THR A . n 
A 1 141 PHE 141 141 141 PHE PHE A . n 
A 1 142 MET 142 142 142 MET MET A . n 
A 1 143 GLN 143 143 143 GLN GLN A . n 
A 1 144 LYS 144 144 144 LYS LYS A . n 
A 1 145 TRP 145 145 145 TRP TRP A . n 
A 1 146 ILE 146 146 146 ILE ILE A . n 
A 1 147 ALA 147 147 147 ALA ALA A . n 
A 1 148 TYR 148 148 148 TYR TYR A . n 
A 1 149 THR 149 149 149 THR THR A . n 
A 1 150 ALA 150 150 150 ALA ALA A . n 
A 1 151 ALA 151 151 151 ALA ALA A . n 
A 1 152 VAL 152 152 152 VAL VAL A . n 
A 1 153 ILE 153 153 153 ILE ILE A . n 
A 1 154 ASP 154 154 154 ASP ASP A . n 
A 1 155 ALA 155 155 155 ALA ALA A . n 
A 1 156 GLU 156 156 156 GLU GLU A . n 
A 1 157 ARG 157 157 157 ARG ARG A . n 
A 1 158 ASP 158 158 158 ASP ASP A . n 
A 1 159 ARG 159 159 159 ARG ARG A . n 
A 1 160 GLY 160 160 160 GLY GLY A . n 
A 1 161 ALA 161 161 161 ALA ALA A . n 
A 1 162 ALA 162 162 162 ALA ALA A . n 
A 1 163 PRO 163 163 163 PRO PRO A . n 
A 1 164 ARG 164 164 164 ARG ARG A . n 
A 1 165 THR 165 165 165 THR THR A . n 
A 1 166 LEU 166 166 166 LEU LEU A . n 
A 1 167 PRO 167 167 167 PRO PRO A . n 
A 1 168 ALA 168 168 168 ALA ALA A . n 
A 1 169 HIS 169 169 169 HIS HIS A . n 
A 1 170 GLU 170 170 170 GLU GLU A . n 
A 1 171 LEU 171 171 171 LEU LEU A . n 
A 1 172 ALA 172 172 172 ALA ALA A . n 
A 1 173 THR 173 173 173 THR THR A . n 
A 1 174 ALA 174 174 174 ALA ALA A . n 
A 1 175 LEU 175 175 175 LEU LEU A . n 
A 1 176 ASN 176 176 176 ASN ASN A . n 
A 1 177 LEU 177 177 177 LEU LEU A . n 
A 1 178 MET 178 178 178 MET MET A . n 
A 1 179 ASN 179 179 179 ASN ASN A . n 
A 1 180 GLU 180 180 180 GLU GLU A . n 
A 1 181 ARG 181 181 181 ARG ARG A . n 
A 1 182 THR 182 182 182 THR THR A . n 
A 1 183 LEU 183 183 183 LEU LEU A . n 
A 1 184 PHE 184 184 184 PHE PHE A . n 
A 1 185 ALA 185 185 185 ALA ALA A . n 
A 1 186 SER 186 186 186 SER SER A . n 
A 1 187 PHE 187 187 187 PHE PHE A . n 
A 1 188 ALA 188 188 188 ALA ALA A . n 
A 1 189 GLY 189 189 189 GLY GLY A . n 
A 1 190 GLU 190 190 190 GLU GLU A . n 
A 1 191 GLN 191 191 191 GLN GLN A . n 
A 1 192 PRO 192 192 192 PRO PRO A . n 
A 1 193 SER 193 193 193 SER SER A . n 
A 1 194 VAL 194 194 194 VAL VAL A . n 
A 1 195 PRO 195 195 195 PRO PRO A . n 
A 1 196 GLU 196 196 196 GLU GLU A . n 
A 1 197 ALA 197 197 197 ALA ALA A . n 
A 1 198 ARG 198 198 198 ARG ARG A . n 
A 1 199 VAL 199 199 199 VAL VAL A . n 
A 1 200 LEU 200 200 200 LEU LEU A . n 
A 1 201 ASP 201 201 201 ASP ASP A . n 
A 1 202 THR 202 202 202 THR THR A . n 
A 1 203 LEU 203 203 203 LEU LEU A . n 
A 1 204 VAL 204 204 204 VAL VAL A . n 
A 1 205 HIS 205 205 205 HIS HIS A . n 
A 1 206 ILE 206 206 206 ILE ILE A . n 
A 1 207 TRP 207 207 207 TRP TRP A . n 
A 1 208 VAL 208 208 208 VAL VAL A . n 
A 1 209 THR 209 209 209 THR THR A . n 
A 1 210 SER 210 210 210 SER SER A . n 
A 1 211 ILE 211 211 211 ILE ILE A . n 
A 1 212 TYR 212 212 212 TYR TYR A . n 
A 1 213 GLY 213 213 213 GLY GLY A . n 
A 1 214 GLU 214 214 214 GLU GLU A . n 
A 1 215 ASN 215 215 ?   ?   ?   A . n 
A 1 216 ARG 216 216 ?   ?   ?   A . n 
# 
loop_
_pdbx_nonpoly_scheme.asym_id 
_pdbx_nonpoly_scheme.entity_id 
_pdbx_nonpoly_scheme.mon_id 
_pdbx_nonpoly_scheme.ndb_seq_num 
_pdbx_nonpoly_scheme.pdb_seq_num 
_pdbx_nonpoly_scheme.auth_seq_num 
_pdbx_nonpoly_scheme.pdb_mon_id 
_pdbx_nonpoly_scheme.auth_mon_id 
_pdbx_nonpoly_scheme.pdb_strand_id 
_pdbx_nonpoly_scheme.pdb_ins_code 
B 2 DIO 1   300 300 DIO DOX A . 
C 2 DIO 1   301 301 DIO DOX A . 
D 3 GOL 1   302 302 GOL GOL A . 
E 4 HOH 1   303 1   HOH HOH A . 
E 4 HOH 2   304 2   HOH HOH A . 
E 4 HOH 3   305 3   HOH HOH A . 
E 4 HOH 4   306 4   HOH HOH A . 
E 4 HOH 5   307 5   HOH HOH A . 
E 4 HOH 6   308 6   HOH HOH A . 
E 4 HOH 7   309 7   HOH HOH A . 
E 4 HOH 8   310 8   HOH HOH A . 
E 4 HOH 9   311 9   HOH HOH A . 
E 4 HOH 10  312 10  HOH HOH A . 
E 4 HOH 11  313 11  HOH HOH A . 
E 4 HOH 12  314 12  HOH HOH A . 
E 4 HOH 13  315 13  HOH HOH A . 
E 4 HOH 14  316 14  HOH HOH A . 
E 4 HOH 15  317 15  HOH HOH A . 
E 4 HOH 16  318 16  HOH HOH A . 
E 4 HOH 17  319 17  HOH HOH A . 
E 4 HOH 18  320 18  HOH HOH A . 
E 4 HOH 19  321 19  HOH HOH A . 
E 4 HOH 20  322 20  HOH HOH A . 
E 4 HOH 21  323 21  HOH HOH A . 
E 4 HOH 22  324 22  HOH HOH A . 
E 4 HOH 23  325 23  HOH HOH A . 
E 4 HOH 24  326 24  HOH HOH A . 
E 4 HOH 25  327 25  HOH HOH A . 
E 4 HOH 26  328 26  HOH HOH A . 
E 4 HOH 27  329 27  HOH HOH A . 
E 4 HOH 28  330 28  HOH HOH A . 
E 4 HOH 29  331 29  HOH HOH A . 
E 4 HOH 30  332 30  HOH HOH A . 
E 4 HOH 31  333 31  HOH HOH A . 
E 4 HOH 32  334 32  HOH HOH A . 
E 4 HOH 33  335 33  HOH HOH A . 
E 4 HOH 34  336 34  HOH HOH A . 
E 4 HOH 35  337 35  HOH HOH A . 
E 4 HOH 36  338 36  HOH HOH A . 
E 4 HOH 37  339 37  HOH HOH A . 
E 4 HOH 38  340 38  HOH HOH A . 
E 4 HOH 39  341 39  HOH HOH A . 
E 4 HOH 40  342 40  HOH HOH A . 
E 4 HOH 41  343 41  HOH HOH A . 
E 4 HOH 42  344 42  HOH HOH A . 
E 4 HOH 43  345 43  HOH HOH A . 
E 4 HOH 44  346 44  HOH HOH A . 
E 4 HOH 45  347 45  HOH HOH A . 
E 4 HOH 46  348 46  HOH HOH A . 
E 4 HOH 47  349 47  HOH HOH A . 
E 4 HOH 48  350 48  HOH HOH A . 
E 4 HOH 49  351 49  HOH HOH A . 
E 4 HOH 50  352 50  HOH HOH A . 
E 4 HOH 51  353 51  HOH HOH A . 
E 4 HOH 52  354 52  HOH HOH A . 
E 4 HOH 53  355 53  HOH HOH A . 
E 4 HOH 54  356 54  HOH HOH A . 
E 4 HOH 55  357 55  HOH HOH A . 
E 4 HOH 56  358 56  HOH HOH A . 
E 4 HOH 57  359 57  HOH HOH A . 
E 4 HOH 58  360 58  HOH HOH A . 
E 4 HOH 59  361 59  HOH HOH A . 
E 4 HOH 60  362 60  HOH HOH A . 
E 4 HOH 61  363 61  HOH HOH A . 
E 4 HOH 62  364 62  HOH HOH A . 
E 4 HOH 63  365 63  HOH HOH A . 
E 4 HOH 64  366 64  HOH HOH A . 
E 4 HOH 65  367 65  HOH HOH A . 
E 4 HOH 66  368 66  HOH HOH A . 
E 4 HOH 67  369 67  HOH HOH A . 
E 4 HOH 68  370 68  HOH HOH A . 
E 4 HOH 69  371 69  HOH HOH A . 
E 4 HOH 70  372 70  HOH HOH A . 
E 4 HOH 71  373 71  HOH HOH A . 
E 4 HOH 72  374 72  HOH HOH A . 
E 4 HOH 73  375 73  HOH HOH A . 
E 4 HOH 74  376 74  HOH HOH A . 
E 4 HOH 75  377 75  HOH HOH A . 
E 4 HOH 76  378 76  HOH HOH A . 
E 4 HOH 77  379 77  HOH HOH A . 
E 4 HOH 78  380 78  HOH HOH A . 
E 4 HOH 79  381 79  HOH HOH A . 
E 4 HOH 80  382 80  HOH HOH A . 
E 4 HOH 81  383 81  HOH HOH A . 
E 4 HOH 82  384 82  HOH HOH A . 
E 4 HOH 83  385 83  HOH HOH A . 
E 4 HOH 84  386 84  HOH HOH A . 
E 4 HOH 85  387 85  HOH HOH A . 
E 4 HOH 86  388 86  HOH HOH A . 
E 4 HOH 87  389 87  HOH HOH A . 
E 4 HOH 88  390 88  HOH HOH A . 
E 4 HOH 89  391 89  HOH HOH A . 
E 4 HOH 90  392 90  HOH HOH A . 
E 4 HOH 91  393 91  HOH HOH A . 
E 4 HOH 92  394 92  HOH HOH A . 
E 4 HOH 93  395 93  HOH HOH A . 
E 4 HOH 94  396 94  HOH HOH A . 
E 4 HOH 95  397 95  HOH HOH A . 
E 4 HOH 96  398 96  HOH HOH A . 
E 4 HOH 97  399 97  HOH HOH A . 
E 4 HOH 98  400 98  HOH HOH A . 
E 4 HOH 99  401 99  HOH HOH A . 
E 4 HOH 100 402 100 HOH HOH A . 
E 4 HOH 101 403 101 HOH HOH A . 
E 4 HOH 102 404 102 HOH HOH A . 
E 4 HOH 103 405 103 HOH HOH A . 
E 4 HOH 104 406 104 HOH HOH A . 
E 4 HOH 105 407 105 HOH HOH A . 
E 4 HOH 106 408 106 HOH HOH A . 
E 4 HOH 107 409 107 HOH HOH A . 
E 4 HOH 108 410 108 HOH HOH A . 
E 4 HOH 109 411 109 HOH HOH A . 
E 4 HOH 110 412 110 HOH HOH A . 
E 4 HOH 111 413 111 HOH HOH A . 
E 4 HOH 112 414 112 HOH HOH A . 
E 4 HOH 113 415 113 HOH HOH A . 
E 4 HOH 114 416 114 HOH HOH A . 
E 4 HOH 115 417 115 HOH HOH A . 
E 4 HOH 116 418 116 HOH HOH A . 
E 4 HOH 117 419 117 HOH HOH A . 
E 4 HOH 118 420 118 HOH HOH A . 
# 
loop_
_pdbx_unobs_or_zero_occ_atoms.id 
_pdbx_unobs_or_zero_occ_atoms.PDB_model_num 
_pdbx_unobs_or_zero_occ_atoms.polymer_flag 
_pdbx_unobs_or_zero_occ_atoms.occupancy_flag 
_pdbx_unobs_or_zero_occ_atoms.auth_asym_id 
_pdbx_unobs_or_zero_occ_atoms.auth_comp_id 
_pdbx_unobs_or_zero_occ_atoms.auth_seq_id 
_pdbx_unobs_or_zero_occ_atoms.PDB_ins_code 
_pdbx_unobs_or_zero_occ_atoms.auth_atom_id 
_pdbx_unobs_or_zero_occ_atoms.label_alt_id 
_pdbx_unobs_or_zero_occ_atoms.label_asym_id 
_pdbx_unobs_or_zero_occ_atoms.label_comp_id 
_pdbx_unobs_or_zero_occ_atoms.label_seq_id 
_pdbx_unobs_or_zero_occ_atoms.label_atom_id 
1  1 Y 1 A ASP 23  ? CG  ? A ASP 23  CG  
2  1 Y 1 A ASP 23  ? OD1 ? A ASP 23  OD1 
3  1 Y 1 A ASP 23  ? OD2 ? A ASP 23  OD2 
4  1 Y 1 A ARG 25  ? CD  ? A ARG 25  CD  
5  1 Y 1 A ARG 25  ? NE  ? A ARG 25  NE  
6  1 Y 1 A ARG 25  ? CZ  ? A ARG 25  CZ  
7  1 Y 1 A ARG 25  ? NH1 ? A ARG 25  NH1 
8  1 Y 1 A ARG 25  ? NH2 ? A ARG 25  NH2 
9  1 Y 1 A LYS 52  ? CG  ? A LYS 52  CG  
10 1 Y 1 A LYS 52  ? CD  ? A LYS 52  CD  
11 1 Y 1 A LYS 52  ? CE  ? A LYS 52  CE  
12 1 Y 1 A LYS 52  ? NZ  ? A LYS 52  NZ  
13 1 Y 1 A GLU 214 ? CD  ? A GLU 214 CD  
14 1 Y 1 A GLU 214 ? OE1 ? A GLU 214 OE1 
15 1 Y 1 A GLU 214 ? OE2 ? A GLU 214 OE2 
# 
loop_
_software.name 
_software.classification 
_software.version 
_software.citation_id 
_software.pdbx_ordinal 
REFMAC refinement       5.1.19       ? 1 
MOSFLM 'data reduction' .            ? 2 
CCP4   'data scaling'   '(TRUNCATE)' ? 3 
SOLVE  phasing          .            ? 4 
# 
_cell.entry_id           1T56 
_cell.length_a           121.500 
_cell.length_b           121.500 
_cell.length_c           33.500 
_cell.angle_alpha        90.00 
_cell.angle_beta         90.00 
_cell.angle_gamma        90.00 
_cell.Z_PDB              8 
_cell.pdbx_unique_axis   ? 
# 
_symmetry.entry_id                         1T56 
_symmetry.space_group_name_H-M             'P 41 21 2' 
_symmetry.pdbx_full_space_group_name_H-M   ? 
_symmetry.cell_setting                     ? 
_symmetry.Int_Tables_number                92 
_symmetry.space_group_name_Hall            ? 
# 
_exptl.entry_id          1T56 
_exptl.method            'X-RAY DIFFRACTION' 
_exptl.crystals_number   1 
# 
_exptl_crystal.id                    1 
_exptl_crystal.density_meas          ? 
_exptl_crystal.density_percent_sol   52.66 
_exptl_crystal.description           ? 
_exptl_crystal.density_Matthews      2.60 
_exptl_crystal.F_000                 ? 
_exptl_crystal.preparation           ? 
# 
_exptl_crystal_grow.crystal_id      1 
_exptl_crystal_grow.method          'VAPOR DIFFUSION, HANGING DROP' 
_exptl_crystal_grow.temp            287 
_exptl_crystal_grow.temp_details    ? 
_exptl_crystal_grow.pH              6.75 
_exptl_crystal_grow.pdbx_details    
;ammonium sulphate, 1,4-dioxane, glycerol, 1-(4-morpholino)ethanesulfonic acid, pH 6.75, VAPOR DIFFUSION, HANGING DROP, temperature 287K
;
_exptl_crystal_grow.pdbx_pH_range   . 
# 
_diffrn.id                     1 
_diffrn.ambient_temp           100 
_diffrn.ambient_temp_details   ? 
_diffrn.crystal_id             1 
# 
_diffrn_detector.diffrn_id              1 
_diffrn_detector.detector               CCD 
_diffrn_detector.type                   'ADSC QUANTUM 210' 
_diffrn_detector.pdbx_collection_date   2003-09-15 
_diffrn_detector.details                ? 
# 
_diffrn_radiation.diffrn_id                        1 
_diffrn_radiation.wavelength_id                    1 
_diffrn_radiation.pdbx_monochromatic_or_laue_m_l   M 
_diffrn_radiation.monochromator                    ? 
_diffrn_radiation.pdbx_diffrn_protocol             MAD 
_diffrn_radiation.pdbx_scattering_type             x-ray 
# 
_diffrn_radiation_wavelength.id           1 
_diffrn_radiation_wavelength.wavelength   .9393 
_diffrn_radiation_wavelength.wt           1.0 
# 
_diffrn_source.diffrn_id                   1 
_diffrn_source.source                      SYNCHROTRON 
_diffrn_source.type                        'ESRF BEAMLINE ID29' 
_diffrn_source.pdbx_synchrotron_site       ESRF 
_diffrn_source.pdbx_synchrotron_beamline   ID29 
_diffrn_source.pdbx_wavelength             ? 
_diffrn_source.pdbx_wavelength_list        .9393 
# 
_reflns.entry_id                     1T56 
_reflns.observed_criterion_sigma_F   0 
_reflns.observed_criterion_sigma_I   0 
_reflns.d_resolution_high            1.7 
_reflns.d_resolution_low             30 
_reflns.number_all                   27776 
_reflns.number_obs                   27776 
_reflns.percent_possible_obs         99.9 
_reflns.pdbx_Rmerge_I_obs            0.085 
_reflns.pdbx_Rsym_value              0.085 
_reflns.pdbx_netI_over_sigmaI        5.3 
_reflns.B_iso_Wilson_estimate        18.4 
_reflns.pdbx_redundancy              12.7 
_reflns.R_free_details               ? 
_reflns.limit_h_max                  ? 
_reflns.limit_h_min                  ? 
_reflns.limit_k_max                  ? 
_reflns.limit_k_min                  ? 
_reflns.limit_l_max                  ? 
_reflns.limit_l_min                  ? 
_reflns.observed_criterion_F_max     ? 
_reflns.observed_criterion_F_min     ? 
_reflns.pdbx_chi_squared             ? 
_reflns.pdbx_scaling_rejects         ? 
_reflns.pdbx_ordinal                 1 
_reflns.pdbx_diffrn_id               1 
# 
_reflns_shell.d_res_high             1.7 
_reflns_shell.d_res_low              1.79 
_reflns_shell.percent_possible_all   99.9 
_reflns_shell.Rmerge_I_obs           0.296 
_reflns_shell.pdbx_Rsym_value        0.296 
_reflns_shell.meanI_over_sigI_obs    2.6 
_reflns_shell.pdbx_redundancy        11.2 
_reflns_shell.percent_possible_obs   ? 
_reflns_shell.number_unique_all      ? 
_reflns_shell.number_measured_all    ? 
_reflns_shell.number_measured_obs    ? 
_reflns_shell.number_unique_obs      ? 
_reflns_shell.pdbx_chi_squared       ? 
_reflns_shell.pdbx_ordinal           1 
_reflns_shell.pdbx_diffrn_id         1 
# 
_refine.entry_id                                 1T56 
_refine.ls_number_reflns_obs                     26838 
_refine.ls_number_reflns_all                     27776 
_refine.pdbx_ls_sigma_I                          ? 
_refine.pdbx_ls_sigma_F                          0 
_refine.pdbx_data_cutoff_high_absF               ? 
_refine.pdbx_data_cutoff_low_absF                ? 
_refine.pdbx_data_cutoff_high_rms_absF           ? 
_refine.ls_d_res_low                             30.00 
_refine.ls_d_res_high                            1.70 
_refine.ls_percent_reflns_obs                    99.82 
_refine.ls_R_factor_obs                          0.20836 
_refine.ls_R_factor_all                          0.2083 
_refine.ls_R_factor_R_work                       0.20768 
_refine.ls_R_factor_R_free                       0.2215 
_refine.ls_R_factor_R_free_error                 ? 
_refine.ls_R_factor_R_free_error_details         ? 
_refine.ls_percent_reflns_R_free                 5.1 
_refine.ls_number_reflns_R_free                  1439 
_refine.ls_number_parameters                     ? 
_refine.ls_number_restraints                     ? 
_refine.occupancy_min                            ? 
_refine.occupancy_max                            ? 
_refine.correlation_coeff_Fo_to_Fc               0.945 
_refine.correlation_coeff_Fo_to_Fc_free          0.941 
_refine.B_iso_mean                               19.964 
_refine.aniso_B[1][1]                            0.43 
_refine.aniso_B[2][2]                            0.43 
_refine.aniso_B[3][3]                            -0.86 
_refine.aniso_B[1][2]                            0.00 
_refine.aniso_B[1][3]                            0.00 
_refine.aniso_B[2][3]                            0.00 
_refine.solvent_model_details                    'BABINET MODEL WITH MASK' 
_refine.solvent_model_param_ksol                 ? 
_refine.solvent_model_param_bsol                 ? 
_refine.pdbx_solvent_vdw_probe_radii             1.40 
_refine.pdbx_solvent_ion_probe_radii             0.80 
_refine.pdbx_solvent_shrinkage_radii             0.80 
_refine.pdbx_ls_cross_valid_method               THROUGHOUT 
_refine.details                                  'HYDROGENS HAVE BEEN ADDED IN THE RIDING POSITIONS' 
_refine.pdbx_starting_model                      ? 
_refine.pdbx_method_to_determine_struct          MAD 
_refine.pdbx_isotropic_thermal_model             ? 
_refine.pdbx_stereochemistry_target_values       'MAXIMUM LIKELIHOOD' 
_refine.pdbx_stereochem_target_val_spec_case     ? 
_refine.pdbx_R_Free_selection_details            RANDOM 
_refine.pdbx_overall_ESU_R                       0.102 
_refine.pdbx_overall_ESU_R_Free                  0.094 
_refine.overall_SU_ML                            0.065 
_refine.overall_SU_B                             1.926 
_refine.ls_redundancy_reflns_obs                 ? 
_refine.B_iso_min                                ? 
_refine.B_iso_max                                ? 
_refine.overall_SU_R_Cruickshank_DPI             ? 
_refine.overall_SU_R_free                        ? 
_refine.ls_wR_factor_R_free                      ? 
_refine.ls_wR_factor_R_work                      ? 
_refine.overall_FOM_free_R_set                   ? 
_refine.overall_FOM_work_R_set                   ? 
_refine.pdbx_refine_id                           'X-RAY DIFFRACTION' 
_refine.pdbx_TLS_residual_ADP_flag               'LIKELY RESIDUAL' 
_refine.pdbx_diffrn_id                           1 
_refine.pdbx_overall_phase_error                 ? 
_refine.pdbx_overall_SU_R_free_Cruickshank_DPI   ? 
_refine.pdbx_overall_SU_R_Blow_DPI               ? 
_refine.pdbx_overall_SU_R_free_Blow_DPI          ? 
# 
_refine_hist.pdbx_refine_id                   'X-RAY DIFFRACTION' 
_refine_hist.cycle_id                         LAST 
_refine_hist.pdbx_number_atoms_protein        1487 
_refine_hist.pdbx_number_atoms_nucleic_acid   0 
_refine_hist.pdbx_number_atoms_ligand         18 
_refine_hist.number_atoms_solvent             118 
_refine_hist.number_atoms_total               1623 
_refine_hist.d_res_high                       1.70 
_refine_hist.d_res_low                        30.00 
# 
loop_
_refine_ls_restr.type 
_refine_ls_restr.dev_ideal 
_refine_ls_restr.dev_ideal_target 
_refine_ls_restr.weight 
_refine_ls_restr.number 
_refine_ls_restr.pdbx_refine_id 
_refine_ls_restr.pdbx_restraint_function 
r_bond_refined_d         0.007 0.021 ? 1535 'X-RAY DIFFRACTION' ? 
r_bond_other_d           0.002 0.020 ? 1408 'X-RAY DIFFRACTION' ? 
r_angle_refined_deg      0.924 1.947 ? 2089 'X-RAY DIFFRACTION' ? 
r_angle_other_deg        0.773 3.000 ? 3245 'X-RAY DIFFRACTION' ? 
r_dihedral_angle_1_deg   3.937 5.000 ? 192  'X-RAY DIFFRACTION' ? 
r_dihedral_angle_2_deg   ?     ?     ? ?    'X-RAY DIFFRACTION' ? 
r_dihedral_angle_3_deg   ?     ?     ? ?    'X-RAY DIFFRACTION' ? 
r_dihedral_angle_4_deg   ?     ?     ? ?    'X-RAY DIFFRACTION' ? 
r_chiral_restr           0.053 0.200 ? 241  'X-RAY DIFFRACTION' ? 
r_gen_planes_refined     0.004 0.020 ? 1717 'X-RAY DIFFRACTION' ? 
r_gen_planes_other       0.002 0.020 ? 319  'X-RAY DIFFRACTION' ? 
r_nbd_refined            0.216 0.200 ? 376  'X-RAY DIFFRACTION' ? 
r_nbd_other              0.220 0.200 ? 1535 'X-RAY DIFFRACTION' ? 
r_nbtor_refined          ?     ?     ? ?    'X-RAY DIFFRACTION' ? 
r_nbtor_other            0.084 0.200 ? 872  'X-RAY DIFFRACTION' ? 
r_xyhbond_nbd_refined    0.186 0.200 ? 69   'X-RAY DIFFRACTION' ? 
r_xyhbond_nbd_other      ?     ?     ? ?    'X-RAY DIFFRACTION' ? 
r_metal_ion_refined      ?     ?     ? ?    'X-RAY DIFFRACTION' ? 
r_metal_ion_other        ?     ?     ? ?    'X-RAY DIFFRACTION' ? 
r_symmetry_vdw_refined   0.159 0.200 ? 11   'X-RAY DIFFRACTION' ? 
r_symmetry_vdw_other     0.248 0.200 ? 46   'X-RAY DIFFRACTION' ? 
r_symmetry_hbond_refined 0.405 0.200 ? 13   'X-RAY DIFFRACTION' ? 
r_symmetry_hbond_other   ?     ?     ? ?    'X-RAY DIFFRACTION' ? 
r_mcbond_it              0.524 1.500 ? 963  'X-RAY DIFFRACTION' ? 
r_mcbond_other           ?     ?     ? ?    'X-RAY DIFFRACTION' ? 
r_mcangle_it             1.002 2.000 ? 1544 'X-RAY DIFFRACTION' ? 
r_scbond_it              1.522 3.000 ? 572  'X-RAY DIFFRACTION' ? 
r_scangle_it             2.569 4.500 ? 545  'X-RAY DIFFRACTION' ? 
r_rigid_bond_restr       ?     ?     ? ?    'X-RAY DIFFRACTION' ? 
r_sphericity_free        ?     ?     ? ?    'X-RAY DIFFRACTION' ? 
r_sphericity_bonded      ?     ?     ? ?    'X-RAY DIFFRACTION' ? 
# 
_refine_ls_shell.pdbx_total_number_of_bins_used   10 
_refine_ls_shell.d_res_high                       1.700 
_refine_ls_shell.d_res_low                        1.792 
_refine_ls_shell.number_reflns_R_work             3831 
_refine_ls_shell.R_factor_R_work                  0.21 
_refine_ls_shell.percent_reflns_obs               ? 
_refine_ls_shell.R_factor_R_free                  0.236 
_refine_ls_shell.R_factor_R_free_error            ? 
_refine_ls_shell.percent_reflns_R_free            ? 
_refine_ls_shell.number_reflns_R_free             211 
_refine_ls_shell.number_reflns_obs                ? 
_refine_ls_shell.redundancy_reflns_obs            ? 
_refine_ls_shell.number_reflns_all                ? 
_refine_ls_shell.pdbx_refine_id                   'X-RAY DIFFRACTION' 
_refine_ls_shell.R_factor_all                     ? 
# 
_struct.entry_id                  1T56 
_struct.title                     'Crystal structure of TetR family repressor M. tuberculosis EthR' 
_struct.pdbx_model_details        ? 
_struct.pdbx_CASP_flag            ? 
_struct.pdbx_model_type_details   ? 
# 
_struct_keywords.entry_id        1T56 
_struct_keywords.pdbx_keywords   TRANSCRIPTION 
_struct_keywords.text            'helix-turn-helix, TetR family, dimer, TRANSCRIPTION' 
# 
loop_
_struct_asym.id 
_struct_asym.pdbx_blank_PDB_chainid_flag 
_struct_asym.pdbx_modified 
_struct_asym.entity_id 
_struct_asym.details 
A N N 1 ? 
B N N 2 ? 
C N N 2 ? 
D N N 3 ? 
E N N 4 ? 
# 
_struct_ref.id                         1 
_struct_ref.db_name                    UNP 
_struct_ref.db_code                    P96222_MYCTU 
_struct_ref.pdbx_db_accession          P96222 
_struct_ref.entity_id                  1 
_struct_ref.pdbx_seq_one_letter_code   
;MTTSAASQASLPRGRRTARPSGDDRELAILATAENLLEDRPLADISVDDLAKGAGISRPTFYFYFPSKEAVLLTLLDRVV
NQADMALQTLAENPADTDRENMWRTGINVFFETFGSHKAVTRAGQAARATSVEVAELWSTFMQKWIAYTAAVIDAERDRG
AAPRTLPAHELATALNLMNERTLFASFAGEQPSVPEARVLDTLVHIWVTSIYGENR
;
_struct_ref.pdbx_align_begin           1 
_struct_ref.pdbx_db_isoform            ? 
# 
_struct_ref_seq.align_id                      1 
_struct_ref_seq.ref_id                        1 
_struct_ref_seq.pdbx_PDB_id_code              1T56 
_struct_ref_seq.pdbx_strand_id                A 
_struct_ref_seq.seq_align_beg                 1 
_struct_ref_seq.pdbx_seq_align_beg_ins_code   ? 
_struct_ref_seq.seq_align_end                 216 
_struct_ref_seq.pdbx_seq_align_end_ins_code   ? 
_struct_ref_seq.pdbx_db_accession             P96222 
_struct_ref_seq.db_align_beg                  1 
_struct_ref_seq.pdbx_db_align_beg_ins_code    ? 
_struct_ref_seq.db_align_end                  216 
_struct_ref_seq.pdbx_db_align_end_ins_code    ? 
_struct_ref_seq.pdbx_auth_seq_align_beg       1 
_struct_ref_seq.pdbx_auth_seq_align_end       216 
# 
_pdbx_struct_assembly.id                   1 
_pdbx_struct_assembly.details              author_and_software_defined_assembly 
_pdbx_struct_assembly.method_details       PISA,PQS 
_pdbx_struct_assembly.oligomeric_details   dimeric 
_pdbx_struct_assembly.oligomeric_count     2 
# 
loop_
_pdbx_struct_assembly_prop.biol_id 
_pdbx_struct_assembly_prop.type 
_pdbx_struct_assembly_prop.value 
_pdbx_struct_assembly_prop.details 
1 'ABSA (A^2)' 4330  ? 
1 MORE         -2    ? 
1 'SSA (A^2)'  17600 ? 
# 
_pdbx_struct_assembly_gen.assembly_id       1 
_pdbx_struct_assembly_gen.oper_expression   1,2 
_pdbx_struct_assembly_gen.asym_id_list      A,B,C,D,E 
# 
loop_
_pdbx_struct_oper_list.id 
_pdbx_struct_oper_list.type 
_pdbx_struct_oper_list.name 
_pdbx_struct_oper_list.symmetry_operation 
_pdbx_struct_oper_list.matrix[1][1] 
_pdbx_struct_oper_list.matrix[1][2] 
_pdbx_struct_oper_list.matrix[1][3] 
_pdbx_struct_oper_list.vector[1] 
_pdbx_struct_oper_list.matrix[2][1] 
_pdbx_struct_oper_list.matrix[2][2] 
_pdbx_struct_oper_list.matrix[2][3] 
_pdbx_struct_oper_list.vector[2] 
_pdbx_struct_oper_list.matrix[3][1] 
_pdbx_struct_oper_list.matrix[3][2] 
_pdbx_struct_oper_list.matrix[3][3] 
_pdbx_struct_oper_list.vector[3] 
1 'identity operation'         1_555 x,y,z    1.0000000000  0.0000000000 0.0000000000  0.0000000000   0.0000000000 1.0000000000  0.0000000000  0.0000000000  0.0000000000  0.0000000000  1.0000000000  0.0000000000 
2 'crystal symmetry operation' 7_556 y,x,-z+1 -0.0522437170 0.8523316858 -0.5203857141 -12.5574434933 0.8523316858 -0.2334851105 -0.4679908125 19.5585163248 -0.5203857141 -0.4679908125 -0.7142711726 9.1642546897 
# 
_struct_biol.id                    1 
_struct_biol.details               
;The second part of the biological assembly is generated 
by the two fold axis parallel to a + b: 
 y, x, -z.
;
_struct_biol.pdbx_parent_biol_id   ? 
# 
loop_
_struct_conf.conf_type_id 
_struct_conf.id 
_struct_conf.pdbx_PDB_helix_id 
_struct_conf.beg_label_comp_id 
_struct_conf.beg_label_asym_id 
_struct_conf.beg_label_seq_id 
_struct_conf.pdbx_beg_PDB_ins_code 
_struct_conf.end_label_comp_id 
_struct_conf.end_label_asym_id 
_struct_conf.end_label_seq_id 
_struct_conf.pdbx_end_PDB_ins_code 
_struct_conf.beg_auth_comp_id 
_struct_conf.beg_auth_asym_id 
_struct_conf.beg_auth_seq_id 
_struct_conf.end_auth_comp_id 
_struct_conf.end_auth_asym_id 
_struct_conf.end_auth_seq_id 
_struct_conf.pdbx_PDB_helix_class 
_struct_conf.details 
_struct_conf.pdbx_PDB_helix_length 
HELX_P HELX_P1  1  GLY A 22  ? ARG A 40  ? GLY A 22  ARG A 40  1 ? 19 
HELX_P HELX_P2  2  PRO A 41  ? ILE A 45  ? PRO A 41  ILE A 45  5 ? 5  
HELX_P HELX_P3  3  SER A 46  ? GLY A 55  ? SER A 46  GLY A 55  1 ? 10 
HELX_P HELX_P4  4  SER A 57  ? PHE A 65  ? SER A 57  PHE A 65  1 ? 9  
HELX_P HELX_P5  5  SER A 67  ? ASN A 93  ? SER A 67  ASN A 93  1 ? 27 
HELX_P HELX_P6  6  ASP A 98  ? SER A 116 ? ASP A 98  SER A 116 1 ? 19 
HELX_P HELX_P7  7  HIS A 117 ? ARG A 128 ? HIS A 117 ARG A 128 1 ? 12 
HELX_P HELX_P8  8  SER A 131 ? ARG A 159 ? SER A 131 ARG A 159 1 ? 29 
HELX_P HELX_P9  9  PRO A 167 ? GLY A 189 ? PRO A 167 GLY A 189 1 ? 23 
HELX_P HELX_P10 10 PRO A 195 ? GLY A 213 ? PRO A 195 GLY A 213 1 ? 19 
# 
_struct_conf_type.id          HELX_P 
_struct_conf_type.criteria    ? 
_struct_conf_type.reference   ? 
# 
_struct_mon_prot_cis.pdbx_id                1 
_struct_mon_prot_cis.label_comp_id          GLN 
_struct_mon_prot_cis.label_seq_id           191 
_struct_mon_prot_cis.label_asym_id          A 
_struct_mon_prot_cis.label_alt_id           . 
_struct_mon_prot_cis.pdbx_PDB_ins_code      ? 
_struct_mon_prot_cis.auth_comp_id           GLN 
_struct_mon_prot_cis.auth_seq_id            191 
_struct_mon_prot_cis.auth_asym_id           A 
_struct_mon_prot_cis.pdbx_label_comp_id_2   PRO 
_struct_mon_prot_cis.pdbx_label_seq_id_2    192 
_struct_mon_prot_cis.pdbx_label_asym_id_2   A 
_struct_mon_prot_cis.pdbx_PDB_ins_code_2    ? 
_struct_mon_prot_cis.pdbx_auth_comp_id_2    PRO 
_struct_mon_prot_cis.pdbx_auth_seq_id_2     192 
_struct_mon_prot_cis.pdbx_auth_asym_id_2    A 
_struct_mon_prot_cis.pdbx_PDB_model_num     1 
_struct_mon_prot_cis.pdbx_omega_angle       5.53 
# 
loop_
_struct_site.id 
_struct_site.pdbx_evidence_code 
_struct_site.pdbx_auth_asym_id 
_struct_site.pdbx_auth_comp_id 
_struct_site.pdbx_auth_seq_id 
_struct_site.pdbx_auth_ins_code 
_struct_site.pdbx_num_residues 
_struct_site.details 
AC1 Software A DIO 300 ? 4 'BINDING SITE FOR RESIDUE DIO A 300' 
AC2 Software A DIO 301 ? 5 'BINDING SITE FOR RESIDUE DIO A 301' 
AC3 Software A GOL 302 ? 6 'BINDING SITE FOR RESIDUE GOL A 302' 
# 
loop_
_struct_site_gen.id 
_struct_site_gen.site_id 
_struct_site_gen.pdbx_num_res 
_struct_site_gen.label_comp_id 
_struct_site_gen.label_asym_id 
_struct_site_gen.label_seq_id 
_struct_site_gen.pdbx_auth_ins_code 
_struct_site_gen.auth_comp_id 
_struct_site_gen.auth_asym_id 
_struct_site_gen.auth_seq_id 
_struct_site_gen.label_atom_id 
_struct_site_gen.label_alt_id 
_struct_site_gen.symmetry 
_struct_site_gen.details 
1  AC1 4 GLY A 106 ? GLY A 106 . ? 1_555 ? 
2  AC1 4 ILE A 107 ? ILE A 107 . ? 1_555 ? 
3  AC1 4 PHE A 110 ? PHE A 110 . ? 1_555 ? 
4  AC1 4 THR A 149 ? THR A 149 . ? 1_555 ? 
5  AC2 5 PHE A 110 ? PHE A 110 . ? 1_555 ? 
6  AC2 5 TRP A 138 ? TRP A 138 . ? 1_555 ? 
7  AC2 5 MET A 142 ? MET A 142 . ? 1_555 ? 
8  AC2 5 LEU A 183 ? LEU A 183 . ? 1_555 ? 
9  AC2 5 PHE A 184 ? PHE A 184 . ? 1_555 ? 
10 AC3 6 THR A 60  ? THR A 60  . ? 3_545 ? 
11 AC3 6 PHE A 63  ? PHE A 63  . ? 3_545 ? 
12 AC3 6 ALA A 86  ? ALA A 86  . ? 1_555 ? 
13 AC3 6 ASN A 108 ? ASN A 108 . ? 1_555 ? 
14 AC3 6 VAL A 109 ? VAL A 109 . ? 1_555 ? 
15 AC3 6 GLU A 112 ? GLU A 112 . ? 1_555 ? 
# 
loop_
_pdbx_validate_close_contact.id 
_pdbx_validate_close_contact.PDB_model_num 
_pdbx_validate_close_contact.auth_atom_id_1 
_pdbx_validate_close_contact.auth_asym_id_1 
_pdbx_validate_close_contact.auth_comp_id_1 
_pdbx_validate_close_contact.auth_seq_id_1 
_pdbx_validate_close_contact.PDB_ins_code_1 
_pdbx_validate_close_contact.label_alt_id_1 
_pdbx_validate_close_contact.auth_atom_id_2 
_pdbx_validate_close_contact.auth_asym_id_2 
_pdbx_validate_close_contact.auth_comp_id_2 
_pdbx_validate_close_contact.auth_seq_id_2 
_pdbx_validate_close_contact.PDB_ins_code_2 
_pdbx_validate_close_contact.label_alt_id_2 
_pdbx_validate_close_contact.dist 
1 1 O A LEU 171 ? ? O A HOH 357 ? ? 2.02 
2 1 O A PHE 61  ? ? O A HOH 356 ? ? 2.10 
3 1 C A GLU 214 ? ? O A HOH 413 ? ? 2.10 
4 1 O A ALA 95  ? ? O A HOH 419 ? ? 2.13 
# 
loop_
_pdbx_validate_symm_contact.id 
_pdbx_validate_symm_contact.PDB_model_num 
_pdbx_validate_symm_contact.auth_atom_id_1 
_pdbx_validate_symm_contact.auth_asym_id_1 
_pdbx_validate_symm_contact.auth_comp_id_1 
_pdbx_validate_symm_contact.auth_seq_id_1 
_pdbx_validate_symm_contact.PDB_ins_code_1 
_pdbx_validate_symm_contact.label_alt_id_1 
_pdbx_validate_symm_contact.site_symmetry_1 
_pdbx_validate_symm_contact.auth_atom_id_2 
_pdbx_validate_symm_contact.auth_asym_id_2 
_pdbx_validate_symm_contact.auth_comp_id_2 
_pdbx_validate_symm_contact.auth_seq_id_2 
_pdbx_validate_symm_contact.PDB_ins_code_2 
_pdbx_validate_symm_contact.label_alt_id_2 
_pdbx_validate_symm_contact.site_symmetry_2 
_pdbx_validate_symm_contact.dist 
1 1 O A HOH 309 ? ? 1_555 O A HOH 382 ? ? 1_554 1.89 
2 1 O A HOH 420 ? ? 1_555 O A HOH 420 ? ? 7_555 2.10 
3 1 O A HOH 349 ? ? 1_555 O A HOH 382 ? ? 1_554 2.14 
4 1 O A HOH 381 ? ? 1_555 O A HOH 420 ? ? 7_555 2.17 
# 
loop_
_pdbx_validate_torsion.id 
_pdbx_validate_torsion.PDB_model_num 
_pdbx_validate_torsion.auth_comp_id 
_pdbx_validate_torsion.auth_asym_id 
_pdbx_validate_torsion.auth_seq_id 
_pdbx_validate_torsion.PDB_ins_code 
_pdbx_validate_torsion.label_alt_id 
_pdbx_validate_torsion.phi 
_pdbx_validate_torsion.psi 
1 1 ALA A 95  ? ? -18.67  116.54  
2 1 ASP A 96  ? ? -173.14 98.36   
3 1 THR A 97  ? ? -69.36  -121.21 
4 1 THR A 165 ? ? -102.59 -104.25 
# 
loop_
_pdbx_struct_special_symmetry.id 
_pdbx_struct_special_symmetry.PDB_model_num 
_pdbx_struct_special_symmetry.auth_asym_id 
_pdbx_struct_special_symmetry.auth_comp_id 
_pdbx_struct_special_symmetry.auth_seq_id 
_pdbx_struct_special_symmetry.PDB_ins_code 
_pdbx_struct_special_symmetry.label_asym_id 
_pdbx_struct_special_symmetry.label_comp_id 
_pdbx_struct_special_symmetry.label_seq_id 
1 1 A HOH 355 ? E HOH . 
2 1 A HOH 359 ? E HOH . 
# 
_pdbx_refine_tls.id               1 
_pdbx_refine_tls.details          ? 
_pdbx_refine_tls.method           refined 
_pdbx_refine_tls.origin_x         -0.2334 
_pdbx_refine_tls.origin_y         0.0246 
_pdbx_refine_tls.origin_z         0.0563 
_pdbx_refine_tls.T[1][1]          0.0288 
_pdbx_refine_tls.T[2][2]          0.0267 
_pdbx_refine_tls.T[3][3]          0.0020 
_pdbx_refine_tls.T[1][2]          0.0197 
_pdbx_refine_tls.T[1][3]          0.0038 
_pdbx_refine_tls.T[2][3]          0.0070 
_pdbx_refine_tls.L[1][1]          1.5229 
_pdbx_refine_tls.L[2][2]          0.1913 
_pdbx_refine_tls.L[3][3]          0.8952 
_pdbx_refine_tls.L[1][2]          -0.1053 
_pdbx_refine_tls.L[1][3]          -0.6668 
_pdbx_refine_tls.L[2][3]          -0.1413 
_pdbx_refine_tls.S[1][1]          0.0561 
_pdbx_refine_tls.S[1][2]          0.0676 
_pdbx_refine_tls.S[1][3]          0.0024 
_pdbx_refine_tls.S[2][1]          -0.0773 
_pdbx_refine_tls.S[2][2]          -0.0592 
_pdbx_refine_tls.S[2][3]          -0.0152 
_pdbx_refine_tls.S[3][1]          -0.0086 
_pdbx_refine_tls.S[3][2]          0.1159 
_pdbx_refine_tls.S[3][3]          0.0032 
_pdbx_refine_tls.pdbx_refine_id   'X-RAY DIFFRACTION' 
# 
_pdbx_refine_tls_group.id                  1 
_pdbx_refine_tls_group.refine_tls_id       1 
_pdbx_refine_tls_group.beg_label_asym_id   A 
_pdbx_refine_tls_group.beg_label_seq_id    22 
_pdbx_refine_tls_group.beg_auth_seq_id     22 
_pdbx_refine_tls_group.end_label_asym_id   A 
_pdbx_refine_tls_group.end_label_seq_id    214 
_pdbx_refine_tls_group.end_auth_seq_id     211 
_pdbx_refine_tls_group.selection           ? 
_pdbx_refine_tls_group.beg_auth_asym_id    A 
_pdbx_refine_tls_group.end_auth_asym_id    A 
_pdbx_refine_tls_group.pdbx_refine_id      'X-RAY DIFFRACTION' 
_pdbx_refine_tls_group.selection_details   ? 
# 
loop_
_pdbx_unobs_or_zero_occ_residues.id 
_pdbx_unobs_or_zero_occ_residues.PDB_model_num 
_pdbx_unobs_or_zero_occ_residues.polymer_flag 
_pdbx_unobs_or_zero_occ_residues.occupancy_flag 
_pdbx_unobs_or_zero_occ_residues.auth_asym_id 
_pdbx_unobs_or_zero_occ_residues.auth_comp_id 
_pdbx_unobs_or_zero_occ_residues.auth_seq_id 
_pdbx_unobs_or_zero_occ_residues.PDB_ins_code 
_pdbx_unobs_or_zero_occ_residues.label_asym_id 
_pdbx_unobs_or_zero_occ_residues.label_comp_id 
_pdbx_unobs_or_zero_occ_residues.label_seq_id 
1  1 Y 1 A MET 1   ? A MET 1   
2  1 Y 1 A THR 2   ? A THR 2   
3  1 Y 1 A THR 3   ? A THR 3   
4  1 Y 1 A SER 4   ? A SER 4   
5  1 Y 1 A ALA 5   ? A ALA 5   
6  1 Y 1 A ALA 6   ? A ALA 6   
7  1 Y 1 A SER 7   ? A SER 7   
8  1 Y 1 A GLN 8   ? A GLN 8   
9  1 Y 1 A ALA 9   ? A ALA 9   
10 1 Y 1 A SER 10  ? A SER 10  
11 1 Y 1 A LEU 11  ? A LEU 11  
12 1 Y 1 A PRO 12  ? A PRO 12  
13 1 Y 1 A ARG 13  ? A ARG 13  
14 1 Y 1 A GLY 14  ? A GLY 14  
15 1 Y 1 A ARG 15  ? A ARG 15  
16 1 Y 1 A ARG 16  ? A ARG 16  
17 1 Y 1 A THR 17  ? A THR 17  
18 1 Y 1 A ALA 18  ? A ALA 18  
19 1 Y 1 A ARG 19  ? A ARG 19  
20 1 Y 1 A PRO 20  ? A PRO 20  
21 1 Y 1 A SER 21  ? A SER 21  
22 1 Y 1 A ASN 215 ? A ASN 215 
23 1 Y 1 A ARG 216 ? A ARG 216 
# 
loop_
_chem_comp_atom.comp_id 
_chem_comp_atom.atom_id 
_chem_comp_atom.type_symbol 
_chem_comp_atom.pdbx_aromatic_flag 
_chem_comp_atom.pdbx_stereo_config 
_chem_comp_atom.pdbx_ordinal 
ALA N      N N N 1   
ALA CA     C N S 2   
ALA C      C N N 3   
ALA O      O N N 4   
ALA CB     C N N 5   
ALA OXT    O N N 6   
ALA H      H N N 7   
ALA H2     H N N 8   
ALA HA     H N N 9   
ALA HB1    H N N 10  
ALA HB2    H N N 11  
ALA HB3    H N N 12  
ALA HXT    H N N 13  
ARG N      N N N 14  
ARG CA     C N S 15  
ARG C      C N N 16  
ARG O      O N N 17  
ARG CB     C N N 18  
ARG CG     C N N 19  
ARG CD     C N N 20  
ARG NE     N N N 21  
ARG CZ     C N N 22  
ARG NH1    N N N 23  
ARG NH2    N N N 24  
ARG OXT    O N N 25  
ARG H      H N N 26  
ARG H2     H N N 27  
ARG HA     H N N 28  
ARG HB2    H N N 29  
ARG HB3    H N N 30  
ARG HG2    H N N 31  
ARG HG3    H N N 32  
ARG HD2    H N N 33  
ARG HD3    H N N 34  
ARG HE     H N N 35  
ARG HH11   H N N 36  
ARG HH12   H N N 37  
ARG HH21   H N N 38  
ARG HH22   H N N 39  
ARG HXT    H N N 40  
ASN N      N N N 41  
ASN CA     C N S 42  
ASN C      C N N 43  
ASN O      O N N 44  
ASN CB     C N N 45  
ASN CG     C N N 46  
ASN OD1    O N N 47  
ASN ND2    N N N 48  
ASN OXT    O N N 49  
ASN H      H N N 50  
ASN H2     H N N 51  
ASN HA     H N N 52  
ASN HB2    H N N 53  
ASN HB3    H N N 54  
ASN HD21   H N N 55  
ASN HD22   H N N 56  
ASN HXT    H N N 57  
ASP N      N N N 58  
ASP CA     C N S 59  
ASP C      C N N 60  
ASP O      O N N 61  
ASP CB     C N N 62  
ASP CG     C N N 63  
ASP OD1    O N N 64  
ASP OD2    O N N 65  
ASP OXT    O N N 66  
ASP H      H N N 67  
ASP H2     H N N 68  
ASP HA     H N N 69  
ASP HB2    H N N 70  
ASP HB3    H N N 71  
ASP HD2    H N N 72  
ASP HXT    H N N 73  
DIO C1     C N N 74  
DIO C2     C N N 75  
DIO "C1'"  C N N 76  
DIO "C2'"  C N N 77  
DIO O1     O N N 78  
DIO "O1'"  O N N 79  
DIO H11    H N N 80  
DIO H12    H N N 81  
DIO H21    H N N 82  
DIO H22    H N N 83  
DIO "H1'1" H N N 84  
DIO "H1'2" H N N 85  
DIO "H2'1" H N N 86  
DIO "H2'2" H N N 87  
GLN N      N N N 88  
GLN CA     C N S 89  
GLN C      C N N 90  
GLN O      O N N 91  
GLN CB     C N N 92  
GLN CG     C N N 93  
GLN CD     C N N 94  
GLN OE1    O N N 95  
GLN NE2    N N N 96  
GLN OXT    O N N 97  
GLN H      H N N 98  
GLN H2     H N N 99  
GLN HA     H N N 100 
GLN HB2    H N N 101 
GLN HB3    H N N 102 
GLN HG2    H N N 103 
GLN HG3    H N N 104 
GLN HE21   H N N 105 
GLN HE22   H N N 106 
GLN HXT    H N N 107 
GLU N      N N N 108 
GLU CA     C N S 109 
GLU C      C N N 110 
GLU O      O N N 111 
GLU CB     C N N 112 
GLU CG     C N N 113 
GLU CD     C N N 114 
GLU OE1    O N N 115 
GLU OE2    O N N 116 
GLU OXT    O N N 117 
GLU H      H N N 118 
GLU H2     H N N 119 
GLU HA     H N N 120 
GLU HB2    H N N 121 
GLU HB3    H N N 122 
GLU HG2    H N N 123 
GLU HG3    H N N 124 
GLU HE2    H N N 125 
GLU HXT    H N N 126 
GLY N      N N N 127 
GLY CA     C N N 128 
GLY C      C N N 129 
GLY O      O N N 130 
GLY OXT    O N N 131 
GLY H      H N N 132 
GLY H2     H N N 133 
GLY HA2    H N N 134 
GLY HA3    H N N 135 
GLY HXT    H N N 136 
GOL C1     C N N 137 
GOL O1     O N N 138 
GOL C2     C N N 139 
GOL O2     O N N 140 
GOL C3     C N N 141 
GOL O3     O N N 142 
GOL H11    H N N 143 
GOL H12    H N N 144 
GOL HO1    H N N 145 
GOL H2     H N N 146 
GOL HO2    H N N 147 
GOL H31    H N N 148 
GOL H32    H N N 149 
GOL HO3    H N N 150 
HIS N      N N N 151 
HIS CA     C N S 152 
HIS C      C N N 153 
HIS O      O N N 154 
HIS CB     C N N 155 
HIS CG     C Y N 156 
HIS ND1    N Y N 157 
HIS CD2    C Y N 158 
HIS CE1    C Y N 159 
HIS NE2    N Y N 160 
HIS OXT    O N N 161 
HIS H      H N N 162 
HIS H2     H N N 163 
HIS HA     H N N 164 
HIS HB2    H N N 165 
HIS HB3    H N N 166 
HIS HD1    H N N 167 
HIS HD2    H N N 168 
HIS HE1    H N N 169 
HIS HE2    H N N 170 
HIS HXT    H N N 171 
HOH O      O N N 172 
HOH H1     H N N 173 
HOH H2     H N N 174 
ILE N      N N N 175 
ILE CA     C N S 176 
ILE C      C N N 177 
ILE O      O N N 178 
ILE CB     C N S 179 
ILE CG1    C N N 180 
ILE CG2    C N N 181 
ILE CD1    C N N 182 
ILE OXT    O N N 183 
ILE H      H N N 184 
ILE H2     H N N 185 
ILE HA     H N N 186 
ILE HB     H N N 187 
ILE HG12   H N N 188 
ILE HG13   H N N 189 
ILE HG21   H N N 190 
ILE HG22   H N N 191 
ILE HG23   H N N 192 
ILE HD11   H N N 193 
ILE HD12   H N N 194 
ILE HD13   H N N 195 
ILE HXT    H N N 196 
LEU N      N N N 197 
LEU CA     C N S 198 
LEU C      C N N 199 
LEU O      O N N 200 
LEU CB     C N N 201 
LEU CG     C N N 202 
LEU CD1    C N N 203 
LEU CD2    C N N 204 
LEU OXT    O N N 205 
LEU H      H N N 206 
LEU H2     H N N 207 
LEU HA     H N N 208 
LEU HB2    H N N 209 
LEU HB3    H N N 210 
LEU HG     H N N 211 
LEU HD11   H N N 212 
LEU HD12   H N N 213 
LEU HD13   H N N 214 
LEU HD21   H N N 215 
LEU HD22   H N N 216 
LEU HD23   H N N 217 
LEU HXT    H N N 218 
LYS N      N N N 219 
LYS CA     C N S 220 
LYS C      C N N 221 
LYS O      O N N 222 
LYS CB     C N N 223 
LYS CG     C N N 224 
LYS CD     C N N 225 
LYS CE     C N N 226 
LYS NZ     N N N 227 
LYS OXT    O N N 228 
LYS H      H N N 229 
LYS H2     H N N 230 
LYS HA     H N N 231 
LYS HB2    H N N 232 
LYS HB3    H N N 233 
LYS HG2    H N N 234 
LYS HG3    H N N 235 
LYS HD2    H N N 236 
LYS HD3    H N N 237 
LYS HE2    H N N 238 
LYS HE3    H N N 239 
LYS HZ1    H N N 240 
LYS HZ2    H N N 241 
LYS HZ3    H N N 242 
LYS HXT    H N N 243 
MET N      N N N 244 
MET CA     C N S 245 
MET C      C N N 246 
MET O      O N N 247 
MET CB     C N N 248 
MET CG     C N N 249 
MET SD     S N N 250 
MET CE     C N N 251 
MET OXT    O N N 252 
MET H      H N N 253 
MET H2     H N N 254 
MET HA     H N N 255 
MET HB2    H N N 256 
MET HB3    H N N 257 
MET HG2    H N N 258 
MET HG3    H N N 259 
MET HE1    H N N 260 
MET HE2    H N N 261 
MET HE3    H N N 262 
MET HXT    H N N 263 
PHE N      N N N 264 
PHE CA     C N S 265 
PHE C      C N N 266 
PHE O      O N N 267 
PHE CB     C N N 268 
PHE CG     C Y N 269 
PHE CD1    C Y N 270 
PHE CD2    C Y N 271 
PHE CE1    C Y N 272 
PHE CE2    C Y N 273 
PHE CZ     C Y N 274 
PHE OXT    O N N 275 
PHE H      H N N 276 
PHE H2     H N N 277 
PHE HA     H N N 278 
PHE HB2    H N N 279 
PHE HB3    H N N 280 
PHE HD1    H N N 281 
PHE HD2    H N N 282 
PHE HE1    H N N 283 
PHE HE2    H N N 284 
PHE HZ     H N N 285 
PHE HXT    H N N 286 
PRO N      N N N 287 
PRO CA     C N S 288 
PRO C      C N N 289 
PRO O      O N N 290 
PRO CB     C N N 291 
PRO CG     C N N 292 
PRO CD     C N N 293 
PRO OXT    O N N 294 
PRO H      H N N 295 
PRO HA     H N N 296 
PRO HB2    H N N 297 
PRO HB3    H N N 298 
PRO HG2    H N N 299 
PRO HG3    H N N 300 
PRO HD2    H N N 301 
PRO HD3    H N N 302 
PRO HXT    H N N 303 
SER N      N N N 304 
SER CA     C N S 305 
SER C      C N N 306 
SER O      O N N 307 
SER CB     C N N 308 
SER OG     O N N 309 
SER OXT    O N N 310 
SER H      H N N 311 
SER H2     H N N 312 
SER HA     H N N 313 
SER HB2    H N N 314 
SER HB3    H N N 315 
SER HG     H N N 316 
SER HXT    H N N 317 
THR N      N N N 318 
THR CA     C N S 319 
THR C      C N N 320 
THR O      O N N 321 
THR CB     C N R 322 
THR OG1    O N N 323 
THR CG2    C N N 324 
THR OXT    O N N 325 
THR H      H N N 326 
THR H2     H N N 327 
THR HA     H N N 328 
THR HB     H N N 329 
THR HG1    H N N 330 
THR HG21   H N N 331 
THR HG22   H N N 332 
THR HG23   H N N 333 
THR HXT    H N N 334 
TRP N      N N N 335 
TRP CA     C N S 336 
TRP C      C N N 337 
TRP O      O N N 338 
TRP CB     C N N 339 
TRP CG     C Y N 340 
TRP CD1    C Y N 341 
TRP CD2    C Y N 342 
TRP NE1    N Y N 343 
TRP CE2    C Y N 344 
TRP CE3    C Y N 345 
TRP CZ2    C Y N 346 
TRP CZ3    C Y N 347 
TRP CH2    C Y N 348 
TRP OXT    O N N 349 
TRP H      H N N 350 
TRP H2     H N N 351 
TRP HA     H N N 352 
TRP HB2    H N N 353 
TRP HB3    H N N 354 
TRP HD1    H N N 355 
TRP HE1    H N N 356 
TRP HE3    H N N 357 
TRP HZ2    H N N 358 
TRP HZ3    H N N 359 
TRP HH2    H N N 360 
TRP HXT    H N N 361 
TYR N      N N N 362 
TYR CA     C N S 363 
TYR C      C N N 364 
TYR O      O N N 365 
TYR CB     C N N 366 
TYR CG     C Y N 367 
TYR CD1    C Y N 368 
TYR CD2    C Y N 369 
TYR CE1    C Y N 370 
TYR CE2    C Y N 371 
TYR CZ     C Y N 372 
TYR OH     O N N 373 
TYR OXT    O N N 374 
TYR H      H N N 375 
TYR H2     H N N 376 
TYR HA     H N N 377 
TYR HB2    H N N 378 
TYR HB3    H N N 379 
TYR HD1    H N N 380 
TYR HD2    H N N 381 
TYR HE1    H N N 382 
TYR HE2    H N N 383 
TYR HH     H N N 384 
TYR HXT    H N N 385 
VAL N      N N N 386 
VAL CA     C N S 387 
VAL C      C N N 388 
VAL O      O N N 389 
VAL CB     C N N 390 
VAL CG1    C N N 391 
VAL CG2    C N N 392 
VAL OXT    O N N 393 
VAL H      H N N 394 
VAL H2     H N N 395 
VAL HA     H N N 396 
VAL HB     H N N 397 
VAL HG11   H N N 398 
VAL HG12   H N N 399 
VAL HG13   H N N 400 
VAL HG21   H N N 401 
VAL HG22   H N N 402 
VAL HG23   H N N 403 
VAL HXT    H N N 404 
# 
loop_
_chem_comp_bond.comp_id 
_chem_comp_bond.atom_id_1 
_chem_comp_bond.atom_id_2 
_chem_comp_bond.value_order 
_chem_comp_bond.pdbx_aromatic_flag 
_chem_comp_bond.pdbx_stereo_config 
_chem_comp_bond.pdbx_ordinal 
ALA N     CA     sing N N 1   
ALA N     H      sing N N 2   
ALA N     H2     sing N N 3   
ALA CA    C      sing N N 4   
ALA CA    CB     sing N N 5   
ALA CA    HA     sing N N 6   
ALA C     O      doub N N 7   
ALA C     OXT    sing N N 8   
ALA CB    HB1    sing N N 9   
ALA CB    HB2    sing N N 10  
ALA CB    HB3    sing N N 11  
ALA OXT   HXT    sing N N 12  
ARG N     CA     sing N N 13  
ARG N     H      sing N N 14  
ARG N     H2     sing N N 15  
ARG CA    C      sing N N 16  
ARG CA    CB     sing N N 17  
ARG CA    HA     sing N N 18  
ARG C     O      doub N N 19  
ARG C     OXT    sing N N 20  
ARG CB    CG     sing N N 21  
ARG CB    HB2    sing N N 22  
ARG CB    HB3    sing N N 23  
ARG CG    CD     sing N N 24  
ARG CG    HG2    sing N N 25  
ARG CG    HG3    sing N N 26  
ARG CD    NE     sing N N 27  
ARG CD    HD2    sing N N 28  
ARG CD    HD3    sing N N 29  
ARG NE    CZ     sing N N 30  
ARG NE    HE     sing N N 31  
ARG CZ    NH1    sing N N 32  
ARG CZ    NH2    doub N N 33  
ARG NH1   HH11   sing N N 34  
ARG NH1   HH12   sing N N 35  
ARG NH2   HH21   sing N N 36  
ARG NH2   HH22   sing N N 37  
ARG OXT   HXT    sing N N 38  
ASN N     CA     sing N N 39  
ASN N     H      sing N N 40  
ASN N     H2     sing N N 41  
ASN CA    C      sing N N 42  
ASN CA    CB     sing N N 43  
ASN CA    HA     sing N N 44  
ASN C     O      doub N N 45  
ASN C     OXT    sing N N 46  
ASN CB    CG     sing N N 47  
ASN CB    HB2    sing N N 48  
ASN CB    HB3    sing N N 49  
ASN CG    OD1    doub N N 50  
ASN CG    ND2    sing N N 51  
ASN ND2   HD21   sing N N 52  
ASN ND2   HD22   sing N N 53  
ASN OXT   HXT    sing N N 54  
ASP N     CA     sing N N 55  
ASP N     H      sing N N 56  
ASP N     H2     sing N N 57  
ASP CA    C      sing N N 58  
ASP CA    CB     sing N N 59  
ASP CA    HA     sing N N 60  
ASP C     O      doub N N 61  
ASP C     OXT    sing N N 62  
ASP CB    CG     sing N N 63  
ASP CB    HB2    sing N N 64  
ASP CB    HB3    sing N N 65  
ASP CG    OD1    doub N N 66  
ASP CG    OD2    sing N N 67  
ASP OD2   HD2    sing N N 68  
ASP OXT   HXT    sing N N 69  
DIO C1    "C1'"  sing N N 70  
DIO C1    O1     sing N N 71  
DIO C1    H11    sing N N 72  
DIO C1    H12    sing N N 73  
DIO C2    "C2'"  sing N N 74  
DIO C2    O1     sing N N 75  
DIO C2    H21    sing N N 76  
DIO C2    H22    sing N N 77  
DIO "C1'" "O1'"  sing N N 78  
DIO "C1'" "H1'1" sing N N 79  
DIO "C1'" "H1'2" sing N N 80  
DIO "C2'" "O1'"  sing N N 81  
DIO "C2'" "H2'1" sing N N 82  
DIO "C2'" "H2'2" sing N N 83  
GLN N     CA     sing N N 84  
GLN N     H      sing N N 85  
GLN N     H2     sing N N 86  
GLN CA    C      sing N N 87  
GLN CA    CB     sing N N 88  
GLN CA    HA     sing N N 89  
GLN C     O      doub N N 90  
GLN C     OXT    sing N N 91  
GLN CB    CG     sing N N 92  
GLN CB    HB2    sing N N 93  
GLN CB    HB3    sing N N 94  
GLN CG    CD     sing N N 95  
GLN CG    HG2    sing N N 96  
GLN CG    HG3    sing N N 97  
GLN CD    OE1    doub N N 98  
GLN CD    NE2    sing N N 99  
GLN NE2   HE21   sing N N 100 
GLN NE2   HE22   sing N N 101 
GLN OXT   HXT    sing N N 102 
GLU N     CA     sing N N 103 
GLU N     H      sing N N 104 
GLU N     H2     sing N N 105 
GLU CA    C      sing N N 106 
GLU CA    CB     sing N N 107 
GLU CA    HA     sing N N 108 
GLU C     O      doub N N 109 
GLU C     OXT    sing N N 110 
GLU CB    CG     sing N N 111 
GLU CB    HB2    sing N N 112 
GLU CB    HB3    sing N N 113 
GLU CG    CD     sing N N 114 
GLU CG    HG2    sing N N 115 
GLU CG    HG3    sing N N 116 
GLU CD    OE1    doub N N 117 
GLU CD    OE2    sing N N 118 
GLU OE2   HE2    sing N N 119 
GLU OXT   HXT    sing N N 120 
GLY N     CA     sing N N 121 
GLY N     H      sing N N 122 
GLY N     H2     sing N N 123 
GLY CA    C      sing N N 124 
GLY CA    HA2    sing N N 125 
GLY CA    HA3    sing N N 126 
GLY C     O      doub N N 127 
GLY C     OXT    sing N N 128 
GLY OXT   HXT    sing N N 129 
GOL C1    O1     sing N N 130 
GOL C1    C2     sing N N 131 
GOL C1    H11    sing N N 132 
GOL C1    H12    sing N N 133 
GOL O1    HO1    sing N N 134 
GOL C2    O2     sing N N 135 
GOL C2    C3     sing N N 136 
GOL C2    H2     sing N N 137 
GOL O2    HO2    sing N N 138 
GOL C3    O3     sing N N 139 
GOL C3    H31    sing N N 140 
GOL C3    H32    sing N N 141 
GOL O3    HO3    sing N N 142 
HIS N     CA     sing N N 143 
HIS N     H      sing N N 144 
HIS N     H2     sing N N 145 
HIS CA    C      sing N N 146 
HIS CA    CB     sing N N 147 
HIS CA    HA     sing N N 148 
HIS C     O      doub N N 149 
HIS C     OXT    sing N N 150 
HIS CB    CG     sing N N 151 
HIS CB    HB2    sing N N 152 
HIS CB    HB3    sing N N 153 
HIS CG    ND1    sing Y N 154 
HIS CG    CD2    doub Y N 155 
HIS ND1   CE1    doub Y N 156 
HIS ND1   HD1    sing N N 157 
HIS CD2   NE2    sing Y N 158 
HIS CD2   HD2    sing N N 159 
HIS CE1   NE2    sing Y N 160 
HIS CE1   HE1    sing N N 161 
HIS NE2   HE2    sing N N 162 
HIS OXT   HXT    sing N N 163 
HOH O     H1     sing N N 164 
HOH O     H2     sing N N 165 
ILE N     CA     sing N N 166 
ILE N     H      sing N N 167 
ILE N     H2     sing N N 168 
ILE CA    C      sing N N 169 
ILE CA    CB     sing N N 170 
ILE CA    HA     sing N N 171 
ILE C     O      doub N N 172 
ILE C     OXT    sing N N 173 
ILE CB    CG1    sing N N 174 
ILE CB    CG2    sing N N 175 
ILE CB    HB     sing N N 176 
ILE CG1   CD1    sing N N 177 
ILE CG1   HG12   sing N N 178 
ILE CG1   HG13   sing N N 179 
ILE CG2   HG21   sing N N 180 
ILE CG2   HG22   sing N N 181 
ILE CG2   HG23   sing N N 182 
ILE CD1   HD11   sing N N 183 
ILE CD1   HD12   sing N N 184 
ILE CD1   HD13   sing N N 185 
ILE OXT   HXT    sing N N 186 
LEU N     CA     sing N N 187 
LEU N     H      sing N N 188 
LEU N     H2     sing N N 189 
LEU CA    C      sing N N 190 
LEU CA    CB     sing N N 191 
LEU CA    HA     sing N N 192 
LEU C     O      doub N N 193 
LEU C     OXT    sing N N 194 
LEU CB    CG     sing N N 195 
LEU CB    HB2    sing N N 196 
LEU CB    HB3    sing N N 197 
LEU CG    CD1    sing N N 198 
LEU CG    CD2    sing N N 199 
LEU CG    HG     sing N N 200 
LEU CD1   HD11   sing N N 201 
LEU CD1   HD12   sing N N 202 
LEU CD1   HD13   sing N N 203 
LEU CD2   HD21   sing N N 204 
LEU CD2   HD22   sing N N 205 
LEU CD2   HD23   sing N N 206 
LEU OXT   HXT    sing N N 207 
LYS N     CA     sing N N 208 
LYS N     H      sing N N 209 
LYS N     H2     sing N N 210 
LYS CA    C      sing N N 211 
LYS CA    CB     sing N N 212 
LYS CA    HA     sing N N 213 
LYS C     O      doub N N 214 
LYS C     OXT    sing N N 215 
LYS CB    CG     sing N N 216 
LYS CB    HB2    sing N N 217 
LYS CB    HB3    sing N N 218 
LYS CG    CD     sing N N 219 
LYS CG    HG2    sing N N 220 
LYS CG    HG3    sing N N 221 
LYS CD    CE     sing N N 222 
LYS CD    HD2    sing N N 223 
LYS CD    HD3    sing N N 224 
LYS CE    NZ     sing N N 225 
LYS CE    HE2    sing N N 226 
LYS CE    HE3    sing N N 227 
LYS NZ    HZ1    sing N N 228 
LYS NZ    HZ2    sing N N 229 
LYS NZ    HZ3    sing N N 230 
LYS OXT   HXT    sing N N 231 
MET N     CA     sing N N 232 
MET N     H      sing N N 233 
MET N     H2     sing N N 234 
MET CA    C      sing N N 235 
MET CA    CB     sing N N 236 
MET CA    HA     sing N N 237 
MET C     O      doub N N 238 
MET C     OXT    sing N N 239 
MET CB    CG     sing N N 240 
MET CB    HB2    sing N N 241 
MET CB    HB3    sing N N 242 
MET CG    SD     sing N N 243 
MET CG    HG2    sing N N 244 
MET CG    HG3    sing N N 245 
MET SD    CE     sing N N 246 
MET CE    HE1    sing N N 247 
MET CE    HE2    sing N N 248 
MET CE    HE3    sing N N 249 
MET OXT   HXT    sing N N 250 
PHE N     CA     sing N N 251 
PHE N     H      sing N N 252 
PHE N     H2     sing N N 253 
PHE CA    C      sing N N 254 
PHE CA    CB     sing N N 255 
PHE CA    HA     sing N N 256 
PHE C     O      doub N N 257 
PHE C     OXT    sing N N 258 
PHE CB    CG     sing N N 259 
PHE CB    HB2    sing N N 260 
PHE CB    HB3    sing N N 261 
PHE CG    CD1    doub Y N 262 
PHE CG    CD2    sing Y N 263 
PHE CD1   CE1    sing Y N 264 
PHE CD1   HD1    sing N N 265 
PHE CD2   CE2    doub Y N 266 
PHE CD2   HD2    sing N N 267 
PHE CE1   CZ     doub Y N 268 
PHE CE1   HE1    sing N N 269 
PHE CE2   CZ     sing Y N 270 
PHE CE2   HE2    sing N N 271 
PHE CZ    HZ     sing N N 272 
PHE OXT   HXT    sing N N 273 
PRO N     CA     sing N N 274 
PRO N     CD     sing N N 275 
PRO N     H      sing N N 276 
PRO CA    C      sing N N 277 
PRO CA    CB     sing N N 278 
PRO CA    HA     sing N N 279 
PRO C     O      doub N N 280 
PRO C     OXT    sing N N 281 
PRO CB    CG     sing N N 282 
PRO CB    HB2    sing N N 283 
PRO CB    HB3    sing N N 284 
PRO CG    CD     sing N N 285 
PRO CG    HG2    sing N N 286 
PRO CG    HG3    sing N N 287 
PRO CD    HD2    sing N N 288 
PRO CD    HD3    sing N N 289 
PRO OXT   HXT    sing N N 290 
SER N     CA     sing N N 291 
SER N     H      sing N N 292 
SER N     H2     sing N N 293 
SER CA    C      sing N N 294 
SER CA    CB     sing N N 295 
SER CA    HA     sing N N 296 
SER C     O      doub N N 297 
SER C     OXT    sing N N 298 
SER CB    OG     sing N N 299 
SER CB    HB2    sing N N 300 
SER CB    HB3    sing N N 301 
SER OG    HG     sing N N 302 
SER OXT   HXT    sing N N 303 
THR N     CA     sing N N 304 
THR N     H      sing N N 305 
THR N     H2     sing N N 306 
THR CA    C      sing N N 307 
THR CA    CB     sing N N 308 
THR CA    HA     sing N N 309 
THR C     O      doub N N 310 
THR C     OXT    sing N N 311 
THR CB    OG1    sing N N 312 
THR CB    CG2    sing N N 313 
THR CB    HB     sing N N 314 
THR OG1   HG1    sing N N 315 
THR CG2   HG21   sing N N 316 
THR CG2   HG22   sing N N 317 
THR CG2   HG23   sing N N 318 
THR OXT   HXT    sing N N 319 
TRP N     CA     sing N N 320 
TRP N     H      sing N N 321 
TRP N     H2     sing N N 322 
TRP CA    C      sing N N 323 
TRP CA    CB     sing N N 324 
TRP CA    HA     sing N N 325 
TRP C     O      doub N N 326 
TRP C     OXT    sing N N 327 
TRP CB    CG     sing N N 328 
TRP CB    HB2    sing N N 329 
TRP CB    HB3    sing N N 330 
TRP CG    CD1    doub Y N 331 
TRP CG    CD2    sing Y N 332 
TRP CD1   NE1    sing Y N 333 
TRP CD1   HD1    sing N N 334 
TRP CD2   CE2    doub Y N 335 
TRP CD2   CE3    sing Y N 336 
TRP NE1   CE2    sing Y N 337 
TRP NE1   HE1    sing N N 338 
TRP CE2   CZ2    sing Y N 339 
TRP CE3   CZ3    doub Y N 340 
TRP CE3   HE3    sing N N 341 
TRP CZ2   CH2    doub Y N 342 
TRP CZ2   HZ2    sing N N 343 
TRP CZ3   CH2    sing Y N 344 
TRP CZ3   HZ3    sing N N 345 
TRP CH2   HH2    sing N N 346 
TRP OXT   HXT    sing N N 347 
TYR N     CA     sing N N 348 
TYR N     H      sing N N 349 
TYR N     H2     sing N N 350 
TYR CA    C      sing N N 351 
TYR CA    CB     sing N N 352 
TYR CA    HA     sing N N 353 
TYR C     O      doub N N 354 
TYR C     OXT    sing N N 355 
TYR CB    CG     sing N N 356 
TYR CB    HB2    sing N N 357 
TYR CB    HB3    sing N N 358 
TYR CG    CD1    doub Y N 359 
TYR CG    CD2    sing Y N 360 
TYR CD1   CE1    sing Y N 361 
TYR CD1   HD1    sing N N 362 
TYR CD2   CE2    doub Y N 363 
TYR CD2   HD2    sing N N 364 
TYR CE1   CZ     doub Y N 365 
TYR CE1   HE1    sing N N 366 
TYR CE2   CZ     sing Y N 367 
TYR CE2   HE2    sing N N 368 
TYR CZ    OH     sing N N 369 
TYR OH    HH     sing N N 370 
TYR OXT   HXT    sing N N 371 
VAL N     CA     sing N N 372 
VAL N     H      sing N N 373 
VAL N     H2     sing N N 374 
VAL CA    C      sing N N 375 
VAL CA    CB     sing N N 376 
VAL CA    HA     sing N N 377 
VAL C     O      doub N N 378 
VAL C     OXT    sing N N 379 
VAL CB    CG1    sing N N 380 
VAL CB    CG2    sing N N 381 
VAL CB    HB     sing N N 382 
VAL CG1   HG11   sing N N 383 
VAL CG1   HG12   sing N N 384 
VAL CG1   HG13   sing N N 385 
VAL CG2   HG21   sing N N 386 
VAL CG2   HG22   sing N N 387 
VAL CG2   HG23   sing N N 388 
VAL OXT   HXT    sing N N 389 
# 
_atom_sites.entry_id                    1T56 
_atom_sites.fract_transf_matrix[1][1]   0.00700042 
_atom_sites.fract_transf_matrix[1][2]   -0.00096017 
_atom_sites.fract_transf_matrix[1][3]   -0.00421961 
_atom_sites.fract_transf_matrix[2][1]   0.00101171 
_atom_sites.fract_transf_matrix[2][2]   0.00816560 
_atom_sites.fract_transf_matrix[2][3]   -0.00017963 
_atom_sites.fract_transf_matrix[3][1]   0.01526117 
_atom_sites.fract_transf_matrix[3][2]   -0.00132725 
_atom_sites.fract_transf_matrix[3][3]   0.02562064 
_atom_sites.fract_transf_vector[1]      0.283930 
_atom_sites.fract_transf_vector[2]      0.138574 
_atom_sites.fract_transf_vector[3]      0.491407 
# 
loop_
_atom_type.symbol 
C 
N 
O 
S 
# 
loop_
_atom_site.group_PDB 
_atom_site.id 
_atom_site.type_symbol 
_atom_site.label_atom_id 
_atom_site.label_alt_id 
_atom_site.label_comp_id 
_atom_site.label_asym_id 
_atom_site.label_entity_id 
_atom_site.label_seq_id 
_atom_site.pdbx_PDB_ins_code 
_atom_site.Cartn_x 
_atom_site.Cartn_y 
_atom_site.Cartn_z 
_atom_site.occupancy 
_atom_site.B_iso_or_equiv 
_atom_site.pdbx_formal_charge 
_atom_site.auth_seq_id 
_atom_site.auth_comp_id 
_atom_site.auth_asym_id 
_atom_site.auth_atom_id 
_atom_site.pdbx_PDB_model_num 
ATOM   1    N N     . GLY A 1 22  ? 23.737  -3.282  -16.122 1.00 38.44 ? 22  GLY A N     1 
ATOM   2    C CA    . GLY A 1 22  ? 22.534  -2.468  -16.468 1.00 38.18 ? 22  GLY A CA    1 
ATOM   3    C C     . GLY A 1 22  ? 21.495  -2.539  -15.369 1.00 38.03 ? 22  GLY A C     1 
ATOM   4    O O     . GLY A 1 22  ? 21.221  -1.545  -14.694 1.00 38.21 ? 22  GLY A O     1 
ATOM   5    N N     . ASP A 1 23  ? 20.920  -3.726  -15.186 1.00 37.56 ? 23  ASP A N     1 
ATOM   6    C CA    . ASP A 1 23  ? 19.955  -3.964  -14.113 1.00 36.95 ? 23  ASP A CA    1 
ATOM   7    C C     . ASP A 1 23  ? 20.600  -3.883  -12.728 1.00 36.24 ? 23  ASP A C     1 
ATOM   8    O O     . ASP A 1 23  ? 19.912  -3.610  -11.752 1.00 36.39 ? 23  ASP A O     1 
ATOM   9    C CB    . ASP A 1 23  ? 19.280  -5.329  -14.286 1.00 37.05 ? 23  ASP A CB    1 
ATOM   10   N N     . ASP A 1 24  ? 21.909  -4.132  -12.647 1.00 35.20 ? 24  ASP A N     1 
ATOM   11   C CA    . ASP A 1 24  ? 22.636  -4.068  -11.376 1.00 34.32 ? 24  ASP A CA    1 
ATOM   12   C C     . ASP A 1 24  ? 22.771  -2.633  -10.867 1.00 33.04 ? 24  ASP A C     1 
ATOM   13   O O     . ASP A 1 24  ? 22.612  -2.376  -9.671  1.00 32.53 ? 24  ASP A O     1 
ATOM   14   C CB    . ASP A 1 24  ? 24.038  -4.686  -11.513 1.00 34.59 ? 24  ASP A CB    1 
ATOM   15   C CG    . ASP A 1 24  ? 24.057  -6.191  -11.258 1.00 35.72 ? 24  ASP A CG    1 
ATOM   16   O OD1   . ASP A 1 24  ? 23.125  -6.721  -10.609 1.00 36.88 ? 24  ASP A OD1   1 
ATOM   17   O OD2   . ASP A 1 24  ? 24.990  -6.924  -11.665 1.00 37.80 ? 24  ASP A OD2   1 
ATOM   18   N N     . ARG A 1 25  ? 23.075  -1.708  -11.778 1.00 31.52 ? 25  ARG A N     1 
ATOM   19   C CA    . ARG A 1 25  ? 23.224  -0.298  -11.424 1.00 30.41 ? 25  ARG A CA    1 
ATOM   20   C C     . ARG A 1 25  ? 21.875  0.334   -11.078 1.00 29.75 ? 25  ARG A C     1 
ATOM   21   O O     . ARG A 1 25  ? 21.799  1.178   -10.188 1.00 29.13 ? 25  ARG A O     1 
ATOM   22   C CB    . ARG A 1 25  ? 23.914  0.483   -12.550 1.00 30.50 ? 25  ARG A CB    1 
ATOM   23   C CG    . ARG A 1 25  ? 25.437  0.492   -12.442 1.00 29.61 ? 25  ARG A CG    1 
ATOM   24   N N     . GLU A 1 26  ? 20.818  -0.070  -11.780 1.00 29.02 ? 26  GLU A N     1 
ATOM   25   C CA    . GLU A 1 26  ? 19.476  0.429   -11.477 1.00 28.63 ? 26  GLU A CA    1 
ATOM   26   C C     . GLU A 1 26  ? 19.030  -0.035  -10.091 1.00 27.78 ? 26  GLU A C     1 
ATOM   27   O O     . GLU A 1 26  ? 18.484  0.752   -9.320  1.00 27.41 ? 26  GLU A O     1 
ATOM   28   C CB    . GLU A 1 26  ? 18.451  -0.007  -12.532 1.00 28.92 ? 26  GLU A CB    1 
ATOM   29   C CG    . GLU A 1 26  ? 17.103  0.683   -12.357 1.00 30.13 ? 26  GLU A CG    1 
ATOM   30   C CD    . GLU A 1 26  ? 16.026  0.167   -13.293 1.00 32.15 ? 26  GLU A CD    1 
ATOM   31   O OE1   . GLU A 1 26  ? 16.318  -0.038  -14.488 1.00 33.51 ? 26  GLU A OE1   1 
ATOM   32   O OE2   . GLU A 1 26  ? 14.877  -0.012  -12.829 1.00 33.96 ? 26  GLU A OE2   1 
ATOM   33   N N     . LEU A 1 27  ? 19.274  -1.307  -9.780  1.00 26.94 ? 27  LEU A N     1 
ATOM   34   C CA    . LEU A 1 27  ? 18.893  -1.872  -8.484  1.00 26.32 ? 27  LEU A CA    1 
ATOM   35   C C     . LEU A 1 27  ? 19.667  -1.222  -7.344  1.00 25.26 ? 27  LEU A C     1 
ATOM   36   O O     . LEU A 1 27  ? 19.166  -1.134  -6.225  1.00 25.12 ? 27  LEU A O     1 
ATOM   37   C CB    . LEU A 1 27  ? 19.106  -3.391  -8.452  1.00 26.63 ? 27  LEU A CB    1 
ATOM   38   C CG    . LEU A 1 27  ? 18.096  -4.273  -9.192  1.00 27.83 ? 27  LEU A CG    1 
ATOM   39   C CD1   . LEU A 1 27  ? 18.606  -5.713  -9.244  1.00 28.38 ? 27  LEU A CD1   1 
ATOM   40   C CD2   . LEU A 1 27  ? 16.713  -4.221  -8.554  1.00 28.76 ? 27  LEU A CD2   1 
ATOM   41   N N     . ALA A 1 28  ? 20.891  -0.780  -7.629  1.00 23.91 ? 28  ALA A N     1 
ATOM   42   C CA    . ALA A 1 28  ? 21.715  -0.087  -6.645  1.00 23.02 ? 28  ALA A CA    1 
ATOM   43   C C     . ALA A 1 28  ? 21.193  1.323   -6.370  1.00 21.83 ? 28  ALA A C     1 
ATOM   44   O O     . ALA A 1 28  ? 21.277  1.803   -5.245  1.00 21.81 ? 28  ALA A O     1 
ATOM   45   C CB    . ALA A 1 28  ? 23.172  -0.030  -7.116  1.00 23.05 ? 28  ALA A CB    1 
ATOM   46   N N     . ILE A 1 29  ? 20.663  1.990   -7.396  1.00 20.69 ? 29  ILE A N     1 
ATOM   47   C CA    . ILE A 1 29  ? 20.067  3.310   -7.202  1.00 19.73 ? 29  ILE A CA    1 
ATOM   48   C C     . ILE A 1 29  ? 18.801  3.177   -6.352  1.00 19.59 ? 29  ILE A C     1 
ATOM   49   O O     . ILE A 1 29  ? 18.566  3.977   -5.455  1.00 18.57 ? 29  ILE A O     1 
ATOM   50   C CB    . ILE A 1 29  ? 19.732  3.984   -8.551  1.00 19.63 ? 29  ILE A CB    1 
ATOM   51   C CG1   . ILE A 1 29  ? 21.014  4.293   -9.327  1.00 19.31 ? 29  ILE A CG1   1 
ATOM   52   C CG2   . ILE A 1 29  ? 18.930  5.269   -8.327  1.00 19.35 ? 29  ILE A CG2   1 
ATOM   53   C CD1   . ILE A 1 29  ? 20.792  4.435   -10.813 1.00 19.11 ? 29  ILE A CD1   1 
ATOM   54   N N     . LEU A 1 30  ? 17.995  2.166   -6.649  1.00 19.46 ? 30  LEU A N     1 
ATOM   55   C CA    . LEU A 1 30  ? 16.733  1.960   -5.941  1.00 19.72 ? 30  LEU A CA    1 
ATOM   56   C C     . LEU A 1 30  ? 16.975  1.618   -4.477  1.00 19.83 ? 30  LEU A C     1 
ATOM   57   O O     . LEU A 1 30  ? 16.299  2.141   -3.598  1.00 20.00 ? 30  LEU A O     1 
ATOM   58   C CB    . LEU A 1 30  ? 15.924  0.852   -6.616  1.00 19.71 ? 30  LEU A CB    1 
ATOM   59   C CG    . LEU A 1 30  ? 15.361  1.237   -7.983  1.00 19.72 ? 30  LEU A CG    1 
ATOM   60   C CD1   . LEU A 1 30  ? 14.888  0.011   -8.740  1.00 20.16 ? 30  LEU A CD1   1 
ATOM   61   C CD2   . LEU A 1 30  ? 14.245  2.250   -7.832  1.00 20.58 ? 30  LEU A CD2   1 
ATOM   62   N N     . ALA A 1 31  ? 17.949  0.751   -4.224  1.00 20.20 ? 31  ALA A N     1 
ATOM   63   C CA    . ALA A 1 31  ? 18.281  0.338   -2.859  1.00 20.14 ? 31  ALA A CA    1 
ATOM   64   C C     . ALA A 1 31  ? 18.790  1.534   -2.059  1.00 20.12 ? 31  ALA A C     1 
ATOM   65   O O     . ALA A 1 31  ? 18.425  1.708   -0.898  1.00 20.36 ? 31  ALA A O     1 
ATOM   66   C CB    . ALA A 1 31  ? 19.310  -0.768  -2.877  1.00 20.39 ? 31  ALA A CB    1 
ATOM   67   N N     . THR A 1 32  ? 19.622  2.361   -2.699  1.00 20.04 ? 32  THR A N     1 
ATOM   68   C CA    . THR A 1 32  ? 20.153  3.578   -2.094  1.00 19.79 ? 32  THR A CA    1 
ATOM   69   C C     . THR A 1 32  ? 19.047  4.559   -1.729  1.00 19.77 ? 32  THR A C     1 
ATOM   70   O O     . THR A 1 32  ? 19.079  5.149   -0.653  1.00 20.16 ? 32  THR A O     1 
ATOM   71   C CB    . THR A 1 32  ? 21.150  4.274   -3.063  1.00 19.74 ? 32  THR A CB    1 
ATOM   72   O OG1   . THR A 1 32  ? 22.302  3.445   -3.257  1.00 19.58 ? 32  THR A OG1   1 
ATOM   73   C CG2   . THR A 1 32  ? 21.718  5.549   -2.451  1.00 20.34 ? 32  THR A CG2   1 
ATOM   74   N N     . ALA A 1 33  ? 18.078  4.739   -2.624  1.00 19.51 ? 33  ALA A N     1 
ATOM   75   C CA    . ALA A 1 33  ? 16.986  5.679   -2.393  1.00 19.74 ? 33  ALA A CA    1 
ATOM   76   C C     . ALA A 1 33  ? 16.132  5.241   -1.200  1.00 19.97 ? 33  ALA A C     1 
ATOM   77   O O     . ALA A 1 33  ? 15.788  6.058   -0.352  1.00 19.65 ? 33  ALA A O     1 
ATOM   78   C CB    . ALA A 1 33  ? 16.122  5.828   -3.636  1.00 19.46 ? 33  ALA A CB    1 
ATOM   79   N N     . GLU A 1 34  ? 15.807  3.953   -1.138  1.00 21.01 ? 34  GLU A N     1 
ATOM   80   C CA    . GLU A 1 34  ? 14.997  3.418   -0.039  1.00 21.81 ? 34  GLU A CA    1 
ATOM   81   C C     . GLU A 1 34  ? 15.718  3.589   1.294   1.00 22.55 ? 34  GLU A C     1 
ATOM   82   O O     . GLU A 1 34  ? 15.098  3.930   2.302   1.00 22.32 ? 34  GLU A O     1 
ATOM   83   C CB    . GLU A 1 34  ? 14.646  1.940   -0.262  1.00 21.96 ? 34  GLU A CB    1 
ATOM   84   C CG    . GLU A 1 34  ? 13.692  1.379   0.800   1.00 23.01 ? 34  GLU A CG    1 
ATOM   85   C CD    . GLU A 1 34  ? 12.924  0.137   0.358   1.00 25.14 ? 34  GLU A CD    1 
ATOM   86   O OE1   . GLU A 1 34  ? 13.425  -0.620  -0.503  1.00 25.10 ? 34  GLU A OE1   1 
ATOM   87   O OE2   . GLU A 1 34  ? 11.816  -0.105  0.900   1.00 25.29 ? 34  GLU A OE2   1 
ATOM   88   N N     . ASN A 1 35  ? 17.026  3.360   1.287   1.00 23.41 ? 35  ASN A N     1 
ATOM   89   C CA    . ASN A 1 35  ? 17.842  3.494   2.489   1.00 24.40 ? 35  ASN A CA    1 
ATOM   90   C C     . ASN A 1 35  ? 17.890  4.943   2.981   1.00 24.73 ? 35  ASN A C     1 
ATOM   91   O O     . ASN A 1 35  ? 17.732  5.199   4.172   1.00 25.03 ? 35  ASN A O     1 
ATOM   92   C CB    . ASN A 1 35  ? 19.250  2.963   2.220   1.00 24.78 ? 35  ASN A CB    1 
ATOM   93   C CG    . ASN A 1 35  ? 20.160  3.076   3.423   1.00 26.21 ? 35  ASN A CG    1 
ATOM   94   O OD1   . ASN A 1 35  ? 19.891  2.495   4.479   1.00 29.17 ? 35  ASN A OD1   1 
ATOM   95   N ND2   . ASN A 1 35  ? 21.248  3.824   3.272   1.00 27.89 ? 35  ASN A ND2   1 
ATOM   96   N N     . LEU A 1 36  ? 18.093  5.885   2.062   1.00 25.03 ? 36  LEU A N     1 
ATOM   97   C CA    . LEU A 1 36  ? 18.192  7.301   2.420   1.00 25.20 ? 36  LEU A CA    1 
ATOM   98   C C     . LEU A 1 36  ? 16.842  7.897   2.844   1.00 25.60 ? 36  LEU A C     1 
ATOM   99   O O     . LEU A 1 36  ? 16.805  8.843   3.628   1.00 25.47 ? 36  LEU A O     1 
ATOM   100  C CB    . LEU A 1 36  ? 18.806  8.108   1.262   1.00 25.31 ? 36  LEU A CB    1 
ATOM   101  C CG    . LEU A 1 36  ? 20.276  7.800   0.927   1.00 25.21 ? 36  LEU A CG    1 
ATOM   102  C CD1   . LEU A 1 36  ? 20.766  8.662   -0.232  1.00 25.07 ? 36  LEU A CD1   1 
ATOM   103  C CD2   . LEU A 1 36  ? 21.176  7.990   2.140   1.00 25.39 ? 36  LEU A CD2   1 
ATOM   104  N N     . LEU A 1 37  ? 15.742  7.336   2.340   1.00 26.00 ? 37  LEU A N     1 
ATOM   105  C CA    . LEU A 1 37  ? 14.397  7.840   2.645   1.00 26.65 ? 37  LEU A CA    1 
ATOM   106  C C     . LEU A 1 37  ? 13.969  7.494   4.076   1.00 27.60 ? 37  LEU A C     1 
ATOM   107  O O     . LEU A 1 37  ? 13.052  8.115   4.626   1.00 27.80 ? 37  LEU A O     1 
ATOM   108  C CB    . LEU A 1 37  ? 13.365  7.301   1.645   1.00 26.40 ? 37  LEU A CB    1 
ATOM   109  C CG    . LEU A 1 37  ? 13.270  8.038   0.307   1.00 25.51 ? 37  LEU A CG    1 
ATOM   110  C CD1   . LEU A 1 37  ? 12.423  7.244   -0.685  1.00 25.31 ? 37  LEU A CD1   1 
ATOM   111  C CD2   . LEU A 1 37  ? 12.711  9.443   0.485   1.00 25.08 ? 37  LEU A CD2   1 
ATOM   112  N N     . GLU A 1 38  ? 14.615  6.495   4.666   1.00 28.68 ? 38  GLU A N     1 
ATOM   113  C CA    . GLU A 1 38  ? 14.395  6.177   6.078   1.00 29.86 ? 38  GLU A CA    1 
ATOM   114  C C     . GLU A 1 38  ? 14.883  7.321   6.970   1.00 30.44 ? 38  GLU A C     1 
ATOM   115  O O     . GLU A 1 38  ? 14.238  7.653   7.965   1.00 30.67 ? 38  GLU A O     1 
ATOM   116  C CB    . GLU A 1 38  ? 15.108  4.878   6.460   1.00 30.01 ? 38  GLU A CB    1 
ATOM   117  C CG    . GLU A 1 38  ? 14.478  3.637   5.846   1.00 32.01 ? 38  GLU A CG    1 
ATOM   118  C CD    . GLU A 1 38  ? 15.245  2.359   6.148   1.00 34.54 ? 38  GLU A CD    1 
ATOM   119  O OE1   . GLU A 1 38  ? 16.150  2.378   7.012   1.00 36.46 ? 38  GLU A OE1   1 
ATOM   120  O OE2   . GLU A 1 38  ? 14.938  1.322   5.520   1.00 37.01 ? 38  GLU A OE2   1 
ATOM   121  N N     . ASP A 1 39  ? 16.008  7.928   6.588   1.00 31.27 ? 39  ASP A N     1 
ATOM   122  C CA    . ASP A 1 39  ? 16.646  8.985   7.381   1.00 31.82 ? 39  ASP A CA    1 
ATOM   123  C C     . ASP A 1 39  ? 16.125  10.403  7.108   1.00 31.74 ? 39  ASP A C     1 
ATOM   124  O O     . ASP A 1 39  ? 16.210  11.266  7.980   1.00 31.85 ? 39  ASP A O     1 
ATOM   125  C CB    . ASP A 1 39  ? 18.166  8.953   7.168   1.00 32.23 ? 39  ASP A CB    1 
ATOM   126  C CG    . ASP A 1 39  ? 18.862  7.880   8.006   1.00 33.97 ? 39  ASP A CG    1 
ATOM   127  O OD1   . ASP A 1 39  ? 18.204  7.260   8.877   1.00 36.29 ? 39  ASP A OD1   1 
ATOM   128  O OD2   . ASP A 1 39  ? 20.077  7.596   7.864   1.00 36.89 ? 39  ASP A OD2   1 
ATOM   129  N N     . ARG A 1 40  ? 15.584  10.647  5.916   1.00 31.69 ? 40  ARG A N     1 
ATOM   130  C CA    . ARG A 1 40  ? 15.174  12.002  5.522   1.00 31.52 ? 40  ARG A CA    1 
ATOM   131  C C     . ARG A 1 40  ? 14.228  12.014  4.316   1.00 31.71 ? 40  ARG A C     1 
ATOM   132  O O     . ARG A 1 40  ? 14.236  11.082  3.514   1.00 31.83 ? 40  ARG A O     1 
ATOM   133  C CB    . ARG A 1 40  ? 16.411  12.853  5.210   1.00 31.52 ? 40  ARG A CB    1 
ATOM   134  C CG    . ARG A 1 40  ? 17.383  12.204  4.245   1.00 31.09 ? 40  ARG A CG    1 
ATOM   135  C CD    . ARG A 1 40  ? 18.604  13.047  3.928   1.00 30.74 ? 40  ARG A CD    1 
ATOM   136  N NE    . ARG A 1 40  ? 19.593  12.263  3.186   1.00 30.91 ? 40  ARG A NE    1 
ATOM   137  C CZ    . ARG A 1 40  ? 20.580  12.760  2.451   1.00 30.51 ? 40  ARG A CZ    1 
ATOM   138  N NH1   . ARG A 1 40  ? 20.766  14.075  2.349   1.00 31.36 ? 40  ARG A NH1   1 
ATOM   139  N NH2   . ARG A 1 40  ? 21.401  11.929  1.819   1.00 30.68 ? 40  ARG A NH2   1 
ATOM   140  N N     . PRO A 1 41  ? 13.412  13.060  4.183   1.00 31.83 ? 41  PRO A N     1 
ATOM   141  C CA    . PRO A 1 41  ? 12.486  13.169  3.046   1.00 31.88 ? 41  PRO A CA    1 
ATOM   142  C C     . PRO A 1 41  ? 13.186  13.390  1.701   1.00 31.89 ? 41  PRO A C     1 
ATOM   143  O O     . PRO A 1 41  ? 14.383  13.684  1.666   1.00 31.82 ? 41  PRO A O     1 
ATOM   144  C CB    . PRO A 1 41  ? 11.607  14.375  3.410   1.00 32.01 ? 41  PRO A CB    1 
ATOM   145  C CG    . PRO A 1 41  ? 12.410  15.170  4.377   1.00 32.07 ? 41  PRO A CG    1 
ATOM   146  C CD    . PRO A 1 41  ? 13.280  14.198  5.111   1.00 32.03 ? 41  PRO A CD    1 
ATOM   147  N N     . LEU A 1 42  ? 12.422  13.263  0.616   1.00 31.70 ? 42  LEU A N     1 
ATOM   148  C CA    . LEU A 1 42  ? 12.956  13.332  -0.740  1.00 31.81 ? 42  LEU A CA    1 
ATOM   149  C C     . LEU A 1 42  ? 13.510  14.718  -1.085  1.00 31.81 ? 42  LEU A C     1 
ATOM   150  O O     . LEU A 1 42  ? 14.436  14.832  -1.887  1.00 31.79 ? 42  LEU A O     1 
ATOM   151  C CB    . LEU A 1 42  ? 11.884  12.926  -1.761  1.00 31.72 ? 42  LEU A CB    1 
ATOM   152  C CG    . LEU A 1 42  ? 12.365  12.697  -3.199  1.00 31.91 ? 42  LEU A CG    1 
ATOM   153  C CD1   . LEU A 1 42  ? 13.238  11.453  -3.296  1.00 31.84 ? 42  LEU A CD1   1 
ATOM   154  C CD2   . LEU A 1 42  ? 11.178  12.600  -4.146  1.00 32.31 ? 42  LEU A CD2   1 
ATOM   155  N N     . ALA A 1 43  ? 12.943  15.761  -0.480  1.00 31.77 ? 43  ALA A N     1 
ATOM   156  C CA    . ALA A 1 43  ? 13.423  17.129  -0.683  1.00 31.81 ? 43  ALA A CA    1 
ATOM   157  C C     . ALA A 1 43  ? 14.877  17.305  -0.231  1.00 31.77 ? 43  ALA A C     1 
ATOM   158  O O     . ALA A 1 43  ? 15.657  18.009  -0.879  1.00 32.03 ? 43  ALA A O     1 
ATOM   159  C CB    . ALA A 1 43  ? 12.524  18.113  0.049   1.00 31.88 ? 43  ALA A CB    1 
ATOM   160  N N     . ASP A 1 44  ? 15.235  16.655  0.875   1.00 31.66 ? 44  ASP A N     1 
ATOM   161  C CA    . ASP A 1 44  ? 16.584  16.748  1.437   1.00 31.55 ? 44  ASP A CA    1 
ATOM   162  C C     . ASP A 1 44  ? 17.568  15.708  0.882   1.00 30.96 ? 44  ASP A C     1 
ATOM   163  O O     . ASP A 1 44  ? 18.713  15.651  1.325   1.00 30.70 ? 44  ASP A O     1 
ATOM   164  C CB    . ASP A 1 44  ? 16.522  16.645  2.965   1.00 31.78 ? 44  ASP A CB    1 
ATOM   165  C CG    . ASP A 1 44  ? 16.001  17.916  3.611   1.00 32.97 ? 44  ASP A CG    1 
ATOM   166  O OD1   . ASP A 1 44  ? 14.888  18.357  3.253   1.00 34.23 ? 44  ASP A OD1   1 
ATOM   167  O OD2   . ASP A 1 44  ? 16.639  18.548  4.479   1.00 35.09 ? 44  ASP A OD2   1 
ATOM   168  N N     . ILE A 1 45  ? 17.122  14.881  -0.063  1.00 30.26 ? 45  ILE A N     1 
ATOM   169  C CA    . ILE A 1 45  ? 18.005  13.952  -0.770  1.00 29.84 ? 45  ILE A CA    1 
ATOM   170  C C     . ILE A 1 45  ? 18.298  14.522  -2.153  1.00 29.38 ? 45  ILE A C     1 
ATOM   171  O O     . ILE A 1 45  ? 17.386  14.925  -2.871  1.00 29.19 ? 45  ILE A O     1 
ATOM   172  C CB    . ILE A 1 45  ? 17.368  12.544  -0.895  1.00 29.77 ? 45  ILE A CB    1 
ATOM   173  C CG1   . ILE A 1 45  ? 17.110  11.939  0.486   1.00 29.76 ? 45  ILE A CG1   1 
ATOM   174  C CG2   . ILE A 1 45  ? 18.285  11.606  -1.694  1.00 29.83 ? 45  ILE A CG2   1 
ATOM   175  C CD1   . ILE A 1 45  ? 16.221  10.701  0.466   1.00 29.41 ? 45  ILE A CD1   1 
ATOM   176  N N     . SER A 1 46  ? 19.573  14.549  -2.524  1.00 29.07 ? 46  SER A N     1 
ATOM   177  C CA    . SER A 1 46  ? 19.987  15.084  -3.814  1.00 28.82 ? 46  SER A CA    1 
ATOM   178  C C     . SER A 1 46  ? 20.380  13.954  -4.760  1.00 28.71 ? 46  SER A C     1 
ATOM   179  O O     . SER A 1 46  ? 20.643  12.834  -4.331  1.00 28.51 ? 46  SER A O     1 
ATOM   180  C CB    . SER A 1 46  ? 21.161  16.051  -3.639  1.00 28.84 ? 46  SER A CB    1 
ATOM   181  O OG    . SER A 1 46  ? 22.287  15.395  -3.087  1.00 28.33 ? 46  SER A OG    1 
ATOM   182  N N     . VAL A 1 47  ? 20.423  14.262  -6.052  1.00 28.54 ? 47  VAL A N     1 
ATOM   183  C CA    . VAL A 1 47  ? 20.856  13.292  -7.054  1.00 28.47 ? 47  VAL A CA    1 
ATOM   184  C C     . VAL A 1 47  ? 22.318  12.888  -6.825  1.00 28.25 ? 47  VAL A C     1 
ATOM   185  O O     . VAL A 1 47  ? 22.698  11.753  -7.103  1.00 27.95 ? 47  VAL A O     1 
ATOM   186  C CB    . VAL A 1 47  ? 20.655  13.824  -8.488  1.00 28.64 ? 47  VAL A CB    1 
ATOM   187  C CG1   . VAL A 1 47  ? 21.186  12.828  -9.505  1.00 28.47 ? 47  VAL A CG1   1 
ATOM   188  C CG2   . VAL A 1 47  ? 19.180  14.099  -8.748  1.00 28.51 ? 47  VAL A CG2   1 
ATOM   189  N N     . ASP A 1 48  ? 23.128  13.814  -6.309  1.00 28.27 ? 48  ASP A N     1 
ATOM   190  C CA    . ASP A 1 48  ? 24.509  13.513  -5.916  1.00 28.11 ? 48  ASP A CA    1 
ATOM   191  C C     . ASP A 1 48  ? 24.575  12.445  -4.825  1.00 27.41 ? 48  ASP A C     1 
ATOM   192  O O     . ASP A 1 48  ? 25.450  11.585  -4.861  1.00 27.28 ? 48  ASP A O     1 
ATOM   193  C CB    . ASP A 1 48  ? 25.237  14.778  -5.431  1.00 28.50 ? 48  ASP A CB    1 
ATOM   194  C CG    . ASP A 1 48  ? 26.134  15.381  -6.491  1.00 29.56 ? 48  ASP A CG    1 
ATOM   195  O OD1   . ASP A 1 48  ? 27.103  14.711  -6.914  1.00 31.74 ? 48  ASP A OD1   1 
ATOM   196  O OD2   . ASP A 1 48  ? 25.954  16.526  -6.956  1.00 31.39 ? 48  ASP A OD2   1 
ATOM   197  N N     . ASP A 1 49  ? 23.657  12.516  -3.858  1.00 26.71 ? 49  ASP A N     1 
ATOM   198  C CA    . ASP A 1 49  ? 23.559  11.508  -2.799  1.00 26.15 ? 49  ASP A CA    1 
ATOM   199  C C     . ASP A 1 49  ? 23.223  10.125  -3.373  1.00 25.00 ? 49  ASP A C     1 
ATOM   200  O O     . ASP A 1 49  ? 23.792  9.121   -2.949  1.00 24.62 ? 49  ASP A O     1 
ATOM   201  C CB    . ASP A 1 49  ? 22.491  11.886  -1.755  1.00 26.42 ? 49  ASP A CB    1 
ATOM   202  C CG    . ASP A 1 49  ? 22.811  13.172  -1.001  1.00 27.27 ? 49  ASP A CG    1 
ATOM   203  O OD1   . ASP A 1 49  ? 23.997  13.467  -0.751  1.00 28.32 ? 49  ASP A OD1   1 
ATOM   204  O OD2   . ASP A 1 49  ? 21.918  13.948  -0.597  1.00 29.05 ? 49  ASP A OD2   1 
ATOM   205  N N     . LEU A 1 50  ? 22.314  10.084  -4.344  1.00 24.04 ? 50  LEU A N     1 
ATOM   206  C CA    . LEU A 1 50  ? 21.866  8.824   -4.935  1.00 23.33 ? 50  LEU A CA    1 
ATOM   207  C C     . LEU A 1 50  ? 22.954  8.165   -5.779  1.00 22.82 ? 50  LEU A C     1 
ATOM   208  O O     . LEU A 1 50  ? 23.172  6.962   -5.681  1.00 22.00 ? 50  LEU A O     1 
ATOM   209  C CB    . LEU A 1 50  ? 20.609  9.041   -5.785  1.00 23.44 ? 50  LEU A CB    1 
ATOM   210  C CG    . LEU A 1 50  ? 19.367  9.515   -5.023  1.00 23.30 ? 50  LEU A CG    1 
ATOM   211  C CD1   . LEU A 1 50  ? 18.234  9.818   -5.984  1.00 23.56 ? 50  LEU A CD1   1 
ATOM   212  C CD2   . LEU A 1 50  ? 18.935  8.482   -3.989  1.00 23.88 ? 50  LEU A CD2   1 
ATOM   213  N N     . ALA A 1 51  ? 23.627  8.957   -6.611  1.00 22.49 ? 51  ALA A N     1 
ATOM   214  C CA    . ALA A 1 51  ? 24.709  8.447   -7.445  1.00 22.35 ? 51  ALA A CA    1 
ATOM   215  C C     . ALA A 1 51  ? 25.843  7.909   -6.581  1.00 22.24 ? 51  ALA A C     1 
ATOM   216  O O     . ALA A 1 51  ? 26.338  6.816   -6.821  1.00 21.69 ? 51  ALA A O     1 
ATOM   217  C CB    . ALA A 1 51  ? 25.225  9.534   -8.384  1.00 22.43 ? 51  ALA A CB    1 
ATOM   218  N N     . LYS A 1 52  ? 26.230  8.675   -5.565  1.00 22.70 ? 52  LYS A N     1 
ATOM   219  C CA    . LYS A 1 52  ? 27.309  8.284   -4.652  1.00 22.83 ? 52  LYS A CA    1 
ATOM   220  C C     . LYS A 1 52  ? 27.033  6.943   -3.964  1.00 22.76 ? 52  LYS A C     1 
ATOM   221  O O     . LYS A 1 52  ? 27.906  6.079   -3.922  1.00 23.19 ? 52  LYS A O     1 
ATOM   222  C CB    . LYS A 1 52  ? 27.542  9.368   -3.596  1.00 23.08 ? 52  LYS A CB    1 
ATOM   223  N N     . GLY A 1 53  ? 25.825  6.774   -3.431  1.00 22.69 ? 53  GLY A N     1 
ATOM   224  C CA    . GLY A 1 53  ? 25.448  5.541   -2.755  1.00 22.18 ? 53  GLY A CA    1 
ATOM   225  C C     . GLY A 1 53  ? 25.402  4.334   -3.679  1.00 22.00 ? 53  GLY A C     1 
ATOM   226  O O     . GLY A 1 53  ? 25.670  3.210   -3.260  1.00 22.24 ? 53  GLY A O     1 
ATOM   227  N N     . ALA A 1 54  ? 25.077  4.570   -4.949  1.00 21.56 ? 54  ALA A N     1 
ATOM   228  C CA    . ALA A 1 54  ? 25.008  3.509   -5.948  1.00 21.33 ? 54  ALA A CA    1 
ATOM   229  C C     . ALA A 1 54  ? 26.357  3.208   -6.617  1.00 21.06 ? 54  ALA A C     1 
ATOM   230  O O     . ALA A 1 54  ? 26.457  2.281   -7.421  1.00 21.58 ? 54  ALA A O     1 
ATOM   231  C CB    . ALA A 1 54  ? 23.965  3.868   -7.007  1.00 21.09 ? 54  ALA A CB    1 
ATOM   232  N N     . GLY A 1 55  ? 27.384  3.996   -6.301  1.00 20.67 ? 55  GLY A N     1 
ATOM   233  C CA    . GLY A 1 55  ? 28.720  3.789   -6.842  1.00 20.13 ? 55  GLY A CA    1 
ATOM   234  C C     . GLY A 1 55  ? 28.894  4.223   -8.291  1.00 19.37 ? 55  GLY A C     1 
ATOM   235  O O     . GLY A 1 55  ? 29.745  3.683   -9.006  1.00 19.73 ? 55  GLY A O     1 
ATOM   236  N N     . ILE A 1 56  ? 28.096  5.205   -8.711  1.00 18.39 ? 56  ILE A N     1 
ATOM   237  C CA    . ILE A 1 56  ? 28.100  5.715   -10.089 1.00 17.86 ? 56  ILE A CA    1 
ATOM   238  C C     . ILE A 1 56  ? 28.255  7.236   -10.124 1.00 17.06 ? 56  ILE A C     1 
ATOM   239  O O     . ILE A 1 56  ? 28.188  7.908   -9.096  1.00 17.17 ? 56  ILE A O     1 
ATOM   240  C CB    . ILE A 1 56  ? 26.786  5.296   -10.817 1.00 17.77 ? 56  ILE A CB    1 
ATOM   241  C CG1   . ILE A 1 56  ? 25.555  5.897   -10.127 1.00 18.13 ? 56  ILE A CG1   1 
ATOM   242  C CG2   . ILE A 1 56  ? 26.677  3.778   -10.874 1.00 18.22 ? 56  ILE A CG2   1 
ATOM   243  C CD1   . ILE A 1 56  ? 24.252  5.633   -10.851 1.00 17.82 ? 56  ILE A CD1   1 
ATOM   244  N N     . SER A 1 57  ? 28.437  7.777   -11.325 1.00 16.43 ? 57  SER A N     1 
ATOM   245  C CA    . SER A 1 57  ? 28.531  9.220   -11.512 1.00 15.46 ? 57  SER A CA    1 
ATOM   246  C C     . SER A 1 57  ? 27.148  9.833   -11.708 1.00 15.25 ? 57  SER A C     1 
ATOM   247  O O     . SER A 1 57  ? 26.182  9.131   -12.010 1.00 14.57 ? 57  SER A O     1 
ATOM   248  C CB    . SER A 1 57  ? 29.386  9.519   -12.739 1.00 15.52 ? 57  SER A CB    1 
ATOM   249  O OG    . SER A 1 57  ? 28.678  9.179   -13.912 1.00 13.77 ? 57  SER A OG    1 
ATOM   250  N N     . ARG A 1 58  ? 27.072  11.151  -11.557 1.00 15.04 ? 58  ARG A N     1 
ATOM   251  C CA    . ARG A 1 58  ? 25.854  11.906  -11.840 1.00 15.22 ? 58  ARG A CA    1 
ATOM   252  C C     . ARG A 1 58  ? 25.279  11.644  -13.241 1.00 14.29 ? 58  ARG A C     1 
ATOM   253  O O     . ARG A 1 58  ? 24.113  11.290  -13.361 1.00 13.84 ? 58  ARG A O     1 
ATOM   254  C CB    . ARG A 1 58  ? 26.097  13.409  -11.666 1.00 16.29 ? 58  ARG A CB    1 
ATOM   255  C CG    . ARG A 1 58  ? 26.025  13.907  -10.244 1.00 19.03 ? 58  ARG A CG    1 
ATOM   256  C CD    . ARG A 1 58  ? 26.101  15.433  -10.140 1.00 22.49 ? 58  ARG A CD    1 
ATOM   257  N NE    . ARG A 1 58  ? 24.773  16.002  -9.902  1.00 25.63 ? 58  ARG A NE    1 
ATOM   258  C CZ    . ARG A 1 58  ? 23.982  16.550  -10.828 1.00 26.89 ? 58  ARG A CZ    1 
ATOM   259  N NH1   . ARG A 1 58  ? 24.364  16.637  -12.100 1.00 27.48 ? 58  ARG A NH1   1 
ATOM   260  N NH2   . ARG A 1 58  ? 22.785  17.019  -10.470 1.00 27.39 ? 58  ARG A NH2   1 
ATOM   261  N N     . PRO A 1 59  ? 26.060  11.830  -14.307 1.00 13.00 ? 59  PRO A N     1 
ATOM   262  C CA    . PRO A 1 59  ? 25.526  11.594  -15.654 1.00 12.64 ? 59  PRO A CA    1 
ATOM   263  C C     . PRO A 1 59  ? 25.080  10.144  -15.880 1.00 12.36 ? 59  PRO A C     1 
ATOM   264  O O     . PRO A 1 59  ? 24.132  9.911   -16.618 1.00 11.40 ? 59  PRO A O     1 
ATOM   265  C CB    . PRO A 1 59  ? 26.700  11.962  -16.580 1.00 12.50 ? 59  PRO A CB    1 
ATOM   266  C CG    . PRO A 1 59  ? 27.889  11.940  -15.742 1.00 12.50 ? 59  PRO A CG    1 
ATOM   267  C CD    . PRO A 1 59  ? 27.462  12.281  -14.349 1.00 13.33 ? 59  PRO A CD    1 
ATOM   268  N N     . THR A 1 60  ? 25.750  9.192   -15.242 1.00 12.52 ? 60  THR A N     1 
ATOM   269  C CA    . THR A 1 60  ? 25.337  7.788   -15.320 1.00 12.78 ? 60  THR A CA    1 
ATOM   270  C C     . THR A 1 60  ? 23.969  7.578   -14.657 1.00 13.30 ? 60  THR A C     1 
ATOM   271  O O     . THR A 1 60  ? 23.148  6.823   -15.172 1.00 13.18 ? 60  THR A O     1 
ATOM   272  C CB    . THR A 1 60  ? 26.429  6.867   -14.710 1.00 12.84 ? 60  THR A CB    1 
ATOM   273  O OG1   . THR A 1 60  ? 27.571  6.843   -15.580 1.00 11.85 ? 60  THR A OG1   1 
ATOM   274  C CG2   . THR A 1 60  ? 25.978  5.406   -14.657 1.00 12.90 ? 60  THR A CG2   1 
ATOM   275  N N     . PHE A 1 61  ? 23.727  8.258   -13.536 1.00 13.44 ? 61  PHE A N     1 
ATOM   276  C CA    . PHE A 1 61  ? 22.416  8.253   -12.883 1.00 14.13 ? 61  PHE A CA    1 
ATOM   277  C C     . PHE A 1 61  ? 21.323  8.699   -13.853 1.00 14.48 ? 61  PHE A C     1 
ATOM   278  O O     . PHE A 1 61  ? 20.271  8.073   -13.930 1.00 14.62 ? 61  PHE A O     1 
ATOM   279  C CB    . PHE A 1 61  ? 22.418  9.158   -11.638 1.00 14.30 ? 61  PHE A CB    1 
ATOM   280  C CG    . PHE A 1 61  ? 21.046  9.411   -11.070 1.00 15.16 ? 61  PHE A CG    1 
ATOM   281  C CD1   . PHE A 1 61  ? 20.528  8.584   -10.083 1.00 16.69 ? 61  PHE A CD1   1 
ATOM   282  C CD2   . PHE A 1 61  ? 20.268  10.462  -11.538 1.00 16.28 ? 61  PHE A CD2   1 
ATOM   283  C CE1   . PHE A 1 61  ? 19.258  8.805   -9.571  1.00 17.26 ? 61  PHE A CE1   1 
ATOM   284  C CE2   . PHE A 1 61  ? 18.994  10.689  -11.027 1.00 17.63 ? 61  PHE A CE2   1 
ATOM   285  C CZ    . PHE A 1 61  ? 18.493  9.858   -10.040 1.00 17.49 ? 61  PHE A CZ    1 
ATOM   286  N N     . TYR A 1 62  ? 21.577  9.771   -14.597 1.00 14.61 ? 62  TYR A N     1 
ATOM   287  C CA    . TYR A 1 62  ? 20.576  10.321  -15.509 1.00 15.12 ? 62  TYR A CA    1 
ATOM   288  C C     . TYR A 1 62  ? 20.301  9.400   -16.702 1.00 15.01 ? 62  TYR A C     1 
ATOM   289  O O     . TYR A 1 62  ? 19.279  9.538   -17.362 1.00 15.17 ? 62  TYR A O     1 
ATOM   290  C CB    . TYR A 1 62  ? 20.966  11.730  -15.965 1.00 15.30 ? 62  TYR A CB    1 
ATOM   291  C CG    . TYR A 1 62  ? 20.754  12.791  -14.901 1.00 15.99 ? 62  TYR A CG    1 
ATOM   292  C CD1   . TYR A 1 62  ? 21.828  13.493  -14.367 1.00 17.63 ? 62  TYR A CD1   1 
ATOM   293  C CD2   . TYR A 1 62  ? 19.472  13.097  -14.432 1.00 16.72 ? 62  TYR A CD2   1 
ATOM   294  C CE1   . TYR A 1 62  ? 21.638  14.474  -13.403 1.00 18.84 ? 62  TYR A CE1   1 
ATOM   295  C CE2   . TYR A 1 62  ? 19.277  14.073  -13.464 1.00 17.53 ? 62  TYR A CE2   1 
ATOM   296  C CZ    . TYR A 1 62  ? 20.363  14.753  -12.952 1.00 18.18 ? 62  TYR A CZ    1 
ATOM   297  O OH    . TYR A 1 62  ? 20.188  15.718  -11.990 1.00 20.49 ? 62  TYR A OH    1 
ATOM   298  N N     . PHE A 1 63  ? 21.199  8.457   -16.973 1.00 15.38 ? 63  PHE A N     1 
ATOM   299  C CA    . PHE A 1 63  ? 20.916  7.396   -17.936 1.00 15.83 ? 63  PHE A CA    1 
ATOM   300  C C     . PHE A 1 63  ? 19.775  6.476   -17.471 1.00 16.65 ? 63  PHE A C     1 
ATOM   301  O O     . PHE A 1 63  ? 18.951  6.060   -18.280 1.00 16.96 ? 63  PHE A O     1 
ATOM   302  C CB    . PHE A 1 63  ? 22.163  6.555   -18.201 1.00 15.73 ? 63  PHE A CB    1 
ATOM   303  C CG    . PHE A 1 63  ? 21.966  5.492   -19.242 1.00 15.60 ? 63  PHE A CG    1 
ATOM   304  C CD1   . PHE A 1 63  ? 21.866  5.830   -20.584 1.00 16.24 ? 63  PHE A CD1   1 
ATOM   305  C CD2   . PHE A 1 63  ? 21.874  4.152   -18.879 1.00 16.59 ? 63  PHE A CD2   1 
ATOM   306  C CE1   . PHE A 1 63  ? 21.678  4.851   -21.549 1.00 17.38 ? 63  PHE A CE1   1 
ATOM   307  C CE2   . PHE A 1 63  ? 21.693  3.163   -19.846 1.00 17.81 ? 63  PHE A CE2   1 
ATOM   308  C CZ    . PHE A 1 63  ? 21.592  3.514   -21.180 1.00 17.95 ? 63  PHE A CZ    1 
ATOM   309  N N     . TYR A 1 64  ? 19.739  6.165   -16.178 1.00 17.61 ? 64  TYR A N     1 
ATOM   310  C CA    . TYR A 1 64  ? 18.739  5.241   -15.623 1.00 18.41 ? 64  TYR A CA    1 
ATOM   311  C C     . TYR A 1 64  ? 17.432  5.917   -15.187 1.00 18.68 ? 64  TYR A C     1 
ATOM   312  O O     . TYR A 1 64  ? 16.356  5.328   -15.338 1.00 18.98 ? 64  TYR A O     1 
ATOM   313  C CB    . TYR A 1 64  ? 19.341  4.437   -14.462 1.00 18.61 ? 64  TYR A CB    1 
ATOM   314  C CG    . TYR A 1 64  ? 20.435  3.498   -14.891 1.00 19.31 ? 64  TYR A CG    1 
ATOM   315  C CD1   . TYR A 1 64  ? 21.780  3.822   -14.701 1.00 19.81 ? 64  TYR A CD1   1 
ATOM   316  C CD2   . TYR A 1 64  ? 20.136  2.284   -15.504 1.00 20.44 ? 64  TYR A CD2   1 
ATOM   317  C CE1   . TYR A 1 64  ? 22.793  2.962   -15.111 1.00 21.03 ? 64  TYR A CE1   1 
ATOM   318  C CE2   . TYR A 1 64  ? 21.141  1.419   -15.913 1.00 21.62 ? 64  TYR A CE2   1 
ATOM   319  C CZ    . TYR A 1 64  ? 22.469  1.763   -15.716 1.00 21.54 ? 64  TYR A CZ    1 
ATOM   320  O OH    . TYR A 1 64  ? 23.467  0.909   -16.119 1.00 22.41 ? 64  TYR A OH    1 
ATOM   321  N N     . PHE A 1 65  ? 17.518  7.142   -14.659 1.00 18.85 ? 65  PHE A N     1 
ATOM   322  C CA    . PHE A 1 65  ? 16.348  7.884   -14.165 1.00 19.45 ? 65  PHE A CA    1 
ATOM   323  C C     . PHE A 1 65  ? 16.454  9.377   -14.521 1.00 20.22 ? 65  PHE A C     1 
ATOM   324  O O     . PHE A 1 65  ? 17.524  9.974   -14.368 1.00 19.92 ? 65  PHE A O     1 
ATOM   325  C CB    . PHE A 1 65  ? 16.238  7.751   -12.639 1.00 19.27 ? 65  PHE A CB    1 
ATOM   326  C CG    . PHE A 1 65  ? 15.948  6.352   -12.161 1.00 19.00 ? 65  PHE A CG    1 
ATOM   327  C CD1   . PHE A 1 65  ? 16.971  5.520   -11.722 1.00 19.28 ? 65  PHE A CD1   1 
ATOM   328  C CD2   . PHE A 1 65  ? 14.645  5.868   -12.137 1.00 18.62 ? 65  PHE A CD2   1 
ATOM   329  C CE1   . PHE A 1 65  ? 16.708  4.225   -11.276 1.00 18.57 ? 65  PHE A CE1   1 
ATOM   330  C CE2   . PHE A 1 65  ? 14.371  4.575   -11.689 1.00 18.67 ? 65  PHE A CE2   1 
ATOM   331  C CZ    . PHE A 1 65  ? 15.399  3.754   -11.256 1.00 19.16 ? 65  PHE A CZ    1 
ATOM   332  N N     . PRO A 1 66  ? 15.363  9.991   -14.987 1.00 21.00 ? 66  PRO A N     1 
ATOM   333  C CA    . PRO A 1 66  ? 15.368  11.426  -15.315 1.00 21.33 ? 66  PRO A CA    1 
ATOM   334  C C     . PRO A 1 66  ? 15.437  12.358  -14.103 1.00 21.59 ? 66  PRO A C     1 
ATOM   335  O O     . PRO A 1 66  ? 15.876  13.497  -14.234 1.00 21.77 ? 66  PRO A O     1 
ATOM   336  C CB    . PRO A 1 66  ? 14.036  11.617  -16.043 1.00 21.39 ? 66  PRO A CB    1 
ATOM   337  C CG    . PRO A 1 66  ? 13.165  10.546  -15.529 1.00 21.68 ? 66  PRO A CG    1 
ATOM   338  C CD    . PRO A 1 66  ? 14.053  9.373   -15.269 1.00 21.09 ? 66  PRO A CD    1 
ATOM   339  N N     . SER A 1 67  ? 14.975  11.886  -12.946 1.00 21.50 ? 67  SER A N     1 
ATOM   340  C CA    . SER A 1 67  ? 14.990  12.682  -11.724 1.00 21.91 ? 67  SER A CA    1 
ATOM   341  C C     . SER A 1 67  ? 14.896  11.782  -10.493 1.00 21.83 ? 67  SER A C     1 
ATOM   342  O O     . SER A 1 67  ? 14.623  10.593  -10.612 1.00 21.65 ? 67  SER A O     1 
ATOM   343  C CB    . SER A 1 67  ? 13.808  13.651  -11.719 1.00 22.03 ? 67  SER A CB    1 
ATOM   344  O OG    . SER A 1 67  ? 12.579  12.941  -11.625 1.00 22.44 ? 67  SER A OG    1 
ATOM   345  N N     . LYS A 1 68  ? 15.114  12.363  -9.318  1.00 22.25 ? 68  LYS A N     1 
ATOM   346  C CA    . LYS A 1 68  ? 14.944  11.632  -8.059  1.00 22.72 ? 68  LYS A CA    1 
ATOM   347  C C     . LYS A 1 68  ? 13.471  11.291  -7.793  1.00 22.82 ? 68  LYS A C     1 
ATOM   348  O O     . LYS A 1 68  ? 13.174  10.311  -7.107  1.00 22.32 ? 68  LYS A O     1 
ATOM   349  C CB    . LYS A 1 68  ? 15.537  12.417  -6.884  1.00 22.98 ? 68  LYS A CB    1 
ATOM   350  C CG    . LYS A 1 68  ? 14.783  13.685  -6.511  1.00 23.91 ? 68  LYS A CG    1 
ATOM   351  C CD    . LYS A 1 68  ? 15.565  14.511  -5.506  1.00 25.24 ? 68  LYS A CD    1 
ATOM   352  C CE    . LYS A 1 68  ? 14.813  15.782  -5.122  1.00 25.86 ? 68  LYS A CE    1 
ATOM   353  N NZ    . LYS A 1 68  ? 15.505  16.530  -4.033  1.00 26.74 ? 68  LYS A NZ    1 
ATOM   354  N N     . GLU A 1 69  ? 12.559  12.090  -8.345  1.00 22.84 ? 69  GLU A N     1 
ATOM   355  C CA    . GLU A 1 69  ? 11.127  11.817  -8.246  1.00 22.78 ? 69  GLU A CA    1 
ATOM   356  C C     . GLU A 1 69  ? 10.760  10.553  -9.026  1.00 22.10 ? 69  GLU A C     1 
ATOM   357  O O     . GLU A 1 69  ? 9.885   9.790   -8.613  1.00 21.80 ? 69  GLU A O     1 
ATOM   358  C CB    . GLU A 1 69  ? 10.307  13.010  -8.751  1.00 23.21 ? 69  GLU A CB    1 
ATOM   359  C CG    . GLU A 1 69  ? 10.245  14.183  -7.776  1.00 24.64 ? 69  GLU A CG    1 
ATOM   360  C CD    . GLU A 1 69  ? 11.358  15.204  -7.957  1.00 26.81 ? 69  GLU A CD    1 
ATOM   361  O OE1   . GLU A 1 69  ? 12.168  15.095  -8.906  1.00 27.58 ? 69  GLU A OE1   1 
ATOM   362  O OE2   . GLU A 1 69  ? 11.423  16.135  -7.128  1.00 29.86 ? 69  GLU A OE2   1 
ATOM   363  N N     . ALA A 1 70  ? 11.435  10.329  -10.149 1.00 21.35 ? 70  ALA A N     1 
ATOM   364  C CA    . ALA A 1 70  ? 11.230  9.123   -10.940 1.00 20.59 ? 70  ALA A CA    1 
ATOM   365  C C     . ALA A 1 70  ? 11.717  7.874   -10.203 1.00 19.89 ? 70  ALA A C     1 
ATOM   366  O O     . ALA A 1 70  ? 11.190  6.783   -10.417 1.00 19.89 ? 70  ALA A O     1 
ATOM   367  C CB    . ALA A 1 70  ? 11.944  9.242   -12.284 1.00 20.63 ? 70  ALA A CB    1 
ATOM   368  N N     . VAL A 1 71  ? 12.735  8.035   -9.363  1.00 19.14 ? 71  VAL A N     1 
ATOM   369  C CA    . VAL A 1 71  ? 13.241  6.934   -8.548  1.00 18.89 ? 71  VAL A CA    1 
ATOM   370  C C     . VAL A 1 71  ? 12.176  6.521   -7.531  1.00 18.92 ? 71  VAL A C     1 
ATOM   371  O O     . VAL A 1 71  ? 11.928  5.335   -7.351  1.00 18.93 ? 71  VAL A O     1 
ATOM   372  C CB    . VAL A 1 71  ? 14.552  7.294   -7.817  1.00 18.76 ? 71  VAL A CB    1 
ATOM   373  C CG1   . VAL A 1 71  ? 14.993  6.159   -6.893  1.00 18.64 ? 71  VAL A CG1   1 
ATOM   374  C CG2   . VAL A 1 71  ? 15.670  7.593   -8.817  1.00 18.79 ? 71  VAL A CG2   1 
ATOM   375  N N     . LEU A 1 72  ? 11.555  7.502   -6.880  1.00 19.04 ? 72  LEU A N     1 
ATOM   376  C CA    . LEU A 1 72  ? 10.508  7.223   -5.889  1.00 19.27 ? 72  LEU A CA    1 
ATOM   377  C C     . LEU A 1 72  ? 9.317   6.521   -6.531  1.00 19.38 ? 72  LEU A C     1 
ATOM   378  O O     . LEU A 1 72  ? 8.758   5.591   -5.957  1.00 19.73 ? 72  LEU A O     1 
ATOM   379  C CB    . LEU A 1 72  ? 10.033  8.509   -5.209  1.00 19.47 ? 72  LEU A CB    1 
ATOM   380  C CG    . LEU A 1 72  ? 8.799   8.379   -4.305  1.00 19.82 ? 72  LEU A CG    1 
ATOM   381  C CD1   . LEU A 1 72  ? 9.089   7.416   -3.169  1.00 20.50 ? 72  LEU A CD1   1 
ATOM   382  C CD2   . LEU A 1 72  ? 8.373   9.736   -3.777  1.00 20.36 ? 72  LEU A CD2   1 
ATOM   383  N N     . LEU A 1 73  ? 8.915   6.980   -7.709  1.00 19.41 ? 73  LEU A N     1 
ATOM   384  C CA    . LEU A 1 73  ? 7.810   6.364   -8.433  1.00 19.61 ? 73  LEU A CA    1 
ATOM   385  C C     . LEU A 1 73  ? 8.069   4.879   -8.705  1.00 19.62 ? 73  LEU A C     1 
ATOM   386  O O     . LEU A 1 73  ? 7.172   4.049   -8.536  1.00 19.61 ? 73  LEU A O     1 
ATOM   387  C CB    . LEU A 1 73  ? 7.564   7.110   -9.743  1.00 19.67 ? 73  LEU A CB    1 
ATOM   388  C CG    . LEU A 1 73  ? 6.439   6.602   -10.641 1.00 20.62 ? 73  LEU A CG    1 
ATOM   389  C CD1   . LEU A 1 73  ? 5.094   6.653   -9.909  1.00 20.63 ? 73  LEU A CD1   1 
ATOM   390  C CD2   . LEU A 1 73  ? 6.406   7.432   -11.917 1.00 21.52 ? 73  LEU A CD2   1 
ATOM   391  N N     . THR A 1 74  ? 9.295   4.544   -9.113  1.00 19.40 ? 74  THR A N     1 
ATOM   392  C CA    . THR A 1 74  ? 9.679   3.152   -9.359  1.00 19.48 ? 74  THR A CA    1 
ATOM   393  C C     . THR A 1 74  ? 9.656   2.301   -8.079  1.00 19.18 ? 74  THR A C     1 
ATOM   394  O O     . THR A 1 74  ? 9.240   1.132   -8.105  1.00 19.38 ? 74  THR A O     1 
ATOM   395  C CB    . THR A 1 74  ? 11.073  3.090   -10.017 1.00 19.66 ? 74  THR A CB    1 
ATOM   396  O OG1   . THR A 1 74  ? 11.016  3.675   -11.325 1.00 20.66 ? 74  THR A OG1   1 
ATOM   397  C CG2   . THR A 1 74  ? 11.499  1.649   -10.275 1.00 19.36 ? 74  THR A CG2   1 
ATOM   398  N N     . LEU A 1 75  ? 10.107  2.876   -6.968  1.00 18.98 ? 75  LEU A N     1 
ATOM   399  C CA    . LEU A 1 75  ? 10.046  2.195   -5.676  1.00 19.08 ? 75  LEU A CA    1 
ATOM   400  C C     . LEU A 1 75  ? 8.599   1.911   -5.285  1.00 19.21 ? 75  LEU A C     1 
ATOM   401  O O     . LEU A 1 75  ? 8.294   0.823   -4.808  1.00 18.76 ? 75  LEU A O     1 
ATOM   402  C CB    . LEU A 1 75  ? 10.708  3.023   -4.572  1.00 19.18 ? 75  LEU A CB    1 
ATOM   403  C CG    . LEU A 1 75  ? 12.239  3.056   -4.570  1.00 19.42 ? 75  LEU A CG    1 
ATOM   404  C CD1   . LEU A 1 75  ? 12.722  4.069   -3.538  1.00 20.36 ? 75  LEU A CD1   1 
ATOM   405  C CD2   . LEU A 1 75  ? 12.814  1.668   -4.297  1.00 19.78 ? 75  LEU A CD2   1 
ATOM   406  N N     . LEU A 1 76  ? 7.718   2.885   -5.487  1.00 19.56 ? 76  LEU A N     1 
ATOM   407  C CA    . LEU A 1 76  ? 6.310   2.724   -5.117  1.00 20.47 ? 76  LEU A CA    1 
ATOM   408  C C     . LEU A 1 76  ? 5.641   1.670   -5.982  1.00 20.61 ? 76  LEU A C     1 
ATOM   409  O O     . LEU A 1 76  ? 4.869   0.854   -5.489  1.00 20.45 ? 76  LEU A O     1 
ATOM   410  C CB    . LEU A 1 76  ? 5.549   4.048   -5.233  1.00 20.75 ? 76  LEU A CB    1 
ATOM   411  C CG    . LEU A 1 76  ? 4.110   4.046   -4.703  1.00 22.73 ? 76  LEU A CG    1 
ATOM   412  C CD1   . LEU A 1 76  ? 4.030   3.529   -3.268  1.00 24.16 ? 76  LEU A CD1   1 
ATOM   413  C CD2   . LEU A 1 76  ? 3.506   5.443   -4.795  1.00 24.23 ? 76  LEU A CD2   1 
ATOM   414  N N     . ASP A 1 77  ? 5.939   1.688   -7.274  1.00 20.66 ? 77  ASP A N     1 
ATOM   415  C CA    . ASP A 1 77  ? 5.403   0.699   -8.196  1.00 21.10 ? 77  ASP A CA    1 
ATOM   416  C C     . ASP A 1 77  ? 5.768   -0.718  -7.760  1.00 20.74 ? 77  ASP A C     1 
ATOM   417  O O     . ASP A 1 77  ? 4.963   -1.636  -7.878  1.00 20.65 ? 77  ASP A O     1 
ATOM   418  C CB    . ASP A 1 77  ? 5.940   0.951   -9.608  1.00 21.30 ? 77  ASP A CB    1 
ATOM   419  C CG    . ASP A 1 77  ? 5.209   0.146   -10.659 1.00 23.71 ? 77  ASP A CG    1 
ATOM   420  O OD1   . ASP A 1 77  ? 5.680   -0.960  -11.001 1.00 27.86 ? 77  ASP A OD1   1 
ATOM   421  O OD2   . ASP A 1 77  ? 4.159   0.543   -11.200 1.00 26.57 ? 77  ASP A OD2   1 
ATOM   422  N N     . ARG A 1 78  ? 6.992   -0.886  -7.266  1.00 20.45 ? 78  ARG A N     1 
ATOM   423  C CA    . ARG A 1 78  ? 7.470   -2.182  -6.795  1.00 20.78 ? 78  ARG A CA    1 
ATOM   424  C C     . ARG A 1 78  ? 6.684   -2.639  -5.565  1.00 20.36 ? 78  ARG A C     1 
ATOM   425  O O     . ARG A 1 78  ? 6.251   -3.788  -5.492  1.00 19.95 ? 78  ARG A O     1 
ATOM   426  C CB    . ARG A 1 78  ? 8.962   -2.107  -6.438  1.00 21.30 ? 78  ARG A CB    1 
ATOM   427  C CG    . ARG A 1 78  ? 9.879   -2.985  -7.289  1.00 24.57 ? 78  ARG A CG    1 
ATOM   428  C CD    . ARG A 1 78  ? 11.362  -3.043  -6.822  1.00 26.53 ? 78  ARG A CD    1 
ATOM   429  N NE    . ARG A 1 78  ? 11.560  -2.564  -5.452  1.00 29.31 ? 78  ARG A NE    1 
ATOM   430  C CZ    . ARG A 1 78  ? 12.740  -2.271  -4.903  1.00 30.50 ? 78  ARG A CZ    1 
ATOM   431  N NH1   . ARG A 1 78  ? 13.878  -2.440  -5.573  1.00 31.48 ? 78  ARG A NH1   1 
ATOM   432  N NH2   . ARG A 1 78  ? 12.782  -1.827  -3.651  1.00 32.45 ? 78  ARG A NH2   1 
ATOM   433  N N     . VAL A 1 79  ? 6.502   -1.732  -4.611  1.00 20.21 ? 79  VAL A N     1 
ATOM   434  C CA    . VAL A 1 79  ? 5.827   -2.056  -3.347  1.00 20.22 ? 79  VAL A CA    1 
ATOM   435  C C     . VAL A 1 79  ? 4.354   -2.368  -3.578  1.00 20.13 ? 79  VAL A C     1 
ATOM   436  O O     . VAL A 1 79  ? 3.839   -3.345  -3.044  1.00 19.43 ? 79  VAL A O     1 
ATOM   437  C CB    . VAL A 1 79  ? 5.971   -0.913  -2.310  1.00 20.66 ? 79  VAL A CB    1 
ATOM   438  C CG1   . VAL A 1 79  ? 5.102   -1.172  -1.077  1.00 20.63 ? 79  VAL A CG1   1 
ATOM   439  C CG2   . VAL A 1 79  ? 7.421   -0.749  -1.902  1.00 21.67 ? 79  VAL A CG2   1 
ATOM   440  N N     . VAL A 1 80  ? 3.691   -1.548  -4.393  1.00 19.86 ? 80  VAL A N     1 
ATOM   441  C CA    . VAL A 1 80  ? 2.264   -1.726  -4.670  1.00 20.33 ? 80  VAL A CA    1 
ATOM   442  C C     . VAL A 1 80  ? 2.009   -3.022  -5.453  1.00 19.87 ? 80  VAL A C     1 
ATOM   443  O O     . VAL A 1 80  ? 1.031   -3.710  -5.198  1.00 20.07 ? 80  VAL A O     1 
ATOM   444  C CB    . VAL A 1 80  ? 1.619   -0.504  -5.385  1.00 20.67 ? 80  VAL A CB    1 
ATOM   445  C CG1   . VAL A 1 80  ? 1.821   0.767   -4.562  1.00 21.14 ? 80  VAL A CG1   1 
ATOM   446  C CG2   . VAL A 1 80  ? 2.135   -0.338  -6.795  1.00 22.66 ? 80  VAL A CG2   1 
ATOM   447  N N     . ASN A 1 81  ? 2.904   -3.376  -6.374  1.00 19.31 ? 81  ASN A N     1 
ATOM   448  C CA    . ASN A 1 81  ? 2.757   -4.635  -7.107  1.00 19.20 ? 81  ASN A CA    1 
ATOM   449  C C     . ASN A 1 81  ? 3.041   -5.857  -6.233  1.00 18.94 ? 81  ASN A C     1 
ATOM   450  O O     . ASN A 1 81  ? 2.434   -6.906  -6.419  1.00 18.59 ? 81  ASN A O     1 
ATOM   451  C CB    . ASN A 1 81  ? 3.606   -4.638  -8.387  1.00 19.45 ? 81  ASN A CB    1 
ATOM   452  C CG    . ASN A 1 81  ? 2.889   -3.967  -9.548  1.00 20.30 ? 81  ASN A CG    1 
ATOM   453  O OD1   . ASN A 1 81  ? 2.028   -4.575  -10.200 1.00 22.29 ? 81  ASN A OD1   1 
ATOM   454  N ND2   . ASN A 1 81  ? 3.214   -2.705  -9.795  1.00 21.60 ? 81  ASN A ND2   1 
ATOM   455  N N     . GLN A 1 82  ? 3.938   -5.719  -5.264  1.00 18.65 ? 82  GLN A N     1 
ATOM   456  C CA    . GLN A 1 82  ? 4.196   -6.796  -4.322  1.00 19.01 ? 82  GLN A CA    1 
ATOM   457  C C     . GLN A 1 82  ? 2.946   -7.112  -3.501  1.00 18.15 ? 82  GLN A C     1 
ATOM   458  O O     . GLN A 1 82  ? 2.602   -8.271  -3.309  1.00 17.75 ? 82  GLN A O     1 
ATOM   459  C CB    . GLN A 1 82  ? 5.354   -6.429  -3.398  1.00 19.58 ? 82  GLN A CB    1 
ATOM   460  C CG    . GLN A 1 82  ? 5.790   -7.567  -2.520  1.00 21.68 ? 82  GLN A CG    1 
ATOM   461  C CD    . GLN A 1 82  ? 7.024   -7.233  -1.723  1.00 24.55 ? 82  GLN A CD    1 
ATOM   462  O OE1   . GLN A 1 82  ? 8.086   -6.992  -2.296  1.00 29.42 ? 82  GLN A OE1   1 
ATOM   463  N NE2   . GLN A 1 82  ? 6.899   -7.230  -0.409  1.00 26.94 ? 82  GLN A NE2   1 
ATOM   464  N N     . ALA A 1 83  ? 2.256   -6.071  -3.041  1.00 17.53 ? 83  ALA A N     1 
ATOM   465  C CA    . ALA A 1 83  ? 1.020   -6.250  -2.282  1.00 17.02 ? 83  ALA A CA    1 
ATOM   466  C C     . ALA A 1 83  ? -0.070  -6.858  -3.164  1.00 16.69 ? 83  ALA A C     1 
ATOM   467  O O     . ALA A 1 83  ? -0.793  -7.752  -2.746  1.00 16.19 ? 83  ALA A O     1 
ATOM   468  C CB    . ALA A 1 83  ? 0.550   -4.900  -1.706  1.00 17.15 ? 83  ALA A CB    1 
ATOM   469  N N     . ASP A 1 84  ? -0.174  -6.369  -4.394  1.00 17.06 ? 84  ASP A N     1 
ATOM   470  C CA    . ASP A 1 84  ? -1.208  -6.830  -5.316  1.00 17.40 ? 84  ASP A CA    1 
ATOM   471  C C     . ASP A 1 84  ? -1.024  -8.311  -5.667  1.00 17.84 ? 84  ASP A C     1 
ATOM   472  O O     . ASP A 1 84  ? -1.986  -9.059  -5.692  1.00 18.00 ? 84  ASP A O     1 
ATOM   473  C CB    . ASP A 1 84  ? -1.220  -5.982  -6.584  1.00 17.40 ? 84  ASP A CB    1 
ATOM   474  C CG    . ASP A 1 84  ? -2.451  -6.222  -7.427  1.00 18.21 ? 84  ASP A CG    1 
ATOM   475  O OD1   . ASP A 1 84  ? -2.298  -6.637  -8.597  1.00 20.59 ? 84  ASP A OD1   1 
ATOM   476  O OD2   . ASP A 1 84  ? -3.608  -6.051  -6.994  1.00 19.86 ? 84  ASP A OD2   1 
ATOM   477  N N     . MET A 1 85  ? 0.217   -8.725  -5.919  1.00 18.51 ? 85  MET A N     1 
ATOM   478  C CA    . MET A 1 85  ? 0.528   -10.128 -6.226  1.00 19.21 ? 85  MET A CA    1 
ATOM   479  C C     . MET A 1 85  ? 0.243   -11.055 -5.036  1.00 18.61 ? 85  MET A C     1 
ATOM   480  O O     . MET A 1 85  ? -0.250  -12.166 -5.214  1.00 17.92 ? 85  MET A O     1 
ATOM   481  C CB    . MET A 1 85  ? 1.982   -10.270 -6.693  1.00 20.20 ? 85  MET A CB    1 
ATOM   482  C CG    . MET A 1 85  ? 2.211   -9.721  -8.104  1.00 23.02 ? 85  MET A CG    1 
ATOM   483  S SD    . MET A 1 85  ? 3.929   -9.769  -8.695  1.00 31.27 ? 85  MET A SD    1 
ATOM   484  C CE    . MET A 1 85  ? 4.449   -11.426 -8.194  1.00 29.74 ? 85  MET A CE    1 
ATOM   485  N N     . ALA A 1 86  ? 0.531   -10.588 -3.822  1.00 18.24 ? 86  ALA A N     1 
ATOM   486  C CA    . ALA A 1 86  ? 0.214   -11.354 -2.627  1.00 17.96 ? 86  ALA A CA    1 
ATOM   487  C C     . ALA A 1 86  ? -1.302  -11.514 -2.463  1.00 17.96 ? 86  ALA A C     1 
ATOM   488  O O     . ALA A 1 86  ? -1.784  -12.593 -2.149  1.00 18.03 ? 86  ALA A O     1 
ATOM   489  C CB    . ALA A 1 86  ? 0.836   -10.705 -1.396  1.00 18.08 ? 86  ALA A CB    1 
ATOM   490  N N     . LEU A 1 87  ? -2.059  -10.450 -2.699  1.00 18.36 ? 87  LEU A N     1 
ATOM   491  C CA    . LEU A 1 87  ? -3.514  -10.535 -2.627  1.00 18.84 ? 87  LEU A CA    1 
ATOM   492  C C     . LEU A 1 87  ? -4.055  -11.503 -3.694  1.00 19.24 ? 87  LEU A C     1 
ATOM   493  O O     . LEU A 1 87  ? -4.966  -12.282 -3.419  1.00 18.76 ? 87  LEU A O     1 
ATOM   494  C CB    . LEU A 1 87  ? -4.140  -9.145  -2.780  1.00 19.00 ? 87  LEU A CB    1 
ATOM   495  C CG    . LEU A 1 87  ? -5.654  -9.072  -2.577  1.00 20.81 ? 87  LEU A CG    1 
ATOM   496  C CD1   . LEU A 1 87  ? -6.055  -9.566  -1.195  1.00 21.50 ? 87  LEU A CD1   1 
ATOM   497  C CD2   . LEU A 1 87  ? -6.137  -7.638  -2.796  1.00 21.75 ? 87  LEU A CD2   1 
ATOM   498  N N     . GLN A 1 88  ? -3.476  -11.474 -4.893  1.00 19.83 ? 88  GLN A N     1 
ATOM   499  C CA    . GLN A 1 88  ? -3.871  -12.402 -5.963  1.00 20.91 ? 88  GLN A CA    1 
ATOM   500  C C     . GLN A 1 88  ? -3.656  -13.859 -5.551  1.00 21.03 ? 88  GLN A C     1 
ATOM   501  O O     . GLN A 1 88  ? -4.476  -14.724 -5.850  1.00 20.72 ? 88  GLN A O     1 
ATOM   502  C CB    . GLN A 1 88  ? -3.077  -12.142 -7.251  1.00 21.33 ? 88  GLN A CB    1 
ATOM   503  C CG    . GLN A 1 88  ? -3.482  -10.892 -8.014  1.00 23.66 ? 88  GLN A CG    1 
ATOM   504  C CD    . GLN A 1 88  ? -2.715  -10.734 -9.318  1.00 26.49 ? 88  GLN A CD    1 
ATOM   505  O OE1   . GLN A 1 88  ? -2.095  -9.693  -9.566  1.00 28.86 ? 88  GLN A OE1   1 
ATOM   506  N NE2   . GLN A 1 88  ? -2.752  -11.767 -10.152 1.00 27.60 ? 88  GLN A NE2   1 
ATOM   507  N N     . THR A 1 89  ? -2.546  -14.127 -4.867  1.00 21.53 ? 89  THR A N     1 
ATOM   508  C CA    . THR A 1 89  ? -2.223  -15.486 -4.443  1.00 22.36 ? 89  THR A CA    1 
ATOM   509  C C     . THR A 1 89  ? -3.264  -15.974 -3.448  1.00 22.80 ? 89  THR A C     1 
ATOM   510  O O     . THR A 1 89  ? -3.725  -17.112 -3.516  1.00 22.58 ? 89  THR A O     1 
ATOM   511  C CB    . THR A 1 89  ? -0.815  -15.535 -3.822  1.00 22.45 ? 89  THR A CB    1 
ATOM   512  O OG1   . THR A 1 89  ? 0.166   -15.236 -4.824  1.00 22.72 ? 89  THR A OG1   1 
ATOM   513  C CG2   . THR A 1 89  ? -0.462  -16.938 -3.368  1.00 23.00 ? 89  THR A CG2   1 
ATOM   514  N N     . LEU A 1 90  ? -3.651  -15.083 -2.540  1.00 23.44 ? 90  LEU A N     1 
ATOM   515  C CA    . LEU A 1 90  ? -4.623  -15.410 -1.515  1.00 24.39 ? 90  LEU A CA    1 
ATOM   516  C C     . LEU A 1 90  ? -5.995  -15.668 -2.133  1.00 25.10 ? 90  LEU A C     1 
ATOM   517  O O     . LEU A 1 90  ? -6.695  -16.597 -1.736  1.00 25.17 ? 90  LEU A O     1 
ATOM   518  C CB    . LEU A 1 90  ? -4.686  -14.271 -0.492  1.00 24.40 ? 90  LEU A CB    1 
ATOM   519  C CG    . LEU A 1 90  ? -5.350  -14.530 0.854   1.00 25.08 ? 90  LEU A CG    1 
ATOM   520  C CD1   . LEU A 1 90  ? -4.660  -15.655 1.625   1.00 25.73 ? 90  LEU A CD1   1 
ATOM   521  C CD2   . LEU A 1 90  ? -5.337  -13.229 1.652   1.00 24.67 ? 90  LEU A CD2   1 
ATOM   522  N N     . ALA A 1 91  ? -6.354  -14.863 -3.130  1.00 26.15 ? 91  ALA A N     1 
ATOM   523  C CA    . ALA A 1 91  ? -7.663  -14.945 -3.764  1.00 27.11 ? 91  ALA A CA    1 
ATOM   524  C C     . ALA A 1 91  ? -7.806  -16.208 -4.606  1.00 28.33 ? 91  ALA A C     1 
ATOM   525  O O     . ALA A 1 91  ? -8.910  -16.729 -4.751  1.00 28.30 ? 91  ALA A O     1 
ATOM   526  C CB    . ALA A 1 91  ? -7.911  -13.712 -4.627  1.00 27.04 ? 91  ALA A CB    1 
ATOM   527  N N     . GLU A 1 92  ? -6.691  -16.699 -5.146  1.00 29.65 ? 92  GLU A N     1 
ATOM   528  C CA    . GLU A 1 92  ? -6.701  -17.815 -6.099  1.00 31.18 ? 92  GLU A CA    1 
ATOM   529  C C     . GLU A 1 92  ? -6.969  -19.151 -5.424  1.00 32.19 ? 92  GLU A C     1 
ATOM   530  O O     . GLU A 1 92  ? -7.501  -20.072 -6.048  1.00 32.52 ? 92  GLU A O     1 
ATOM   531  C CB    . GLU A 1 92  ? -5.373  -17.895 -6.859  1.00 31.29 ? 92  GLU A CB    1 
ATOM   532  C CG    . GLU A 1 92  ? -5.325  -17.031 -8.108  1.00 32.36 ? 92  GLU A CG    1 
ATOM   533  C CD    . GLU A 1 92  ? -3.914  -16.835 -8.632  1.00 33.72 ? 92  GLU A CD    1 
ATOM   534  O OE1   . GLU A 1 92  ? -3.035  -17.671 -8.332  1.00 34.87 ? 92  GLU A OE1   1 
ATOM   535  O OE2   . GLU A 1 92  ? -3.682  -15.840 -9.345  1.00 35.47 ? 92  GLU A OE2   1 
ATOM   536  N N     . ASN A 1 93  ? -6.578  -19.264 -4.160  1.00 33.44 ? 93  ASN A N     1 
ATOM   537  C CA    . ASN A 1 93  ? -6.839  -20.470 -3.387  1.00 34.46 ? 93  ASN A CA    1 
ATOM   538  C C     . ASN A 1 93  ? -8.257  -20.448 -2.825  1.00 35.02 ? 93  ASN A C     1 
ATOM   539  O O     . ASN A 1 93  ? -8.828  -19.374 -2.634  1.00 35.17 ? 93  ASN A O     1 
ATOM   540  C CB    . ASN A 1 93  ? -5.855  -20.570 -2.231  1.00 34.58 ? 93  ASN A CB    1 
ATOM   541  C CG    . ASN A 1 93  ? -4.412  -20.638 -2.690  1.00 35.23 ? 93  ASN A CG    1 
ATOM   542  O OD1   . ASN A 1 93  ? -4.049  -21.467 -3.526  1.00 36.42 ? 93  ASN A OD1   1 
ATOM   543  N ND2   . ASN A 1 93  ? -3.577  -19.760 -2.144  1.00 36.06 ? 93  ASN A ND2   1 
ATOM   544  N N     . PRO A 1 94  ? -8.828  -21.621 -2.557  1.00 35.88 ? 94  PRO A N     1 
ATOM   545  C CA    . PRO A 1 94  ? -10.124 -21.690 -1.870  1.00 36.43 ? 94  PRO A CA    1 
ATOM   546  C C     . PRO A 1 94  ? -10.038 -21.171 -0.429  1.00 37.17 ? 94  PRO A C     1 
ATOM   547  O O     . PRO A 1 94  ? -10.928 -20.434 -0.022  1.00 37.31 ? 94  PRO A O     1 
ATOM   548  C CB    . PRO A 1 94  ? -10.481 -23.186 -1.907  1.00 36.40 ? 94  PRO A CB    1 
ATOM   549  C CG    . PRO A 1 94  ? -9.218  -23.909 -2.193  1.00 36.03 ? 94  PRO A CG    1 
ATOM   550  C CD    . PRO A 1 94  ? -8.302  -22.957 -2.894  1.00 35.85 ? 94  PRO A CD    1 
ATOM   551  N N     . ALA A 1 95  ? -8.969  -21.537 0.285   1.00 38.01 ? 95  ALA A N     1 
ATOM   552  C CA    . ALA A 1 95  ? -8.744  -21.219 1.708   1.00 38.35 ? 95  ALA A CA    1 
ATOM   553  C C     . ALA A 1 95  ? -9.565  -20.065 2.295   1.00 38.71 ? 95  ALA A C     1 
ATOM   554  O O     . ALA A 1 95  ? -9.410  -18.914 1.882   1.00 39.24 ? 95  ALA A O     1 
ATOM   555  C CB    . ALA A 1 95  ? -7.265  -20.941 1.940   1.00 38.49 ? 95  ALA A CB    1 
ATOM   556  N N     . ASP A 1 96  ? -10.417 -20.383 3.274   1.00 38.77 ? 96  ASP A N     1 
ATOM   557  C CA    . ASP A 1 96  ? -11.225 -19.386 3.991   1.00 38.57 ? 96  ASP A CA    1 
ATOM   558  C C     . ASP A 1 96  ? -11.967 -20.044 5.159   1.00 38.33 ? 96  ASP A C     1 
ATOM   559  O O     . ASP A 1 96  ? -13.025 -20.658 4.966   1.00 38.52 ? 96  ASP A O     1 
ATOM   560  C CB    . ASP A 1 96  ? -12.231 -18.678 3.065   1.00 38.83 ? 96  ASP A CB    1 
ATOM   561  C CG    . ASP A 1 96  ? -12.760 -19.576 1.955   1.00 39.38 ? 96  ASP A CG    1 
ATOM   562  O OD1   . ASP A 1 96  ? -12.689 -20.822 2.087   1.00 39.05 ? 96  ASP A OD1   1 
ATOM   563  O OD2   . ASP A 1 96  ? -13.261 -19.107 0.904   1.00 40.46 ? 96  ASP A OD2   1 
ATOM   564  N N     . THR A 1 97  ? -11.409 -19.916 6.365   1.00 37.69 ? 97  THR A N     1 
ATOM   565  C CA    . THR A 1 97  ? -11.972 -20.556 7.562   1.00 37.13 ? 97  THR A CA    1 
ATOM   566  C C     . THR A 1 97  ? -13.298 -19.871 7.923   1.00 36.00 ? 97  THR A C     1 
ATOM   567  O O     . THR A 1 97  ? -14.223 -19.861 7.105   1.00 36.44 ? 97  THR A O     1 
ATOM   568  C CB    . THR A 1 97  ? -10.953 -20.562 8.755   1.00 37.14 ? 97  THR A CB    1 
ATOM   569  O OG1   . THR A 1 97  ? -10.530 -19.230 9.064   1.00 38.46 ? 97  THR A OG1   1 
ATOM   570  C CG2   . THR A 1 97  ? -9.655  -21.275 8.400   1.00 37.20 ? 97  THR A CG2   1 
ATOM   571  N N     . ASP A 1 98  ? -13.425 -19.309 9.123   1.00 34.58 ? 98  ASP A N     1 
ATOM   572  C CA    . ASP A 1 98  ? -14.607 -18.508 9.403   1.00 33.32 ? 98  ASP A CA    1 
ATOM   573  C C     . ASP A 1 98  ? -14.443 -17.141 8.732   1.00 31.95 ? 98  ASP A C     1 
ATOM   574  O O     . ASP A 1 98  ? -13.338 -16.765 8.320   1.00 31.19 ? 98  ASP A O     1 
ATOM   575  C CB    . ASP A 1 98  ? -14.908 -18.415 10.910  1.00 33.61 ? 98  ASP A CB    1 
ATOM   576  C CG    . ASP A 1 98  ? -13.789 -17.785 11.711  1.00 34.31 ? 98  ASP A CG    1 
ATOM   577  O OD1   . ASP A 1 98  ? -13.181 -16.804 11.241  1.00 33.05 ? 98  ASP A OD1   1 
ATOM   578  O OD2   . ASP A 1 98  ? -13.467 -18.202 12.847  1.00 36.96 ? 98  ASP A OD2   1 
ATOM   579  N N     . ARG A 1 99  ? -15.552 -16.428 8.598   1.00 30.23 ? 99  ARG A N     1 
ATOM   580  C CA    . ARG A 1 99  ? -15.585 -15.160 7.873   1.00 29.33 ? 99  ARG A CA    1 
ATOM   581  C C     . ARG A 1 99  ? -14.585 -14.138 8.424   1.00 27.93 ? 99  ARG A C     1 
ATOM   582  O O     . ARG A 1 99  ? -13.977 -13.394 7.660   1.00 27.35 ? 99  ARG A O     1 
ATOM   583  C CB    . ARG A 1 99  ? -17.007 -14.579 7.885   1.00 29.50 ? 99  ARG A CB    1 
ATOM   584  C CG    . ARG A 1 99  ? -17.493 -14.117 9.253   1.00 30.64 ? 99  ARG A CG    1 
ATOM   585  C CD    . ARG A 1 99  ? -19.011 -14.046 9.398   1.00 32.63 ? 99  ARG A CD    1 
ATOM   586  N NE    . ARG A 1 99  ? -19.398 -13.523 10.708  1.00 34.75 ? 99  ARG A NE    1 
ATOM   587  C CZ    . ARG A 1 99  ? -20.638 -13.184 11.070  1.00 36.03 ? 99  ARG A CZ    1 
ATOM   588  N NH1   . ARG A 1 99  ? -21.658 -13.306 10.226  1.00 36.23 ? 99  ARG A NH1   1 
ATOM   589  N NH2   . ARG A 1 99  ? -20.864 -12.717 12.296  1.00 37.45 ? 99  ARG A NH2   1 
ATOM   590  N N     . GLU A 1 100 ? -14.405 -14.111 9.740   1.00 26.48 ? 100 GLU A N     1 
ATOM   591  C CA    . GLU A 1 100 ? -13.509 -13.135 10.349  1.00 25.62 ? 100 GLU A CA    1 
ATOM   592  C C     . GLU A 1 100 ? -12.062 -13.363 9.936   1.00 24.40 ? 100 GLU A C     1 
ATOM   593  O O     . GLU A 1 100 ? -11.344 -12.418 9.623   1.00 23.39 ? 100 GLU A O     1 
ATOM   594  C CB    . GLU A 1 100 ? -13.612 -13.159 11.870  1.00 26.16 ? 100 GLU A CB    1 
ATOM   595  C CG    . GLU A 1 100 ? -12.726 -12.119 12.540  1.00 28.34 ? 100 GLU A CG    1 
ATOM   596  C CD    . GLU A 1 100 ? -12.794 -12.159 14.049  1.00 31.85 ? 100 GLU A CD    1 
ATOM   597  O OE1   . GLU A 1 100 ? -13.898 -12.378 14.593  1.00 34.83 ? 100 GLU A OE1   1 
ATOM   598  O OE2   . GLU A 1 100 ? -11.736 -11.972 14.692  1.00 34.30 ? 100 GLU A OE2   1 
ATOM   599  N N     . ASN A 1 101 ? -11.635 -14.619 9.953   1.00 22.73 ? 101 ASN A N     1 
ATOM   600  C CA    . ASN A 1 101 ? -10.265 -14.953 9.594   1.00 22.24 ? 101 ASN A CA    1 
ATOM   601  C C     . ASN A 1 101 ? -9.958  -14.668 8.126   1.00 20.95 ? 101 ASN A C     1 
ATOM   602  O O     . ASN A 1 101 ? -8.840  -14.283 7.789   1.00 20.53 ? 101 ASN A O     1 
ATOM   603  C CB    . ASN A 1 101 ? -9.979  -16.418 9.906   1.00 22.21 ? 101 ASN A CB    1 
ATOM   604  C CG    . ASN A 1 101 ? -8.517  -16.686 10.100  1.00 24.07 ? 101 ASN A CG    1 
ATOM   605  O OD1   . ASN A 1 101 ? -7.897  -17.428 9.325   1.00 25.42 ? 101 ASN A OD1   1 
ATOM   606  N ND2   . ASN A 1 101 ? -7.943  -16.081 11.134  1.00 25.08 ? 101 ASN A ND2   1 
ATOM   607  N N     . MET A 1 102 ? -10.951 -14.861 7.261   1.00 19.96 ? 102 MET A N     1 
ATOM   608  C CA    . MET A 1 102 ? -10.817 -14.565 5.840   1.00 19.79 ? 102 MET A CA    1 
ATOM   609  C C     . MET A 1 102 ? -10.428 -13.096 5.628   1.00 18.32 ? 102 MET A C     1 
ATOM   610  O O     . MET A 1 102 ? -9.465  -12.801 4.914   1.00 17.73 ? 102 MET A O     1 
ATOM   611  C CB    . MET A 1 102 ? -12.134 -14.865 5.107   1.00 20.00 ? 102 MET A CB    1 
ATOM   612  C CG    . MET A 1 102 ? -12.146 -14.478 3.624   1.00 22.20 ? 102 MET A CG    1 
ATOM   613  S SD    . MET A 1 102 ? -13.747 -14.804 2.827   1.00 25.80 ? 102 MET A SD    1 
ATOM   614  C CE    . MET A 1 102 ? -14.740 -13.520 3.480   1.00 24.80 ? 102 MET A CE    1 
ATOM   615  N N     . TRP A 1 103 ? -11.167 -12.185 6.262   1.00 17.42 ? 103 TRP A N     1 
ATOM   616  C CA    . TRP A 1 103 ? -10.894 -10.752 6.119   1.00 16.15 ? 103 TRP A CA    1 
ATOM   617  C C     . TRP A 1 103 ? -9.563  -10.377 6.770   1.00 15.74 ? 103 TRP A C     1 
ATOM   618  O O     . TRP A 1 103 ? -8.800  -9.591  6.216   1.00 14.95 ? 103 TRP A O     1 
ATOM   619  C CB    . TRP A 1 103 ? -12.031 -9.904  6.699   1.00 16.42 ? 103 TRP A CB    1 
ATOM   620  C CG    . TRP A 1 103 ? -13.305 -10.031 5.917   1.00 15.77 ? 103 TRP A CG    1 
ATOM   621  C CD1   . TRP A 1 103 ? -14.450 -10.662 6.311   1.00 18.43 ? 103 TRP A CD1   1 
ATOM   622  C CD2   . TRP A 1 103 ? -13.547 -9.555  4.591   1.00 16.42 ? 103 TRP A CD2   1 
ATOM   623  N NE1   . TRP A 1 103 ? -15.399 -10.579 5.318   1.00 18.85 ? 103 TRP A NE1   1 
ATOM   624  C CE2   . TRP A 1 103 ? -14.870 -9.908  4.250   1.00 17.48 ? 103 TRP A CE2   1 
ATOM   625  C CE3   . TRP A 1 103 ? -12.785 -8.853  3.654   1.00 17.68 ? 103 TRP A CE3   1 
ATOM   626  C CZ2   . TRP A 1 103 ? -15.445 -9.585  3.014   1.00 16.91 ? 103 TRP A CZ2   1 
ATOM   627  C CZ3   . TRP A 1 103 ? -13.360 -8.531  2.415   1.00 18.43 ? 103 TRP A CZ3   1 
ATOM   628  C CH2   . TRP A 1 103 ? -14.674 -8.902  2.114   1.00 18.01 ? 103 TRP A CH2   1 
ATOM   629  N N     . ARG A 1 104 ? -9.276  -10.957 7.930   1.00 15.01 ? 104 ARG A N     1 
ATOM   630  C CA    . ARG A 1 104 ? -8.021  -10.679 8.612   1.00 14.78 ? 104 ARG A CA    1 
ATOM   631  C C     . ARG A 1 104 ? -6.812  -11.058 7.753   1.00 14.36 ? 104 ARG A C     1 
ATOM   632  O O     . ARG A 1 104 ? -5.847  -10.306 7.670   1.00 14.10 ? 104 ARG A O     1 
ATOM   633  C CB    . ARG A 1 104 ? -7.985  -11.392 9.964   1.00 15.13 ? 104 ARG A CB    1 
ATOM   634  C CG    . ARG A 1 104 ? -6.729  -11.157 10.775  1.00 16.52 ? 104 ARG A CG    1 
ATOM   635  C CD    . ARG A 1 104 ? -6.724  -11.923 12.081  1.00 17.69 ? 104 ARG A CD    1 
ATOM   636  N NE    . ARG A 1 104 ? -7.850  -11.532 12.928  1.00 19.96 ? 104 ARG A NE    1 
ATOM   637  C CZ    . ARG A 1 104 ? -7.842  -10.503 13.771  1.00 21.52 ? 104 ARG A CZ    1 
ATOM   638  N NH1   . ARG A 1 104 ? -6.755  -9.743  13.923  1.00 21.81 ? 104 ARG A NH1   1 
ATOM   639  N NH2   . ARG A 1 104 ? -8.932  -10.236 14.474  1.00 22.82 ? 104 ARG A NH2   1 
ATOM   640  N N     . THR A 1 105 ? -6.854  -12.221 7.109   1.00 14.37 ? 105 THR A N     1 
ATOM   641  C CA    . THR A 1 105 ? -5.729  -12.676 6.298   1.00 14.49 ? 105 THR A CA    1 
ATOM   642  C C     . THR A 1 105 ? -5.479  -11.725 5.117   1.00 14.34 ? 105 THR A C     1 
ATOM   643  O O     . THR A 1 105 ? -4.326  -11.456 4.755   1.00 14.65 ? 105 THR A O     1 
ATOM   644  C CB    . THR A 1 105 ? -5.966  -14.144 5.815   1.00 14.26 ? 105 THR A CB    1 
ATOM   645  O OG1   . THR A 1 105 ? -6.149  -15.014 6.945   1.00 14.56 ? 105 THR A OG1   1 
ATOM   646  C CG2   . THR A 1 105 ? -4.749  -14.702 5.097   1.00 15.43 ? 105 THR A CG2   1 
ATOM   647  N N     . GLY A 1 106 ? -6.562  -11.202 4.542   1.00 14.54 ? 106 GLY A N     1 
ATOM   648  C CA    . GLY A 1 106 ? -6.487  -10.249 3.452   1.00 14.59 ? 106 GLY A CA    1 
ATOM   649  C C     . GLY A 1 106 ? -5.941  -8.899  3.869   1.00 14.43 ? 106 GLY A C     1 
ATOM   650  O O     . GLY A 1 106 ? -5.038  -8.377  3.227   1.00 14.40 ? 106 GLY A O     1 
ATOM   651  N N     . ILE A 1 107 ? -6.475  -8.324  4.948   1.00 14.40 ? 107 ILE A N     1 
ATOM   652  C CA    . ILE A 1 107 ? -6.001  -7.019  5.413   1.00 14.40 ? 107 ILE A CA    1 
ATOM   653  C C     . ILE A 1 107 ? -4.517  -7.123  5.793   1.00 14.49 ? 107 ILE A C     1 
ATOM   654  O O     . ILE A 1 107 ? -3.743  -6.197  5.564   1.00 14.76 ? 107 ILE A O     1 
ATOM   655  C CB    . ILE A 1 107 ? -6.867  -6.481  6.593   1.00 14.18 ? 107 ILE A CB    1 
ATOM   656  C CG1   . ILE A 1 107 ? -8.304  -6.189  6.118   1.00 14.90 ? 107 ILE A CG1   1 
ATOM   657  C CG2   . ILE A 1 107 ? -6.239  -5.226  7.188   1.00 14.61 ? 107 ILE A CG2   1 
ATOM   658  C CD1   . ILE A 1 107 ? -9.306  -6.047  7.221   1.00 16.53 ? 107 ILE A CD1   1 
ATOM   659  N N     . ASN A 1 108 ? -4.124  -8.273  6.332   1.00 14.33 ? 108 ASN A N     1 
ATOM   660  C CA    . ASN A 1 108 ? -2.741  -8.514  6.735   1.00 14.60 ? 108 ASN A CA    1 
ATOM   661  C C     . ASN A 1 108 ? -1.723  -8.415  5.601   1.00 15.44 ? 108 ASN A C     1 
ATOM   662  O O     . ASN A 1 108 ? -0.570  -8.082  5.843   1.00 15.38 ? 108 ASN A O     1 
ATOM   663  C CB    . ASN A 1 108 ? -2.616  -9.885  7.412   1.00 14.83 ? 108 ASN A CB    1 
ATOM   664  C CG    . ASN A 1 108 ? -1.249  -10.107 8.022   1.00 14.72 ? 108 ASN A CG    1 
ATOM   665  O OD1   . ASN A 1 108 ? -0.827  -9.364  8.917   1.00 13.19 ? 108 ASN A OD1   1 
ATOM   666  N ND2   . ASN A 1 108 ? -0.546  -11.150 7.553   1.00 13.76 ? 108 ASN A ND2   1 
ATOM   667  N N     . VAL A 1 109 ? -2.147  -8.709  4.373   1.00 16.00 ? 109 VAL A N     1 
ATOM   668  C CA    . VAL A 1 109 ? -1.290  -8.552  3.196   1.00 16.77 ? 109 VAL A CA    1 
ATOM   669  C C     . VAL A 1 109 ? -0.777  -7.126  3.099   1.00 16.78 ? 109 VAL A C     1 
ATOM   670  O O     . VAL A 1 109 ? 0.398   -6.901  2.815   1.00 16.97 ? 109 VAL A O     1 
ATOM   671  C CB    . VAL A 1 109 ? -2.045  -8.897  1.882   1.00 16.99 ? 109 VAL A CB    1 
ATOM   672  C CG1   . VAL A 1 109 ? -1.276  -8.415  0.646   1.00 17.67 ? 109 VAL A CG1   1 
ATOM   673  C CG2   . VAL A 1 109 ? -2.301  -10.393 1.788   1.00 18.42 ? 109 VAL A CG2   1 
ATOM   674  N N     . PHE A 1 110 ? -1.676  -6.173  3.318   1.00 16.62 ? 110 PHE A N     1 
ATOM   675  C CA    . PHE A 1 110 ? -1.349  -4.757  3.251   1.00 17.20 ? 110 PHE A CA    1 
ATOM   676  C C     . PHE A 1 110 ? -0.579  -4.288  4.485   1.00 16.80 ? 110 PHE A C     1 
ATOM   677  O O     . PHE A 1 110 ? 0.372   -3.532  4.365   1.00 16.86 ? 110 PHE A O     1 
ATOM   678  C CB    . PHE A 1 110 ? -2.623  -3.956  3.061   1.00 17.70 ? 110 PHE A CB    1 
ATOM   679  C CG    . PHE A 1 110 ? -3.288  -4.232  1.750   1.00 19.26 ? 110 PHE A CG    1 
ATOM   680  C CD1   . PHE A 1 110 ? -4.317  -5.151  1.656   1.00 22.23 ? 110 PHE A CD1   1 
ATOM   681  C CD2   . PHE A 1 110 ? -2.811  -3.651  0.593   1.00 21.17 ? 110 PHE A CD2   1 
ATOM   682  C CE1   . PHE A 1 110 ? -4.892  -5.436  0.435   1.00 22.78 ? 110 PHE A CE1   1 
ATOM   683  C CE2   . PHE A 1 110 ? -3.381  -3.920  -0.626  1.00 21.42 ? 110 PHE A CE2   1 
ATOM   684  C CZ    . PHE A 1 110 ? -4.423  -4.816  -0.713  1.00 23.02 ? 110 PHE A CZ    1 
ATOM   685  N N     . PHE A 1 111 ? -0.998  -4.742  5.662   1.00 16.46 ? 111 PHE A N     1 
ATOM   686  C CA    . PHE A 1 111 ? -0.272  -4.490  6.911   1.00 16.55 ? 111 PHE A CA    1 
ATOM   687  C C     . PHE A 1 111 ? 1.201   -4.916  6.798   1.00 16.75 ? 111 PHE A C     1 
ATOM   688  O O     . PHE A 1 111 ? 2.104   -4.150  7.139   1.00 17.22 ? 111 PHE A O     1 
ATOM   689  C CB    . PHE A 1 111 ? -0.968  -5.225  8.064   1.00 16.56 ? 111 PHE A CB    1 
ATOM   690  C CG    . PHE A 1 111 ? -0.321  -5.042  9.413   1.00 16.29 ? 111 PHE A CG    1 
ATOM   691  C CD1   . PHE A 1 111 ? -0.439  -3.846  10.108  1.00 16.76 ? 111 PHE A CD1   1 
ATOM   692  C CD2   . PHE A 1 111 ? 0.368   -6.090  10.010  1.00 17.92 ? 111 PHE A CD2   1 
ATOM   693  C CE1   . PHE A 1 111 ? 0.143   -3.696  11.358  1.00 17.17 ? 111 PHE A CE1   1 
ATOM   694  C CE2   . PHE A 1 111 ? 0.948   -5.945  11.260  1.00 18.98 ? 111 PHE A CE2   1 
ATOM   695  C CZ    . PHE A 1 111 ? 0.831   -4.743  11.934  1.00 18.92 ? 111 PHE A CZ    1 
ATOM   696  N N     . GLU A 1 112 ? 1.452   -6.124  6.297   1.00 16.89 ? 112 GLU A N     1 
ATOM   697  C CA    . GLU A 1 112 ? 2.819   -6.642  6.229   1.00 17.30 ? 112 GLU A CA    1 
ATOM   698  C C     . GLU A 1 112 ? 3.627   -6.050  5.075   1.00 17.70 ? 112 GLU A C     1 
ATOM   699  O O     . GLU A 1 112 ? 4.818   -5.770  5.227   1.00 18.11 ? 112 GLU A O     1 
ATOM   700  C CB    . GLU A 1 112 ? 2.816   -8.170  6.133   1.00 17.66 ? 112 GLU A CB    1 
ATOM   701  C CG    . GLU A 1 112 ? 2.519   -8.871  7.452   1.00 18.12 ? 112 GLU A CG    1 
ATOM   702  C CD    . GLU A 1 112 ? 3.602   -8.659  8.497   1.00 21.56 ? 112 GLU A CD    1 
ATOM   703  O OE1   . GLU A 1 112 ? 4.774   -8.452  8.110   1.00 23.84 ? 112 GLU A OE1   1 
ATOM   704  O OE2   . GLU A 1 112 ? 3.279   -8.697  9.706   1.00 23.90 ? 112 GLU A OE2   1 
ATOM   705  N N     . THR A 1 113 ? 2.994   -5.852  3.921   1.00 18.05 ? 113 THR A N     1 
ATOM   706  C CA    . THR A 1 113 ? 3.727   -5.380  2.750   1.00 18.19 ? 113 THR A CA    1 
ATOM   707  C C     . THR A 1 113 ? 4.154   -3.927  2.910   1.00 18.41 ? 113 THR A C     1 
ATOM   708  O O     . THR A 1 113 ? 5.329   -3.597  2.759   1.00 18.59 ? 113 THR A O     1 
ATOM   709  C CB    . THR A 1 113 ? 2.896   -5.551  1.460   1.00 18.04 ? 113 THR A CB    1 
ATOM   710  O OG1   . THR A 1 113 ? 2.664   -6.948  1.218   1.00 18.42 ? 113 THR A OG1   1 
ATOM   711  C CG2   . THR A 1 113 ? 3.690   -5.073  0.244   1.00 18.52 ? 113 THR A CG2   1 
ATOM   712  N N     . PHE A 1 114 ? 3.201   -3.056  3.217   1.00 18.45 ? 114 PHE A N     1 
ATOM   713  C CA    . PHE A 1 114 ? 3.507   -1.637  3.366   1.00 18.66 ? 114 PHE A CA    1 
ATOM   714  C C     . PHE A 1 114 ? 4.271   -1.371  4.659   1.00 19.13 ? 114 PHE A C     1 
ATOM   715  O O     . PHE A 1 114 ? 5.111   -0.471  4.711   1.00 18.97 ? 114 PHE A O     1 
ATOM   716  C CB    . PHE A 1 114 ? 2.234   -0.797  3.269   1.00 19.09 ? 114 PHE A CB    1 
ATOM   717  C CG    . PHE A 1 114 ? 1.691   -0.717  1.880   1.00 18.45 ? 114 PHE A CG    1 
ATOM   718  C CD1   . PHE A 1 114 ? 0.670   -1.553  1.464   1.00 20.24 ? 114 PHE A CD1   1 
ATOM   719  C CD2   . PHE A 1 114 ? 2.221   0.188   0.975   1.00 20.88 ? 114 PHE A CD2   1 
ATOM   720  C CE1   . PHE A 1 114 ? 0.180   -1.480  0.154   1.00 19.44 ? 114 PHE A CE1   1 
ATOM   721  C CE2   . PHE A 1 114 ? 1.736   0.261   -0.322  1.00 21.71 ? 114 PHE A CE2   1 
ATOM   722  C CZ    . PHE A 1 114 ? 0.713   -0.583  -0.726  1.00 20.67 ? 114 PHE A CZ    1 
ATOM   723  N N     . GLY A 1 115 ? 3.994   -2.176  5.685   1.00 19.23 ? 115 GLY A N     1 
ATOM   724  C CA    . GLY A 1 115 ? 4.690   -2.074  6.952   1.00 19.86 ? 115 GLY A CA    1 
ATOM   725  C C     . GLY A 1 115 ? 6.146   -2.511  6.889   1.00 20.31 ? 115 GLY A C     1 
ATOM   726  O O     . GLY A 1 115 ? 6.927   -2.155  7.766   1.00 21.31 ? 115 GLY A O     1 
ATOM   727  N N     . SER A 1 116 ? 6.505   -3.284  5.864   1.00 20.84 ? 116 SER A N     1 
ATOM   728  C CA    . SER A 1 116 ? 7.896   -3.679  5.621   1.00 21.40 ? 116 SER A CA    1 
ATOM   729  C C     . SER A 1 116 ? 8.645   -2.671  4.748   1.00 21.39 ? 116 SER A C     1 
ATOM   730  O O     . SER A 1 116 ? 9.852   -2.826  4.511   1.00 22.16 ? 116 SER A O     1 
ATOM   731  C CB    . SER A 1 116 ? 7.948   -5.063  4.971   1.00 21.48 ? 116 SER A CB    1 
ATOM   732  O OG    . SER A 1 116 ? 7.470   -6.047  5.867   1.00 24.11 ? 116 SER A OG    1 
ATOM   733  N N     . HIS A 1 117 ? 7.933   -1.656  4.256   1.00 21.24 ? 117 HIS A N     1 
ATOM   734  C CA    . HIS A 1 117 ? 8.512   -0.594  3.427   1.00 21.10 ? 117 HIS A CA    1 
ATOM   735  C C     . HIS A 1 117 ? 7.956   0.770   3.841   1.00 20.83 ? 117 HIS A C     1 
ATOM   736  O O     . HIS A 1 117 ? 7.395   1.493   3.032   1.00 19.95 ? 117 HIS A O     1 
ATOM   737  C CB    . HIS A 1 117 ? 8.231   -0.861  1.936   1.00 21.40 ? 117 HIS A CB    1 
ATOM   738  C CG    . HIS A 1 117 ? 8.817   -2.144  1.436   1.00 22.89 ? 117 HIS A CG    1 
ATOM   739  N ND1   . HIS A 1 117 ? 10.148  -2.268  1.098   1.00 25.14 ? 117 HIS A ND1   1 
ATOM   740  C CD2   . HIS A 1 117 ? 8.264   -3.365  1.240   1.00 25.21 ? 117 HIS A CD2   1 
ATOM   741  C CE1   . HIS A 1 117 ? 10.389  -3.507  0.705   1.00 25.84 ? 117 HIS A CE1   1 
ATOM   742  N NE2   . HIS A 1 117 ? 9.265   -4.195  0.789   1.00 25.49 ? 117 HIS A NE2   1 
ATOM   743  N N     . LYS A 1 118 ? 8.116   1.102   5.120   1.00 20.83 ? 118 LYS A N     1 
ATOM   744  C CA    . LYS A 1 118 ? 7.534   2.307   5.717   1.00 21.06 ? 118 LYS A CA    1 
ATOM   745  C C     . LYS A 1 118 ? 8.028   3.627   5.109   1.00 21.07 ? 118 LYS A C     1 
ATOM   746  O O     . LYS A 1 118 ? 7.265   4.581   4.980   1.00 21.16 ? 118 LYS A O     1 
ATOM   747  C CB    . LYS A 1 118 ? 7.797   2.325   7.226   1.00 21.68 ? 118 LYS A CB    1 
ATOM   748  C CG    . LYS A 1 118 ? 6.981   1.314   8.009   1.00 22.88 ? 118 LYS A CG    1 
ATOM   749  C CD    . LYS A 1 118 ? 7.371   1.312   9.482   1.00 24.71 ? 118 LYS A CD    1 
ATOM   750  C CE    . LYS A 1 118 ? 6.233   0.887   10.378  1.00 26.28 ? 118 LYS A CE    1 
ATOM   751  N NZ    . LYS A 1 118 ? 6.606   0.947   11.818  1.00 28.61 ? 118 LYS A NZ    1 
ATOM   752  N N     . ALA A 1 119 ? 9.307   3.683   4.765   1.00 20.95 ? 119 ALA A N     1 
ATOM   753  C CA    . ALA A 1 119 ? 9.904   4.905   4.217   1.00 21.09 ? 119 ALA A CA    1 
ATOM   754  C C     . ALA A 1 119 ? 9.351   5.226   2.835   1.00 20.93 ? 119 ALA A C     1 
ATOM   755  O O     . ALA A 1 119 ? 9.041   6.380   2.534   1.00 20.87 ? 119 ALA A O     1 
ATOM   756  C CB    . ALA A 1 119 ? 11.408  4.766   4.157   1.00 21.13 ? 119 ALA A CB    1 
ATOM   757  N N     . VAL A 1 120 ? 9.251   4.199   1.997   1.00 20.85 ? 120 VAL A N     1 
ATOM   758  C CA    . VAL A 1 120 ? 8.674   4.324   0.667   1.00 21.27 ? 120 VAL A CA    1 
ATOM   759  C C     . VAL A 1 120 ? 7.200   4.712   0.781   1.00 21.49 ? 120 VAL A C     1 
ATOM   760  O O     . VAL A 1 120 ? 6.713   5.543   0.017   1.00 21.90 ? 120 VAL A O     1 
ATOM   761  C CB    . VAL A 1 120 ? 8.832   3.012   -0.147  1.00 21.29 ? 120 VAL A CB    1 
ATOM   762  C CG1   . VAL A 1 120 ? 7.972   3.026   -1.402  1.00 21.27 ? 120 VAL A CG1   1 
ATOM   763  C CG2   . VAL A 1 120 ? 10.291  2.787   -0.520  1.00 21.27 ? 120 VAL A CG2   1 
ATOM   764  N N     . THR A 1 121 ? 6.501   4.124   1.750   1.00 21.73 ? 121 THR A N     1 
ATOM   765  C CA    . THR A 1 121 ? 5.078   4.387   1.971   1.00 22.07 ? 121 THR A CA    1 
ATOM   766  C C     . THR A 1 121 ? 4.823   5.845   2.354   1.00 22.13 ? 121 THR A C     1 
ATOM   767  O O     . THR A 1 121 ? 3.937   6.495   1.805   1.00 21.87 ? 121 THR A O     1 
ATOM   768  C CB    . THR A 1 121 ? 4.546   3.447   3.084   1.00 22.02 ? 121 THR A CB    1 
ATOM   769  O OG1   . THR A 1 121 ? 4.613   2.088   2.646   1.00 22.63 ? 121 THR A OG1   1 
ATOM   770  C CG2   . THR A 1 121 ? 3.056   3.678   3.366   1.00 22.71 ? 121 THR A CG2   1 
ATOM   771  N N     . ARG A 1 122 ? 5.608   6.348   3.298   1.00 22.38 ? 122 ARG A N     1 
ATOM   772  C CA    . ARG A 1 122 ? 5.485   7.725   3.767   1.00 23.14 ? 122 ARG A CA    1 
ATOM   773  C C     . ARG A 1 122 ? 5.800   8.735   2.662   1.00 23.34 ? 122 ARG A C     1 
ATOM   774  O O     . ARG A 1 122 ? 5.099   9.734   2.500   1.00 23.22 ? 122 ARG A O     1 
ATOM   775  C CB    . ARG A 1 122 ? 6.420   7.953   4.955   1.00 23.53 ? 122 ARG A CB    1 
ATOM   776  C CG    . ARG A 1 122 ? 6.218   9.286   5.659   1.00 25.10 ? 122 ARG A CG    1 
ATOM   777  C CD    . ARG A 1 122 ? 7.269   9.597   6.707   1.00 27.23 ? 122 ARG A CD    1 
ATOM   778  N NE    . ARG A 1 122 ? 6.964   9.026   8.022   1.00 29.44 ? 122 ARG A NE    1 
ATOM   779  C CZ    . ARG A 1 122 ? 7.669   9.275   9.131   1.00 29.82 ? 122 ARG A CZ    1 
ATOM   780  N NH1   . ARG A 1 122 ? 8.725   10.086  9.103   1.00 31.80 ? 122 ARG A NH1   1 
ATOM   781  N NH2   . ARG A 1 122 ? 7.325   8.714   10.279  1.00 30.95 ? 122 ARG A NH2   1 
ATOM   782  N N     . ALA A 1 123 ? 6.866   8.473   1.913   1.00 23.65 ? 123 ALA A N     1 
ATOM   783  C CA    . ALA A 1 123 ? 7.286   9.371   0.840   1.00 23.87 ? 123 ALA A CA    1 
ATOM   784  C C     . ALA A 1 123 ? 6.249   9.392   -0.283  1.00 24.51 ? 123 ALA A C     1 
ATOM   785  O O     . ALA A 1 123 ? 5.990   10.439  -0.879  1.00 24.29 ? 123 ALA A O     1 
ATOM   786  C CB    . ALA A 1 123 ? 8.653   8.951   0.308   1.00 23.77 ? 123 ALA A CB    1 
ATOM   787  N N     . GLY A 1 124 ? 5.637   8.237   -0.546  1.00 25.49 ? 124 GLY A N     1 
ATOM   788  C CA    . GLY A 1 124 ? 4.628   8.108   -1.585  1.00 26.69 ? 124 GLY A CA    1 
ATOM   789  C C     . GLY A 1 124 ? 3.353   8.873   -1.291  1.00 27.91 ? 124 GLY A C     1 
ATOM   790  O O     . GLY A 1 124 ? 2.764   9.473   -2.192  1.00 27.82 ? 124 GLY A O     1 
ATOM   791  N N     . GLN A 1 125 ? 2.923   8.861   -0.034  1.00 29.32 ? 125 GLN A N     1 
ATOM   792  C CA    . GLN A 1 125 ? 1.737   9.621   0.368   1.00 30.72 ? 125 GLN A CA    1 
ATOM   793  C C     . GLN A 1 125 ? 1.973   11.126  0.261   1.00 31.32 ? 125 GLN A C     1 
ATOM   794  O O     . GLN A 1 125 ? 1.100   11.859  -0.197  1.00 31.62 ? 125 GLN A O     1 
ATOM   795  C CB    . GLN A 1 125 ? 1.302   9.266   1.788   1.00 31.20 ? 125 GLN A CB    1 
ATOM   796  C CG    . GLN A 1 125 ? -0.089  9.810   2.141   1.00 32.92 ? 125 GLN A CG    1 
ATOM   797  C CD    . GLN A 1 125 ? -1.020  8.744   2.677   1.00 35.14 ? 125 GLN A CD    1 
ATOM   798  O OE1   . GLN A 1 125 ? -1.509  7.901   1.922   1.00 37.18 ? 125 GLN A OE1   1 
ATOM   799  N NE2   . GLN A 1 125 ? -1.269  8.774   3.981   1.00 36.32 ? 125 GLN A NE2   1 
ATOM   800  N N     . ALA A 1 126 ? 3.155   11.577  0.673   1.00 31.82 ? 126 ALA A N     1 
ATOM   801  C CA    . ALA A 1 126 ? 3.507   12.993  0.617   1.00 32.35 ? 126 ALA A CA    1 
ATOM   802  C C     . ALA A 1 126 ? 3.658   13.489  -0.822  1.00 32.83 ? 126 ALA A C     1 
ATOM   803  O O     . ALA A 1 126 ? 3.457   14.674  -1.096  1.00 33.19 ? 126 ALA A O     1 
ATOM   804  C CB    . ALA A 1 126 ? 4.789   13.248  1.398   1.00 32.38 ? 126 ALA A CB    1 
ATOM   805  N N     . ALA A 1 127 ? 4.003   12.581  -1.731  1.00 33.07 ? 127 ALA A N     1 
ATOM   806  C CA    . ALA A 1 127 ? 4.221   12.922  -3.134  1.00 33.49 ? 127 ALA A CA    1 
ATOM   807  C C     . ALA A 1 127 ? 2.920   12.941  -3.937  1.00 33.97 ? 127 ALA A C     1 
ATOM   808  O O     . ALA A 1 127 ? 2.896   13.450  -5.053  1.00 33.94 ? 127 ALA A O     1 
ATOM   809  C CB    . ALA A 1 127 ? 5.208   11.949  -3.761  1.00 33.41 ? 127 ALA A CB    1 
ATOM   810  N N     . ARG A 1 128 ? 1.844   12.382  -3.386  1.00 34.35 ? 128 ARG A N     1 
ATOM   811  C CA    . ARG A 1 128 ? 0.563   12.337  -4.096  1.00 34.78 ? 128 ARG A CA    1 
ATOM   812  C C     . ARG A 1 128 ? -0.004  13.724  -4.405  1.00 34.68 ? 128 ARG A C     1 
ATOM   813  O O     . ARG A 1 128 ? -0.672  13.905  -5.421  1.00 34.67 ? 128 ARG A O     1 
ATOM   814  C CB    . ARG A 1 128 ? -0.475  11.528  -3.312  1.00 35.05 ? 128 ARG A CB    1 
ATOM   815  C CG    . ARG A 1 128 ? -0.660  10.113  -3.822  1.00 36.33 ? 128 ARG A CG    1 
ATOM   816  C CD    . ARG A 1 128 ? -2.067  9.593   -3.666  1.00 38.13 ? 128 ARG A CD    1 
ATOM   817  N NE    . ARG A 1 128 ? -2.392  9.360   -2.265  1.00 38.90 ? 128 ARG A NE    1 
ATOM   818  C CZ    . ARG A 1 128 ? -3.606  9.470   -1.731  1.00 39.58 ? 128 ARG A CZ    1 
ATOM   819  N NH1   . ARG A 1 128 ? -4.654  9.823   -2.471  1.00 39.84 ? 128 ARG A NH1   1 
ATOM   820  N NH2   . ARG A 1 128 ? -3.771  9.223   -0.436  1.00 39.33 ? 128 ARG A NH2   1 
ATOM   821  N N     . ALA A 1 129 ? 0.264   14.690  -3.530  1.00 34.71 ? 129 ALA A N     1 
ATOM   822  C CA    . ALA A 1 129 ? -0.221  16.060  -3.708  1.00 34.58 ? 129 ALA A CA    1 
ATOM   823  C C     . ALA A 1 129 ? 0.517   16.810  -4.822  1.00 34.36 ? 129 ALA A C     1 
ATOM   824  O O     . ALA A 1 129 ? -0.062  17.685  -5.467  1.00 34.60 ? 129 ALA A O     1 
ATOM   825  C CB    . ALA A 1 129 ? -0.114  16.832  -2.394  1.00 34.62 ? 129 ALA A CB    1 
ATOM   826  N N     . THR A 1 130 ? 1.783   16.461  -5.045  1.00 33.93 ? 130 THR A N     1 
ATOM   827  C CA    . THR A 1 130 ? 2.644   17.167  -6.003  1.00 33.58 ? 130 THR A CA    1 
ATOM   828  C C     . THR A 1 130 ? 2.892   16.417  -7.316  1.00 32.99 ? 130 THR A C     1 
ATOM   829  O O     . THR A 1 130 ? 3.407   17.002  -8.270  1.00 33.15 ? 130 THR A O     1 
ATOM   830  C CB    . THR A 1 130 ? 4.006   17.481  -5.351  1.00 33.68 ? 130 THR A CB    1 
ATOM   831  O OG1   . THR A 1 130 ? 4.631   16.269  -4.907  1.00 33.81 ? 130 THR A OG1   1 
ATOM   832  C CG2   . THR A 1 130 ? 3.833   18.301  -4.078  1.00 33.95 ? 130 THR A CG2   1 
ATOM   833  N N     . SER A 1 131 ? 2.523   15.138  -7.369  1.00 32.24 ? 131 SER A N     1 
ATOM   834  C CA    . SER A 1 131 ? 2.841   14.278  -8.509  1.00 31.60 ? 131 SER A CA    1 
ATOM   835  C C     . SER A 1 131 ? 1.586   13.588  -9.026  1.00 31.08 ? 131 SER A C     1 
ATOM   836  O O     . SER A 1 131 ? 0.996   12.763  -8.330  1.00 30.77 ? 131 SER A O     1 
ATOM   837  C CB    . SER A 1 131 ? 3.881   13.225  -8.112  1.00 31.67 ? 131 SER A CB    1 
ATOM   838  O OG    . SER A 1 131 ? 4.122   12.306  -9.165  1.00 31.56 ? 131 SER A OG    1 
ATOM   839  N N     . VAL A 1 132 ? 1.187   13.930  -10.248 1.00 30.33 ? 132 VAL A N     1 
ATOM   840  C CA    . VAL A 1 132 ? 0.078   13.247  -10.912 1.00 29.71 ? 132 VAL A CA    1 
ATOM   841  C C     . VAL A 1 132 ? 0.387   11.777  -11.183 1.00 28.75 ? 132 VAL A C     1 
ATOM   842  O O     . VAL A 1 132 ? -0.518  10.955  -11.200 1.00 28.72 ? 132 VAL A O     1 
ATOM   843  C CB    . VAL A 1 132 ? -0.326  13.932  -12.251 1.00 29.84 ? 132 VAL A CB    1 
ATOM   844  C CG1   . VAL A 1 132 ? -0.837  15.344  -11.994 1.00 30.31 ? 132 VAL A CG1   1 
ATOM   845  C CG2   . VAL A 1 132 ? 0.832   13.944  -13.248 1.00 30.14 ? 132 VAL A CG2   1 
ATOM   846  N N     . GLU A 1 133 ? 1.661   11.449  -11.390 1.00 27.66 ? 133 GLU A N     1 
ATOM   847  C CA    . GLU A 1 133 ? 2.064   10.069  -11.660 1.00 27.02 ? 133 GLU A CA    1 
ATOM   848  C C     . GLU A 1 133 ? 1.862   9.169   -10.435 1.00 25.92 ? 133 GLU A C     1 
ATOM   849  O O     . GLU A 1 133 ? 1.426   8.028   -10.569 1.00 25.20 ? 133 GLU A O     1 
ATOM   850  C CB    . GLU A 1 133 ? 3.527   10.006  -12.115 1.00 27.52 ? 133 GLU A CB    1 
ATOM   851  C CG    . GLU A 1 133 ? 3.788   10.682  -13.458 1.00 28.91 ? 133 GLU A CG    1 
ATOM   852  C CD    . GLU A 1 133 ? 4.549   11.990  -13.329 1.00 31.36 ? 133 GLU A CD    1 
ATOM   853  O OE1   . GLU A 1 133 ? 5.711   12.057  -13.792 1.00 33.41 ? 133 GLU A OE1   1 
ATOM   854  O OE2   . GLU A 1 133 ? 3.988   12.958  -12.770 1.00 33.05 ? 133 GLU A OE2   1 
ATOM   855  N N     . VAL A 1 134 ? 2.188   9.685   -9.254  1.00 24.89 ? 134 VAL A N     1 
ATOM   856  C CA    . VAL A 1 134 ? 2.026   8.916   -8.019  1.00 24.19 ? 134 VAL A CA    1 
ATOM   857  C C     . VAL A 1 134 ? 0.543   8.784   -7.677  1.00 23.66 ? 134 VAL A C     1 
ATOM   858  O O     . VAL A 1 134 ? 0.086   7.708   -7.302  1.00 22.85 ? 134 VAL A O     1 
ATOM   859  C CB    . VAL A 1 134 ? 2.806   9.548   -6.843  1.00 24.25 ? 134 VAL A CB    1 
ATOM   860  C CG1   . VAL A 1 134 ? 2.440   8.883   -5.525  1.00 24.10 ? 134 VAL A CG1   1 
ATOM   861  C CG2   . VAL A 1 134 ? 4.315   9.449   -7.098  1.00 24.46 ? 134 VAL A CG2   1 
ATOM   862  N N     . ALA A 1 135 ? -0.200  9.876   -7.825  1.00 23.22 ? 135 ALA A N     1 
ATOM   863  C CA    . ALA A 1 135 ? -1.641  9.864   -7.594  1.00 23.11 ? 135 ALA A CA    1 
ATOM   864  C C     . ALA A 1 135 ? -2.328  8.828   -8.484  1.00 22.86 ? 135 ALA A C     1 
ATOM   865  O O     . ALA A 1 135 ? -3.184  8.084   -8.016  1.00 22.74 ? 135 ALA A O     1 
ATOM   866  C CB    . ALA A 1 135 ? -2.236  11.249  -7.831  1.00 23.03 ? 135 ALA A CB    1 
ATOM   867  N N     . GLU A 1 136 ? -1.933  8.776   -9.756  1.00 22.85 ? 136 GLU A N     1 
ATOM   868  C CA    . GLU A 1 136 ? -2.533  7.854   -10.721 1.00 22.90 ? 136 GLU A CA    1 
ATOM   869  C C     . GLU A 1 136 ? -2.200  6.394   -10.421 1.00 22.16 ? 136 GLU A C     1 
ATOM   870  O O     . GLU A 1 136 ? -3.039  5.521   -10.602 1.00 22.32 ? 136 GLU A O     1 
ATOM   871  C CB    . GLU A 1 136 ? -2.106  8.204   -12.156 1.00 23.32 ? 136 GLU A CB    1 
ATOM   872  C CG    . GLU A 1 136 ? -2.920  9.324   -12.790 1.00 25.74 ? 136 GLU A CG    1 
ATOM   873  C CD    . GLU A 1 136 ? -2.669  9.472   -14.280 1.00 27.97 ? 136 GLU A CD    1 
ATOM   874  O OE1   . GLU A 1 136 ? -1.615  8.998   -14.766 1.00 30.66 ? 136 GLU A OE1   1 
ATOM   875  O OE2   . GLU A 1 136 ? -3.521  10.068  -14.972 1.00 30.54 ? 136 GLU A OE2   1 
ATOM   876  N N     . LEU A 1 137 ? -0.977  6.128   -9.965  1.00 21.30 ? 137 LEU A N     1 
ATOM   877  C CA    . LEU A 1 137 ? -0.574  4.775   -9.588  1.00 20.77 ? 137 LEU A CA    1 
ATOM   878  C C     . LEU A 1 137 ? -1.394  4.292   -8.395  1.00 20.15 ? 137 LEU A C     1 
ATOM   879  O O     . LEU A 1 137 ? -1.925  3.185   -8.399  1.00 19.16 ? 137 LEU A O     1 
ATOM   880  C CB    . LEU A 1 137 ? 0.918   4.737   -9.236  1.00 20.98 ? 137 LEU A CB    1 
ATOM   881  C CG    . LEU A 1 137 ? 1.475   3.427   -8.676  1.00 22.07 ? 137 LEU A CG    1 
ATOM   882  C CD1   . LEU A 1 137 ? 1.330   2.292   -9.670  1.00 23.09 ? 137 LEU A CD1   1 
ATOM   883  C CD2   . LEU A 1 137 ? 2.934   3.611   -8.287  1.00 23.13 ? 137 LEU A CD2   1 
ATOM   884  N N     . TRP A 1 138 ? -1.506  5.140   -7.382  1.00 19.30 ? 138 TRP A N     1 
ATOM   885  C CA    . TRP A 1 138 ? -2.249  4.772   -6.185  1.00 19.37 ? 138 TRP A CA    1 
ATOM   886  C C     . TRP A 1 138 ? -3.731  4.569   -6.499  1.00 19.00 ? 138 TRP A C     1 
ATOM   887  O O     . TRP A 1 138 ? -4.357  3.623   -6.006  1.00 19.23 ? 138 TRP A O     1 
ATOM   888  C CB    . TRP A 1 138 ? -2.070  5.822   -5.089  1.00 19.59 ? 138 TRP A CB    1 
ATOM   889  C CG    . TRP A 1 138 ? -2.611  5.348   -3.799  1.00 20.30 ? 138 TRP A CG    1 
ATOM   890  C CD1   . TRP A 1 138 ? -3.677  5.858   -3.124  1.00 21.22 ? 138 TRP A CD1   1 
ATOM   891  C CD2   . TRP A 1 138 ? -2.146  4.233   -3.034  1.00 21.37 ? 138 TRP A CD2   1 
ATOM   892  N NE1   . TRP A 1 138 ? -3.899  5.134   -1.979  1.00 20.18 ? 138 TRP A NE1   1 
ATOM   893  C CE2   . TRP A 1 138 ? -2.967  4.133   -1.897  1.00 21.09 ? 138 TRP A CE2   1 
ATOM   894  C CE3   . TRP A 1 138 ? -1.103  3.309   -3.189  1.00 21.93 ? 138 TRP A CE3   1 
ATOM   895  C CZ2   . TRP A 1 138 ? -2.784  3.156   -0.927  1.00 20.99 ? 138 TRP A CZ2   1 
ATOM   896  C CZ3   . TRP A 1 138 ? -0.925  2.338   -2.226  1.00 22.12 ? 138 TRP A CZ3   1 
ATOM   897  C CH2   . TRP A 1 138 ? -1.763  2.267   -1.109  1.00 21.32 ? 138 TRP A CH2   1 
ATOM   898  N N     . SER A 1 139 ? -4.281  5.446   -7.329  1.00 18.51 ? 139 SER A N     1 
ATOM   899  C CA    . SER A 1 139 ? -5.686  5.371   -7.709  1.00 18.71 ? 139 SER A CA    1 
ATOM   900  C C     . SER A 1 139 ? -6.004  4.056   -8.421  1.00 18.34 ? 139 SER A C     1 
ATOM   901  O O     . SER A 1 139 ? -7.009  3.416   -8.128  1.00 18.28 ? 139 SER A O     1 
ATOM   902  C CB    . SER A 1 139 ? -6.062  6.564   -8.585  1.00 19.06 ? 139 SER A CB    1 
ATOM   903  O OG    . SER A 1 139 ? -7.357  6.399   -9.128  1.00 21.36 ? 139 SER A OG    1 
ATOM   904  N N     . THR A 1 140 ? -5.137  3.651   -9.347  1.00 17.55 ? 140 THR A N     1 
ATOM   905  C CA    . THR A 1 140 ? -5.324  2.419   -10.107 1.00 17.45 ? 140 THR A CA    1 
ATOM   906  C C     . THR A 1 140 ? -5.427  1.196   -9.204  1.00 17.10 ? 140 THR A C     1 
ATOM   907  O O     . THR A 1 140 ? -6.308  0.356   -9.365  1.00 16.52 ? 140 THR A O     1 
ATOM   908  C CB    . THR A 1 140 ? -4.156  2.246   -11.099 1.00 17.72 ? 140 THR A CB    1 
ATOM   909  O OG1   . THR A 1 140 ? -4.217  3.279   -12.089 1.00 18.93 ? 140 THR A OG1   1 
ATOM   910  C CG2   . THR A 1 140 ? -4.278  0.951   -11.880 1.00 18.41 ? 140 THR A CG2   1 
ATOM   911  N N     . PHE A 1 141 ? -4.527  1.098   -8.239  1.00 16.63 ? 141 PHE A N     1 
ATOM   912  C CA    . PHE A 1 141 ? -4.527  -0.054  -7.357  1.00 16.72 ? 141 PHE A CA    1 
ATOM   913  C C     . PHE A 1 141 ? -5.659  -0.016  -6.322  1.00 15.97 ? 141 PHE A C     1 
ATOM   914  O O     . PHE A 1 141 ? -6.241  -1.051  -6.027  1.00 15.44 ? 141 PHE A O     1 
ATOM   915  C CB    . PHE A 1 141 ? -3.133  -0.271  -6.767  1.00 17.34 ? 141 PHE A CB    1 
ATOM   916  C CG    . PHE A 1 141 ? -2.192  -0.907  -7.760  1.00 19.11 ? 141 PHE A CG    1 
ATOM   917  C CD1   . PHE A 1 141 ? -1.499  -0.124  -8.682  1.00 21.94 ? 141 PHE A CD1   1 
ATOM   918  C CD2   . PHE A 1 141 ? -2.094  -2.286  -7.853  1.00 21.17 ? 141 PHE A CD2   1 
ATOM   919  C CE1   . PHE A 1 141 ? -0.670  -0.708  -9.632  1.00 22.90 ? 141 PHE A CE1   1 
ATOM   920  C CE2   . PHE A 1 141 ? -1.265  -2.884  -8.796  1.00 22.24 ? 141 PHE A CE2   1 
ATOM   921  C CZ    . PHE A 1 141 ? -0.554  -2.095  -9.689  1.00 22.84 ? 141 PHE A CZ    1 
ATOM   922  N N     . MET A 1 142 ? -6.001  1.162   -5.812  1.00 15.70 ? 142 MET A N     1 
ATOM   923  C CA    . MET A 1 142 ? -7.132  1.275   -4.881  1.00 16.09 ? 142 MET A CA    1 
ATOM   924  C C     . MET A 1 142 ? -8.440  0.864   -5.564  1.00 15.81 ? 142 MET A C     1 
ATOM   925  O O     . MET A 1 142 ? -9.280  0.193   -4.959  1.00 15.80 ? 142 MET A O     1 
ATOM   926  C CB    . MET A 1 142 ? -7.254  2.691   -4.316  1.00 16.03 ? 142 MET A CB    1 
ATOM   927  C CG    . MET A 1 142 ? -6.184  3.053   -3.304  1.00 17.94 ? 142 MET A CG    1 
ATOM   928  S SD    . MET A 1 142 ? -6.336  2.151   -1.762  1.00 21.07 ? 142 MET A SD    1 
ATOM   929  C CE    . MET A 1 142 ? -7.687  3.012   -0.947  1.00 20.95 ? 142 MET A CE    1 
ATOM   930  N N     . GLN A 1 143 ? -8.611  1.256   -6.822  1.00 16.11 ? 143 GLN A N     1 
ATOM   931  C CA    . GLN A 1 143 ? -9.786  0.839   -7.587  1.00 16.25 ? 143 GLN A CA    1 
ATOM   932  C C     . GLN A 1 143 ? -9.867  -0.692  -7.654  1.00 15.67 ? 143 GLN A C     1 
ATOM   933  O O     . GLN A 1 143 ? -10.927 -1.270  -7.441  1.00 14.85 ? 143 GLN A O     1 
ATOM   934  C CB    . GLN A 1 143 ? -9.763  1.424   -9.001  1.00 16.83 ? 143 GLN A CB    1 
ATOM   935  C CG    . GLN A 1 143 ? -10.018 2.918   -9.064  1.00 19.50 ? 143 GLN A CG    1 
ATOM   936  C CD    . GLN A 1 143 ? -9.894  3.466   -10.480 1.00 23.57 ? 143 GLN A CD    1 
ATOM   937  O OE1   . GLN A 1 143 ? -10.517 2.940   -11.407 1.00 26.41 ? 143 GLN A OE1   1 
ATOM   938  N NE2   . GLN A 1 143 ? -9.080  4.505   -10.654 1.00 25.34 ? 143 GLN A NE2   1 
ATOM   939  N N     . LYS A 1 144 ? -8.733  -1.341  -7.923  1.00 15.16 ? 144 LYS A N     1 
ATOM   940  C CA    . LYS A 1 144 ? -8.671  -2.796  -8.037  1.00 15.49 ? 144 LYS A CA    1 
ATOM   941  C C     . LYS A 1 144 ? -9.041  -3.481  -6.722  1.00 14.94 ? 144 LYS A C     1 
ATOM   942  O O     . LYS A 1 144 ? -9.828  -4.416  -6.707  1.00 14.52 ? 144 LYS A O     1 
ATOM   943  C CB    . LYS A 1 144 ? -7.267  -3.236  -8.503  1.00 15.85 ? 144 LYS A CB    1 
ATOM   944  C CG    . LYS A 1 144 ? -7.157  -4.720  -8.854  1.00 18.71 ? 144 LYS A CG    1 
ATOM   945  C CD    . LYS A 1 144 ? -5.787  -5.075  -9.426  1.00 21.92 ? 144 LYS A CD    1 
ATOM   946  C CE    . LYS A 1 144 ? -5.665  -6.578  -9.650  1.00 24.18 ? 144 LYS A CE    1 
ATOM   947  N NZ    . LYS A 1 144 ? -4.362  -6.960  -10.269 1.00 25.67 ? 144 LYS A NZ    1 
ATOM   948  N N     . TRP A 1 145 ? -8.493  -2.970  -5.627  1.00 15.06 ? 145 TRP A N     1 
ATOM   949  C CA    . TRP A 1 145 ? -8.670  -3.549  -4.308  1.00 14.97 ? 145 TRP A CA    1 
ATOM   950  C C     . TRP A 1 145 ? -10.096 -3.342  -3.782  1.00 14.33 ? 145 TRP A C     1 
ATOM   951  O O     . TRP A 1 145 ? -10.675 -4.241  -3.174  1.00 13.70 ? 145 TRP A O     1 
ATOM   952  C CB    . TRP A 1 145 ? -7.627  -2.952  -3.348  1.00 15.49 ? 145 TRP A CB    1 
ATOM   953  C CG    . TRP A 1 145 ? -6.211  -3.273  -3.775  1.00 16.16 ? 145 TRP A CG    1 
ATOM   954  C CD1   . TRP A 1 145 ? -5.813  -4.352  -4.513  1.00 15.97 ? 145 TRP A CD1   1 
ATOM   955  C CD2   . TRP A 1 145 ? -5.016  -2.514  -3.503  1.00 16.63 ? 145 TRP A CD2   1 
ATOM   956  N NE1   . TRP A 1 145 ? -4.455  -4.317  -4.712  1.00 16.81 ? 145 TRP A NE1   1 
ATOM   957  C CE2   . TRP A 1 145 ? -3.938  -3.201  -4.109  1.00 17.20 ? 145 TRP A CE2   1 
ATOM   958  C CE3   . TRP A 1 145 ? -4.745  -1.325  -2.811  1.00 18.29 ? 145 TRP A CE3   1 
ATOM   959  C CZ2   . TRP A 1 145 ? -2.612  -2.744  -4.037  1.00 17.27 ? 145 TRP A CZ2   1 
ATOM   960  C CZ3   . TRP A 1 145 ? -3.422  -0.865  -2.752  1.00 19.08 ? 145 TRP A CZ3   1 
ATOM   961  C CH2   . TRP A 1 145 ? -2.383  -1.577  -3.353  1.00 17.63 ? 145 TRP A CH2   1 
ATOM   962  N N     . ILE A 1 146 ? -10.661 -2.168  -4.055  1.00 13.85 ? 146 ILE A N     1 
ATOM   963  C CA    . ILE A 1 146 ? -12.053 -1.870  -3.703  1.00 12.93 ? 146 ILE A CA    1 
ATOM   964  C C     . ILE A 1 146 ? -13.013 -2.760  -4.506  1.00 12.97 ? 146 ILE A C     1 
ATOM   965  O O     . ILE A 1 146 ? -13.957 -3.311  -3.952  1.00 12.73 ? 146 ILE A O     1 
ATOM   966  C CB    . ILE A 1 146 ? -12.354 -0.357  -3.893  1.00 12.73 ? 146 ILE A CB    1 
ATOM   967  C CG1   . ILE A 1 146 ? -11.649 0.450   -2.792  1.00 13.17 ? 146 ILE A CG1   1 
ATOM   968  C CG2   . ILE A 1 146 ? -13.859 -0.086  -3.870  1.00 12.90 ? 146 ILE A CG2   1 
ATOM   969  C CD1   . ILE A 1 146 ? -11.578 1.954   -3.046  1.00 13.39 ? 146 ILE A CD1   1 
ATOM   970  N N     . ALA A 1 147 ? -12.755 -2.917  -5.802  1.00 12.36 ? 147 ALA A N     1 
ATOM   971  C CA    . ALA A 1 147 ? -13.591 -3.766  -6.638  1.00 12.73 ? 147 ALA A CA    1 
ATOM   972  C C     . ALA A 1 147 ? -13.598 -5.221  -6.145  1.00 12.94 ? 147 ALA A C     1 
ATOM   973  O O     . ALA A 1 147 ? -14.651 -5.862  -6.115  1.00 13.06 ? 147 ALA A O     1 
ATOM   974  C CB    . ALA A 1 147 ? -13.150 -3.677  -8.103  1.00 12.51 ? 147 ALA A CB    1 
ATOM   975  N N     . TYR A 1 148 ? -12.433 -5.715  -5.722  1.00 13.50 ? 148 TYR A N     1 
ATOM   976  C CA    . TYR A 1 148 ? -12.321 -7.078  -5.192  1.00 14.13 ? 148 TYR A CA    1 
ATOM   977  C C     . TYR A 1 148 ? -13.091 -7.203  -3.880  1.00 14.00 ? 148 TYR A C     1 
ATOM   978  O O     . TYR A 1 148 ? -13.831 -8.158  -3.680  1.00 13.64 ? 148 TYR A O     1 
ATOM   979  C CB    . TYR A 1 148 ? -10.852 -7.467  -4.981  1.00 14.63 ? 148 TYR A CB    1 
ATOM   980  C CG    . TYR A 1 148 ? -10.701 -8.838  -4.373  1.00 16.68 ? 148 TYR A CG    1 
ATOM   981  C CD1   . TYR A 1 148 ? -11.075 -9.973  -5.084  1.00 18.88 ? 148 TYR A CD1   1 
ATOM   982  C CD2   . TYR A 1 148 ? -10.218 -9.001  -3.075  1.00 19.10 ? 148 TYR A CD2   1 
ATOM   983  C CE1   . TYR A 1 148 ? -10.962 -11.237 -4.535  1.00 19.85 ? 148 TYR A CE1   1 
ATOM   984  C CE2   . TYR A 1 148 ? -10.102 -10.275 -2.513  1.00 20.55 ? 148 TYR A CE2   1 
ATOM   985  C CZ    . TYR A 1 148 ? -10.477 -11.381 -3.245  1.00 20.95 ? 148 TYR A CZ    1 
ATOM   986  O OH    . TYR A 1 148 ? -10.361 -12.647 -2.704  1.00 22.91 ? 148 TYR A OH    1 
ATOM   987  N N     . THR A 1 149 ? -12.929 -6.226  -2.991  1.00 14.00 ? 149 THR A N     1 
ATOM   988  C CA    . THR A 1 149 ? -13.656 -6.206  -1.726  1.00 13.96 ? 149 THR A CA    1 
ATOM   989  C C     . THR A 1 149 ? -15.159 -6.285  -1.972  1.00 13.92 ? 149 THR A C     1 
ATOM   990  O O     . THR A 1 149 ? -15.866 -7.077  -1.347  1.00 13.96 ? 149 THR A O     1 
ATOM   991  C CB    . THR A 1 149 ? -13.334 -4.921  -0.929  1.00 13.88 ? 149 THR A CB    1 
ATOM   992  O OG1   . THR A 1 149 ? -11.947 -4.881  -0.566  1.00 14.52 ? 149 THR A OG1   1 
ATOM   993  C CG2   . THR A 1 149 ? -14.086 -4.878  0.390   1.00 14.24 ? 149 THR A CG2   1 
ATOM   994  N N     . ALA A 1 150 ? -15.646 -5.468  -2.897  1.00 13.83 ? 150 ALA A N     1 
ATOM   995  C CA    . ALA A 1 150 ? -17.077 -5.389  -3.170  1.00 14.18 ? 150 ALA A CA    1 
ATOM   996  C C     . ALA A 1 150 ? -17.601 -6.708  -3.722  1.00 14.28 ? 150 ALA A C     1 
ATOM   997  O O     . ALA A 1 150 ? -18.721 -7.101  -3.418  1.00 14.47 ? 150 ALA A O     1 
ATOM   998  C CB    . ALA A 1 150 ? -17.377 -4.250  -4.130  1.00 14.01 ? 150 ALA A CB    1 
ATOM   999  N N     . ALA A 1 151 ? -16.771 -7.384  -4.510  1.00 14.76 ? 151 ALA A N     1 
ATOM   1000 C CA    . ALA A 1 151 ? -17.116 -8.677  -5.095  1.00 14.86 ? 151 ALA A CA    1 
ATOM   1001 C C     . ALA A 1 151 ? -17.260 -9.757  -4.021  1.00 14.97 ? 151 ALA A C     1 
ATOM   1002 O O     . ALA A 1 151 ? -18.174 -10.566 -4.091  1.00 15.18 ? 151 ALA A O     1 
ATOM   1003 C CB    . ALA A 1 151 ? -16.077 -9.086  -6.132  1.00 15.12 ? 151 ALA A CB    1 
ATOM   1004 N N     . VAL A 1 152 ? -16.389 -9.740  -3.015  1.00 15.35 ? 152 VAL A N     1 
ATOM   1005 C CA    . VAL A 1 152 ? -16.467 -10.711 -1.921  1.00 15.71 ? 152 VAL A CA    1 
ATOM   1006 C C     . VAL A 1 152 ? -17.705 -10.449 -1.058  1.00 15.67 ? 152 VAL A C     1 
ATOM   1007 O O     . VAL A 1 152 ? -18.423 -11.379 -0.705  1.00 16.38 ? 152 VAL A O     1 
ATOM   1008 C CB    . VAL A 1 152 ? -15.177 -10.724 -1.071  1.00 15.89 ? 152 VAL A CB    1 
ATOM   1009 C CG1   . VAL A 1 152 ? -15.301 -11.706 0.105   1.00 16.56 ? 152 VAL A CG1   1 
ATOM   1010 C CG2   . VAL A 1 152 ? -13.983 -11.084 -1.933  1.00 16.80 ? 152 VAL A CG2   1 
ATOM   1011 N N     . ILE A 1 153 ? -17.977 -9.180  -0.754  1.00 15.35 ? 153 ILE A N     1 
ATOM   1012 C CA    . ILE A 1 153 ? -19.190 -8.803  -0.028  1.00 15.48 ? 153 ILE A CA    1 
ATOM   1013 C C     . ILE A 1 153 ? -20.431 -9.303  -0.776  1.00 15.79 ? 153 ILE A C     1 
ATOM   1014 O O     . ILE A 1 153 ? -21.335 -9.873  -0.180  1.00 16.04 ? 153 ILE A O     1 
ATOM   1015 C CB    . ILE A 1 153 ? -19.246 -7.259  0.183   1.00 15.09 ? 153 ILE A CB    1 
ATOM   1016 C CG1   . ILE A 1 153 ? -18.141 -6.822  1.154   1.00 14.37 ? 153 ILE A CG1   1 
ATOM   1017 C CG2   . ILE A 1 153 ? -20.626 -6.832  0.713   1.00 15.06 ? 153 ILE A CG2   1 
ATOM   1018 C CD1   . ILE A 1 153 ? -17.946 -5.321  1.238   1.00 14.95 ? 153 ILE A CD1   1 
ATOM   1019 N N     . ASP A 1 154 ? -20.455 -9.097  -2.087  1.00 16.58 ? 154 ASP A N     1 
ATOM   1020 C CA    . ASP A 1 154 ? -21.558 -9.546  -2.929  1.00 17.45 ? 154 ASP A CA    1 
ATOM   1021 C C     . ASP A 1 154 ? -21.759 -11.054 -2.860  1.00 17.52 ? 154 ASP A C     1 
ATOM   1022 O O     . ASP A 1 154 ? -22.896 -11.517 -2.846  1.00 17.69 ? 154 ASP A O     1 
ATOM   1023 C CB    . ASP A 1 154 ? -21.316 -9.151  -4.387  1.00 17.81 ? 154 ASP A CB    1 
ATOM   1024 C CG    . ASP A 1 154 ? -21.776 -7.741  -4.701  1.00 19.98 ? 154 ASP A CG    1 
ATOM   1025 O OD1   . ASP A 1 154 ? -22.639 -7.208  -3.972  1.00 24.37 ? 154 ASP A OD1   1 
ATOM   1026 O OD2   . ASP A 1 154 ? -21.339 -7.103  -5.683  1.00 23.86 ? 154 ASP A OD2   1 
ATOM   1027 N N     . ALA A 1 155 ? -20.659 -11.801 -2.831  1.00 18.19 ? 155 ALA A N     1 
ATOM   1028 C CA    . ALA A 1 155 ? -20.713 -13.268 -2.754  1.00 18.61 ? 155 ALA A CA    1 
ATOM   1029 C C     . ALA A 1 155 ? -21.246 -13.716 -1.398  1.00 19.02 ? 155 ALA A C     1 
ATOM   1030 O O     . ALA A 1 155 ? -21.994 -14.690 -1.318  1.00 19.31 ? 155 ALA A O     1 
ATOM   1031 C CB    . ALA A 1 155 ? -19.351 -13.868 -3.003  1.00 18.78 ? 155 ALA A CB    1 
ATOM   1032 N N     . GLU A 1 156 ? -20.868 -13.001 -0.340  1.00 19.28 ? 156 GLU A N     1 
ATOM   1033 C CA    . GLU A 1 156 ? -21.382 -13.281 1.000   1.00 19.45 ? 156 GLU A CA    1 
ATOM   1034 C C     . GLU A 1 156 ? -22.882 -13.027 1.078   1.00 19.63 ? 156 GLU A C     1 
ATOM   1035 O O     . GLU A 1 156 ? -23.607 -13.778 1.732   1.00 20.01 ? 156 GLU A O     1 
ATOM   1036 C CB    . GLU A 1 156 ? -20.648 -12.449 2.059   1.00 19.59 ? 156 GLU A CB    1 
ATOM   1037 C CG    . GLU A 1 156 ? -19.175 -12.791 2.217   1.00 19.98 ? 156 GLU A CG    1 
ATOM   1038 C CD    . GLU A 1 156 ? -18.958 -14.146 2.868   1.00 20.41 ? 156 GLU A CD    1 
ATOM   1039 O OE1   . GLU A 1 156 ? -18.741 -14.194 4.093   1.00 20.44 ? 156 GLU A OE1   1 
ATOM   1040 O OE2   . GLU A 1 156 ? -19.008 -15.167 2.150   1.00 22.09 ? 156 GLU A OE2   1 
ATOM   1041 N N     . ARG A 1 157 ? -23.359 -11.985 0.399   1.00 19.32 ? 157 ARG A N     1 
ATOM   1042 C CA    . ARG A 1 157 ? -24.782 -11.673 0.393   1.00 19.42 ? 157 ARG A CA    1 
ATOM   1043 C C     . ARG A 1 157 ? -25.568 -12.717 -0.403  1.00 20.10 ? 157 ARG A C     1 
ATOM   1044 O O     . ARG A 1 157 ? -26.668 -13.092 -0.012  1.00 20.65 ? 157 ARG A O     1 
ATOM   1045 C CB    . ARG A 1 157 ? -25.028 -10.275 -0.180  1.00 18.86 ? 157 ARG A CB    1 
ATOM   1046 C CG    . ARG A 1 157 ? -24.525 -9.162  0.712   1.00 17.32 ? 157 ARG A CG    1 
ATOM   1047 C CD    . ARG A 1 157 ? -24.560 -7.783  0.076   1.00 15.27 ? 157 ARG A CD    1 
ATOM   1048 N NE    . ARG A 1 157 ? -24.192 -6.766  1.061   1.00 13.48 ? 157 ARG A NE    1 
ATOM   1049 C CZ    . ARG A 1 157 ? -24.377 -5.452  0.909   1.00 14.60 ? 157 ARG A CZ    1 
ATOM   1050 N NH1   . ARG A 1 157 ? -24.875 -4.960  -0.221  1.00 15.28 ? 157 ARG A NH1   1 
ATOM   1051 N NH2   . ARG A 1 157 ? -24.029 -4.623  1.884   1.00 13.36 ? 157 ARG A NH2   1 
ATOM   1052 N N     . ASP A 1 158 ? -24.986 -13.190 -1.503  1.00 21.31 ? 158 ASP A N     1 
ATOM   1053 C CA    . ASP A 1 158 ? -25.625 -14.186 -2.368  1.00 22.46 ? 158 ASP A CA    1 
ATOM   1054 C C     . ASP A 1 158 ? -25.843 -15.512 -1.649  1.00 23.13 ? 158 ASP A C     1 
ATOM   1055 O O     . ASP A 1 158 ? -26.840 -16.189 -1.894  1.00 23.04 ? 158 ASP A O     1 
ATOM   1056 C CB    . ASP A 1 158 ? -24.785 -14.440 -3.624  1.00 22.73 ? 158 ASP A CB    1 
ATOM   1057 C CG    . ASP A 1 158 ? -24.850 -13.298 -4.623  1.00 23.88 ? 158 ASP A CG    1 
ATOM   1058 O OD1   . ASP A 1 158 ? -25.799 -12.481 -4.566  1.00 25.79 ? 158 ASP A OD1   1 
ATOM   1059 O OD2   . ASP A 1 158 ? -23.985 -13.148 -5.514  1.00 24.87 ? 158 ASP A OD2   1 
ATOM   1060 N N     . ARG A 1 159 ? -24.913 -15.883 -0.774  1.00 23.84 ? 159 ARG A N     1 
ATOM   1061 C CA    . ARG A 1 159 ? -24.989 -17.172 -0.074  1.00 24.41 ? 159 ARG A CA    1 
ATOM   1062 C C     . ARG A 1 159 ? -25.754 -17.082 1.252   1.00 24.28 ? 159 ARG A C     1 
ATOM   1063 O O     . ARG A 1 159 ? -25.909 -18.089 1.943   1.00 24.73 ? 159 ARG A O     1 
ATOM   1064 C CB    . ARG A 1 159 ? -23.588 -17.777 0.129   1.00 24.74 ? 159 ARG A CB    1 
ATOM   1065 C CG    . ARG A 1 159 ? -22.696 -17.029 1.095   1.00 25.99 ? 159 ARG A CG    1 
ATOM   1066 C CD    . ARG A 1 159 ? -21.379 -17.723 1.425   1.00 28.25 ? 159 ARG A CD    1 
ATOM   1067 N NE    . ARG A 1 159 ? -20.919 -17.296 2.746   1.00 30.30 ? 159 ARG A NE    1 
ATOM   1068 C CZ    . ARG A 1 159 ? -19.902 -17.822 3.420   1.00 31.62 ? 159 ARG A CZ    1 
ATOM   1069 N NH1   . ARG A 1 159 ? -19.168 -18.805 2.904   1.00 33.14 ? 159 ARG A NH1   1 
ATOM   1070 N NH2   . ARG A 1 159 ? -19.606 -17.334 4.625   1.00 32.22 ? 159 ARG A NH2   1 
ATOM   1071 N N     . GLY A 1 160 ? -26.229 -15.886 1.601   1.00 23.83 ? 160 GLY A N     1 
ATOM   1072 C CA    . GLY A 1 160 ? -27.096 -15.691 2.752   1.00 23.82 ? 160 GLY A CA    1 
ATOM   1073 C C     . GLY A 1 160 ? -26.369 -15.364 4.042   1.00 23.57 ? 160 GLY A C     1 
ATOM   1074 O O     . GLY A 1 160 ? -27.001 -15.262 5.094   1.00 24.04 ? 160 GLY A O     1 
ATOM   1075 N N     . ALA A 1 161 ? -25.052 -15.181 3.956   1.00 23.27 ? 161 ALA A N     1 
ATOM   1076 C CA    . ALA A 1 161 ? -24.211 -14.908 5.121   1.00 22.85 ? 161 ALA A CA    1 
ATOM   1077 C C     . ALA A 1 161 ? -24.198 -13.440 5.558   1.00 22.33 ? 161 ALA A C     1 
ATOM   1078 O O     . ALA A 1 161 ? -24.046 -13.158 6.746   1.00 22.86 ? 161 ALA A O     1 
ATOM   1079 C CB    . ALA A 1 161 ? -22.796 -15.376 4.856   1.00 23.04 ? 161 ALA A CB    1 
ATOM   1080 N N     . ALA A 1 162 ? -24.352 -12.513 4.611   1.00 21.10 ? 162 ALA A N     1 
ATOM   1081 C CA    . ALA A 1 162 ? -24.329 -11.078 4.913   1.00 20.28 ? 162 ALA A CA    1 
ATOM   1082 C C     . ALA A 1 162 ? -25.633 -10.408 4.475   1.00 19.60 ? 162 ALA A C     1 
ATOM   1083 O O     . ALA A 1 162 ? -26.177 -10.748 3.425   1.00 19.36 ? 162 ALA A O     1 
ATOM   1084 C CB    . ALA A 1 162 ? -23.146 -10.410 4.223   1.00 20.21 ? 162 ALA A CB    1 
ATOM   1085 N N     . PRO A 1 163 ? -26.128 -9.455  5.263   1.00 18.90 ? 163 PRO A N     1 
ATOM   1086 C CA    . PRO A 1 163 ? -27.369 -8.749  4.924   1.00 18.68 ? 163 PRO A CA    1 
ATOM   1087 C C     . PRO A 1 163 ? -27.205 -7.690  3.833   1.00 18.61 ? 163 PRO A C     1 
ATOM   1088 O O     . PRO A 1 163 ? -26.131 -7.109  3.660   1.00 17.85 ? 163 PRO A O     1 
ATOM   1089 C CB    . PRO A 1 163 ? -27.770 -8.097  6.250   1.00 18.82 ? 163 PRO A CB    1 
ATOM   1090 C CG    . PRO A 1 163 ? -26.480 -7.867  6.956   1.00 18.82 ? 163 PRO A CG    1 
ATOM   1091 C CD    . PRO A 1 163 ? -25.573 -8.990  6.549   1.00 19.01 ? 163 PRO A CD    1 
ATOM   1092 N N     . ARG A 1 164 ? -28.294 -7.433  3.114   1.00 18.49 ? 164 ARG A N     1 
ATOM   1093 C CA    . ARG A 1 164 ? -28.309 -6.449  2.039   1.00 18.69 ? 164 ARG A CA    1 
ATOM   1094 C C     . ARG A 1 164 ? -28.609 -5.060  2.606   1.00 18.32 ? 164 ARG A C     1 
ATOM   1095 O O     . ARG A 1 164 ? -29.754 -4.599  2.606   1.00 19.18 ? 164 ARG A O     1 
ATOM   1096 C CB    . ARG A 1 164 ? -29.328 -6.855  0.973   1.00 18.87 ? 164 ARG A CB    1 
ATOM   1097 C CG    . ARG A 1 164 ? -28.903 -8.088  0.219   1.00 20.50 ? 164 ARG A CG    1 
ATOM   1098 C CD    . ARG A 1 164 ? -29.826 -8.488  -0.921  1.00 22.54 ? 164 ARG A CD    1 
ATOM   1099 N NE    . ARG A 1 164 ? -29.524 -9.842  -1.382  1.00 23.89 ? 164 ARG A NE    1 
ATOM   1100 C CZ    . ARG A 1 164 ? -28.480 -10.182 -2.143  1.00 24.79 ? 164 ARG A CZ    1 
ATOM   1101 N NH1   . ARG A 1 164 ? -27.600 -9.270  -2.557  1.00 25.59 ? 164 ARG A NH1   1 
ATOM   1102 N NH2   . ARG A 1 164 ? -28.310 -11.451 -2.490  1.00 25.59 ? 164 ARG A NH2   1 
ATOM   1103 N N     . THR A 1 165 ? -27.560 -4.405  3.090   1.00 17.55 ? 165 THR A N     1 
ATOM   1104 C CA    . THR A 1 165 ? -27.664 -3.096  3.734   1.00 16.78 ? 165 THR A CA    1 
ATOM   1105 C C     . THR A 1 165 ? -27.209 -1.998  2.765   1.00 16.33 ? 165 THR A C     1 
ATOM   1106 O O     . THR A 1 165 ? -27.945 -1.673  1.835   1.00 17.41 ? 165 THR A O     1 
ATOM   1107 C CB    . THR A 1 165 ? -26.849 -3.087  5.044   1.00 16.78 ? 165 THR A CB    1 
ATOM   1108 O OG1   . THR A 1 165 ? -25.539 -3.619  4.805   1.00 15.91 ? 165 THR A OG1   1 
ATOM   1109 C CG2   . THR A 1 165 ? -27.454 -4.038  6.067   1.00 17.48 ? 165 THR A CG2   1 
ATOM   1110 N N     . LEU A 1 166 ? -26.010 -1.445  2.945   1.00 15.89 ? 166 LEU A N     1 
ATOM   1111 C CA    . LEU A 1 166 ? -25.471 -0.431  2.032   1.00 15.13 ? 166 LEU A CA    1 
ATOM   1112 C C     . LEU A 1 166 ? -25.117 -1.029  0.676   1.00 14.49 ? 166 LEU A C     1 
ATOM   1113 O O     . LEU A 1 166 ? -24.816 -2.214  0.596   1.00 14.46 ? 166 LEU A O     1 
ATOM   1114 C CB    . LEU A 1 166 ? -24.163 0.145   2.581   1.00 15.14 ? 166 LEU A CB    1 
ATOM   1115 C CG    . LEU A 1 166 ? -24.171 0.931   3.883   1.00 15.62 ? 166 LEU A CG    1 
ATOM   1116 C CD1   . LEU A 1 166 ? -22.766 1.371   4.190   1.00 15.97 ? 166 LEU A CD1   1 
ATOM   1117 C CD2   . LEU A 1 166 ? -25.120 2.120   3.809   1.00 16.84 ? 166 LEU A CD2   1 
ATOM   1118 N N     . PRO A 1 167 ? -25.092 -0.213  -0.376  1.00 14.07 ? 167 PRO A N     1 
ATOM   1119 C CA    . PRO A 1 167 ? -24.431 -0.603  -1.629  1.00 13.72 ? 167 PRO A CA    1 
ATOM   1120 C C     . PRO A 1 167 ? -23.026 -1.147  -1.365  1.00 13.39 ? 167 PRO A C     1 
ATOM   1121 O O     . PRO A 1 167 ? -22.228 -0.482  -0.703  1.00 13.38 ? 167 PRO A O     1 
ATOM   1122 C CB    . PRO A 1 167 ? -24.379 0.708   -2.411  1.00 13.90 ? 167 PRO A CB    1 
ATOM   1123 C CG    . PRO A 1 167 ? -25.596 1.442   -1.940  1.00 14.14 ? 167 PRO A CG    1 
ATOM   1124 C CD    . PRO A 1 167 ? -25.683 1.134   -0.471  1.00 13.82 ? 167 PRO A CD    1 
ATOM   1125 N N     . ALA A 1 168 ? -22.743 -2.355  -1.844  1.00 12.72 ? 168 ALA A N     1 
ATOM   1126 C CA    . ALA A 1 168 ? -21.470 -3.020  -1.559  1.00 12.39 ? 168 ALA A CA    1 
ATOM   1127 C C     . ALA A 1 168 ? -20.240 -2.215  -1.980  1.00 11.96 ? 168 ALA A C     1 
ATOM   1128 O O     . ALA A 1 168 ? -19.248 -2.218  -1.268  1.00 11.58 ? 168 ALA A O     1 
ATOM   1129 C CB    . ALA A 1 168 ? -21.426 -4.409  -2.216  1.00 12.20 ? 168 ALA A CB    1 
ATOM   1130 N N     . HIS A 1 169 ? -20.288 -1.557  -3.136  1.00 11.64 ? 169 HIS A N     1 
ATOM   1131 C CA    . HIS A 1 169 ? -19.133 -0.804  -3.636  1.00 11.71 ? 169 HIS A CA    1 
ATOM   1132 C C     . HIS A 1 169 ? -18.848 0.432   -2.776  1.00 12.12 ? 169 HIS A C     1 
ATOM   1133 O O     . HIS A 1 169 ? -17.689 0.780   -2.537  1.00 12.20 ? 169 HIS A O     1 
ATOM   1134 C CB    . HIS A 1 169 ? -19.306 -0.416  -5.115  1.00 12.51 ? 169 HIS A CB    1 
ATOM   1135 C CG    . HIS A 1 169 ? -18.044 0.071   -5.757  1.00 11.96 ? 169 HIS A CG    1 
ATOM   1136 N ND1   . HIS A 1 169 ? -17.088 -0.781  -6.266  1.00 15.49 ? 169 HIS A ND1   1 
ATOM   1137 C CD2   . HIS A 1 169 ? -17.564 1.323   -5.935  1.00 12.01 ? 169 HIS A CD2   1 
ATOM   1138 C CE1   . HIS A 1 169 ? -16.084 -0.072  -6.749  1.00 12.56 ? 169 HIS A CE1   1 
ATOM   1139 N NE2   . HIS A 1 169 ? -16.347 1.207   -6.558  1.00 13.67 ? 169 HIS A NE2   1 
ATOM   1140 N N     . GLU A 1 170 ? -19.911 1.061   -2.271  1.00 11.71 ? 170 GLU A N     1 
ATOM   1141 C CA    . GLU A 1 170 ? -19.774 2.230   -1.399  1.00 12.07 ? 170 GLU A CA    1 
ATOM   1142 C C     . GLU A 1 170 ? -19.221 1.836   -0.033  1.00 11.85 ? 170 GLU A C     1 
ATOM   1143 O O     . GLU A 1 170 ? -18.330 2.498   0.502   1.00 11.68 ? 170 GLU A O     1 
ATOM   1144 C CB    . GLU A 1 170 ? -21.121 2.962   -1.279  1.00 12.25 ? 170 GLU A CB    1 
ATOM   1145 C CG    . GLU A 1 170 ? -21.536 3.610   -2.595  1.00 13.59 ? 170 GLU A CG    1 
ATOM   1146 C CD    . GLU A 1 170 ? -22.947 4.180   -2.618  1.00 13.26 ? 170 GLU A CD    1 
ATOM   1147 O OE1   . GLU A 1 170 ? -23.618 4.225   -1.564  1.00 13.62 ? 170 GLU A OE1   1 
ATOM   1148 O OE2   . GLU A 1 170 ? -23.385 4.582   -3.719  1.00 14.41 ? 170 GLU A OE2   1 
ATOM   1149 N N     . LEU A 1 171 ? -19.734 0.741   0.523   1.00 11.57 ? 171 LEU A N     1 
ATOM   1150 C CA    . LEU A 1 171 ? -19.199 0.181   1.757   1.00 11.72 ? 171 LEU A CA    1 
ATOM   1151 C C     . LEU A 1 171 ? -17.724 -0.182  1.575   1.00 11.68 ? 171 LEU A C     1 
ATOM   1152 O O     . LEU A 1 171 ? -16.894 0.164   2.415   1.00 11.74 ? 171 LEU A O     1 
ATOM   1153 C CB    . LEU A 1 171 ? -20.021 -1.041  2.183   1.00 11.83 ? 171 LEU A CB    1 
ATOM   1154 C CG    . LEU A 1 171 ? -19.569 -1.844  3.403   1.00 12.81 ? 171 LEU A CG    1 
ATOM   1155 C CD1   . LEU A 1 171 ? -19.370 -0.955  4.604   1.00 14.03 ? 171 LEU A CD1   1 
ATOM   1156 C CD2   . LEU A 1 171 ? -20.574 -2.959  3.701   1.00 13.90 ? 171 LEU A CD2   1 
ATOM   1157 N N     . ALA A 1 172 ? -17.390 -0.836  0.459   1.00 11.21 ? 172 ALA A N     1 
ATOM   1158 C CA    . ALA A 1 172 ? -16.008 -1.252  0.202   1.00 11.45 ? 172 ALA A CA    1 
ATOM   1159 C C     . ALA A 1 172 ? -15.067 -0.043  0.099   1.00 11.12 ? 172 ALA A C     1 
ATOM   1160 O O     . ALA A 1 172 ? -13.930 -0.098  0.560   1.00 11.41 ? 172 ALA A O     1 
ATOM   1161 C CB    . ALA A 1 172 ? -15.936 -2.090  -1.044  1.00 11.41 ? 172 ALA A CB    1 
ATOM   1162 N N     . THR A 1 173 ? -15.548 1.041   -0.504  1.00 11.18 ? 173 THR A N     1 
ATOM   1163 C CA    . THR A 1 173 ? -14.743 2.246   -0.675  1.00 11.16 ? 173 THR A CA    1 
ATOM   1164 C C     . THR A 1 173 ? -14.385 2.826   0.685   1.00 11.22 ? 173 THR A C     1 
ATOM   1165 O O     . THR A 1 173 ? -13.212 3.086   0.958   1.00 11.45 ? 173 THR A O     1 
ATOM   1166 C CB    . THR A 1 173 ? -15.472 3.291   -1.531  1.00 11.10 ? 173 THR A CB    1 
ATOM   1167 O OG1   . THR A 1 173 ? -15.662 2.790   -2.864  1.00 10.57 ? 173 THR A OG1   1 
ATOM   1168 C CG2   . THR A 1 173 ? -14.598 4.512   -1.721  1.00 12.14 ? 173 THR A CG2   1 
ATOM   1169 N N     . ALA A 1 174 ? -15.388 3.031   1.538   1.00 11.20 ? 174 ALA A N     1 
ATOM   1170 C CA    . ALA A 1 174 ? -15.123 3.634   2.853   1.00 11.10 ? 174 ALA A CA    1 
ATOM   1171 C C     . ALA A 1 174 ? -14.205 2.760   3.704   1.00 11.39 ? 174 ALA A C     1 
ATOM   1172 O O     . ALA A 1 174 ? -13.337 3.288   4.387   1.00 11.66 ? 174 ALA A O     1 
ATOM   1173 C CB    . ALA A 1 174 ? -16.417 3.953   3.598   1.00 11.05 ? 174 ALA A CB    1 
ATOM   1174 N N     . LEU A 1 175 ? -14.370 1.437   3.647   1.00 11.44 ? 175 LEU A N     1 
ATOM   1175 C CA    . LEU A 1 175 ? -13.559 0.521   4.465   1.00 11.85 ? 175 LEU A CA    1 
ATOM   1176 C C     . LEU A 1 175 ? -12.094 0.521   3.987   1.00 12.25 ? 175 LEU A C     1 
ATOM   1177 O O     . LEU A 1 175 ? -11.175 0.471   4.794   1.00 13.08 ? 175 LEU A O     1 
ATOM   1178 C CB    . LEU A 1 175 ? -14.123 -0.904  4.421   1.00 11.87 ? 175 LEU A CB    1 
ATOM   1179 C CG    . LEU A 1 175 ? -15.456 -1.133  5.148   1.00 12.16 ? 175 LEU A CG    1 
ATOM   1180 C CD1   . LEU A 1 175 ? -15.981 -2.551  4.950   1.00 12.73 ? 175 LEU A CD1   1 
ATOM   1181 C CD2   . LEU A 1 175 ? -15.350 -0.793  6.625   1.00 13.21 ? 175 LEU A CD2   1 
ATOM   1182 N N     . ASN A 1 176 ? -11.888 0.583   2.679   1.00 12.74 ? 176 ASN A N     1 
ATOM   1183 C CA    . ASN A 1 176 ? -10.534 0.618   2.126   1.00 12.86 ? 176 ASN A CA    1 
ATOM   1184 C C     . ASN A 1 176 ? -9.846  1.953   2.383   1.00 12.51 ? 176 ASN A C     1 
ATOM   1185 O O     . ASN A 1 176 ? -8.643  1.988   2.641   1.00 12.68 ? 176 ASN A O     1 
ATOM   1186 C CB    . ASN A 1 176 ? -10.534 0.273   0.630   1.00 13.43 ? 176 ASN A CB    1 
ATOM   1187 C CG    . ASN A 1 176 ? -10.490 -1.221  0.384   1.00 14.06 ? 176 ASN A CG    1 
ATOM   1188 O OD1   . ASN A 1 176 ? -9.409  -1.834  0.374   1.00 18.74 ? 176 ASN A OD1   1 
ATOM   1189 N ND2   . ASN A 1 176 ? -11.664 -1.836  0.236   1.00 12.64 ? 176 ASN A ND2   1 
ATOM   1190 N N     . LEU A 1 177 ? -10.599 3.053   2.314   1.00 12.17 ? 177 LEU A N     1 
ATOM   1191 C CA    . LEU A 1 177 ? -10.062 4.373   2.644   1.00 12.30 ? 177 LEU A CA    1 
ATOM   1192 C C     . LEU A 1 177 ? -9.732  4.472   4.132   1.00 12.14 ? 177 LEU A C     1 
ATOM   1193 O O     . LEU A 1 177 ? -8.718  5.080   4.506   1.00 12.52 ? 177 LEU A O     1 
ATOM   1194 C CB    . LEU A 1 177 ? -11.017 5.496   2.244   1.00 12.33 ? 177 LEU A CB    1 
ATOM   1195 C CG    . LEU A 1 177 ? -11.159 5.748   0.736   1.00 12.71 ? 177 LEU A CG    1 
ATOM   1196 C CD1   . LEU A 1 177 ? -12.208 6.810   0.470   1.00 13.33 ? 177 LEU A CD1   1 
ATOM   1197 C CD2   . LEU A 1 177 ? -9.827  6.137   0.109   1.00 14.24 ? 177 LEU A CD2   1 
ATOM   1198 N N     . MET A 1 178 ? -10.563 3.865   4.985   1.00 12.17 ? 178 MET A N     1 
ATOM   1199 C CA    . MET A 1 178 ? -10.227 3.743   6.396   1.00 12.23 ? 178 MET A CA    1 
ATOM   1200 C C     . MET A 1 178 ? -8.895  3.041   6.576   1.00 12.77 ? 178 MET A C     1 
ATOM   1201 O O     . MET A 1 178 ? -8.046  3.519   7.338   1.00 12.52 ? 178 MET A O     1 
ATOM   1202 C CB    . MET A 1 178 ? -11.291 2.974   7.188   1.00 12.41 ? 178 MET A CB    1 
ATOM   1203 C CG    . MET A 1 178 ? -10.926 2.758   8.677   1.00 12.72 ? 178 MET A CG    1 
ATOM   1204 S SD    . MET A 1 178 ? -12.171 1.850   9.618   1.00 14.65 ? 178 MET A SD    1 
ATOM   1205 C CE    . MET A 1 178 ? -12.208 0.271   8.755   1.00 14.09 ? 178 MET A CE    1 
ATOM   1206 N N     . ASN A 1 179 ? -8.721  1.905   5.900   1.00 13.77 ? 179 ASN A N     1 
ATOM   1207 C CA    . ASN A 1 179 ? -7.485  1.122   6.044   1.00 14.22 ? 179 ASN A CA    1 
ATOM   1208 C C     . ASN A 1 179 ? -6.262  1.916   5.586   1.00 14.34 ? 179 ASN A C     1 
ATOM   1209 O O     . ASN A 1 179 ? -5.214  1.883   6.239   1.00 14.35 ? 179 ASN A O     1 
ATOM   1210 C CB    . ASN A 1 179 ? -7.555  -0.190  5.270   1.00 14.49 ? 179 ASN A CB    1 
ATOM   1211 C CG    . ASN A 1 179 ? -8.407  -1.241  5.950   1.00 15.00 ? 179 ASN A CG    1 
ATOM   1212 O OD1   . ASN A 1 179 ? -9.213  -0.938  6.828   1.00 14.16 ? 179 ASN A OD1   1 
ATOM   1213 N ND2   . ASN A 1 179 ? -8.240  -2.495  5.525   1.00 16.72 ? 179 ASN A ND2   1 
ATOM   1214 N N     . GLU A 1 180 ? -6.388  2.634   4.473   1.00 14.68 ? 180 GLU A N     1 
ATOM   1215 C CA    . GLU A 1 180 ? -5.298  3.470   3.957   1.00 15.18 ? 180 GLU A CA    1 
ATOM   1216 C C     . GLU A 1 180 ? -4.843  4.497   4.996   1.00 15.16 ? 180 GLU A C     1 
ATOM   1217 O O     . GLU A 1 180 ? -3.668  4.558   5.382   1.00 15.44 ? 180 GLU A O     1 
ATOM   1218 C CB    . GLU A 1 180 ? -5.750  4.199   2.685   1.00 15.92 ? 180 GLU A CB    1 
ATOM   1219 C CG    . GLU A 1 180 ? -4.695  5.144   2.106   1.00 17.56 ? 180 GLU A CG    1 
ATOM   1220 C CD    . GLU A 1 180 ? -5.248  6.132   1.103   1.00 20.56 ? 180 GLU A CD    1 
ATOM   1221 O OE1   . GLU A 1 180 ? -5.922  5.708   0.143   1.00 21.55 ? 180 GLU A OE1   1 
ATOM   1222 O OE2   . GLU A 1 180 ? -5.010  7.353   1.274   1.00 24.75 ? 180 GLU A OE2   1 
ATOM   1223 N N     . ARG A 1 181 ? -5.786  5.296   5.467   1.00 14.68 ? 181 ARG A N     1 
ATOM   1224 C CA    . ARG A 1 181 ? -5.470  6.390   6.370   1.00 14.59 ? 181 ARG A CA    1 
ATOM   1225 C C     . ARG A 1 181 ? -4.995  5.867   7.729   1.00 14.07 ? 181 ARG A C     1 
ATOM   1226 O O     . ARG A 1 181 ? -4.060  6.406   8.306   1.00 14.29 ? 181 ARG A O     1 
ATOM   1227 C CB    . ARG A 1 181 ? -6.689  7.296   6.526   1.00 15.15 ? 181 ARG A CB    1 
ATOM   1228 C CG    . ARG A 1 181 ? -6.461  8.498   7.387   1.00 16.92 ? 181 ARG A CG    1 
ATOM   1229 C CD    . ARG A 1 181 ? -5.711  9.622   6.696   1.00 20.48 ? 181 ARG A CD    1 
ATOM   1230 N NE    . ARG A 1 181 ? -5.462  10.662  7.674   1.00 24.38 ? 181 ARG A NE    1 
ATOM   1231 C CZ    . ARG A 1 181 ? -4.345  10.787  8.383   1.00 26.34 ? 181 ARG A CZ    1 
ATOM   1232 N NH1   . ARG A 1 181 ? -3.331  9.942   8.229   1.00 26.16 ? 181 ARG A NH1   1 
ATOM   1233 N NH2   . ARG A 1 181 ? -4.259  11.771  9.263   1.00 29.22 ? 181 ARG A NH2   1 
ATOM   1234 N N     . THR A 1 182 ? -5.635  4.813   8.221   1.00 13.92 ? 182 THR A N     1 
ATOM   1235 C CA    . THR A 1 182 ? -5.333  4.277   9.545   1.00 14.19 ? 182 THR A CA    1 
ATOM   1236 C C     . THR A 1 182 ? -4.000  3.538   9.569   1.00 14.56 ? 182 THR A C     1 
ATOM   1237 O O     . THR A 1 182 ? -3.199  3.731   10.484  1.00 14.59 ? 182 THR A O     1 
ATOM   1238 C CB    . THR A 1 182 ? -6.462  3.347   10.020  1.00 14.16 ? 182 THR A CB    1 
ATOM   1239 O OG1   . THR A 1 182 ? -7.713  4.058   10.006  1.00 15.04 ? 182 THR A OG1   1 
ATOM   1240 C CG2   . THR A 1 182 ? -6.268  2.952   11.468  1.00 15.36 ? 182 THR A CG2   1 
ATOM   1241 N N     . LEU A 1 183 ? -3.767  2.681   8.581   1.00 14.99 ? 183 LEU A N     1 
ATOM   1242 C CA    . LEU A 1 183 ? -2.495  1.948   8.506   1.00 15.58 ? 183 LEU A CA    1 
ATOM   1243 C C     . LEU A 1 183 ? -1.341  2.927   8.372   1.00 15.96 ? 183 LEU A C     1 
ATOM   1244 O O     . LEU A 1 183 ? -0.339  2.815   9.076   1.00 17.02 ? 183 LEU A O     1 
ATOM   1245 C CB    . LEU A 1 183 ? -2.476  0.947   7.343   1.00 15.93 ? 183 LEU A CB    1 
ATOM   1246 C CG    . LEU A 1 183 ? -3.305  -0.327  7.542   1.00 17.35 ? 183 LEU A CG    1 
ATOM   1247 C CD1   . LEU A 1 183 ? -3.413  -1.098  6.238   1.00 19.42 ? 183 LEU A CD1   1 
ATOM   1248 C CD2   . LEU A 1 183 ? -2.733  -1.212  8.643   1.00 20.19 ? 183 LEU A CD2   1 
ATOM   1249 N N     . PHE A 1 184 ? -1.481  3.911   7.496   1.00 16.52 ? 184 PHE A N     1 
ATOM   1250 C CA    . PHE A 1 184 ? -0.376  4.835   7.235   1.00 17.37 ? 184 PHE A CA    1 
ATOM   1251 C C     . PHE A 1 184 ? -0.134  5.800   8.412   1.00 17.32 ? 184 PHE A C     1 
ATOM   1252 O O     . PHE A 1 184 ? 1.020   6.138   8.703   1.00 17.70 ? 184 PHE A O     1 
ATOM   1253 C CB    . PHE A 1 184 ? -0.574  5.519   5.877   1.00 18.13 ? 184 PHE A CB    1 
ATOM   1254 C CG    . PHE A 1 184 ? -0.576  4.550   4.695   1.00 19.44 ? 184 PHE A CG    1 
ATOM   1255 C CD1   . PHE A 1 184 ? -0.982  4.980   3.442   1.00 22.15 ? 184 PHE A CD1   1 
ATOM   1256 C CD2   . PHE A 1 184 ? -0.176  3.213   4.834   1.00 21.82 ? 184 PHE A CD2   1 
ATOM   1257 C CE1   . PHE A 1 184 ? -0.995  4.112   2.357   1.00 22.79 ? 184 PHE A CE1   1 
ATOM   1258 C CE2   . PHE A 1 184 ? -0.189  2.340   3.749   1.00 23.19 ? 184 PHE A CE2   1 
ATOM   1259 C CZ    . PHE A 1 184 ? -0.594  2.798   2.505   1.00 23.29 ? 184 PHE A CZ    1 
ATOM   1260 N N     . ALA A 1 185 ? -1.183  6.183   9.138   1.00 16.93 ? 185 ALA A N     1 
ATOM   1261 C CA    . ALA A 1 185 ? -1.001  6.976   10.360  1.00 17.50 ? 185 ALA A CA    1 
ATOM   1262 C C     . ALA A 1 185 ? -0.254  6.158   11.414  1.00 17.96 ? 185 ALA A C     1 
ATOM   1263 O O     . ALA A 1 185 ? 0.604   6.686   12.125  1.00 18.31 ? 185 ALA A O     1 
ATOM   1264 C CB    . ALA A 1 185 ? -2.329  7.440   10.909  1.00 17.84 ? 185 ALA A CB    1 
ATOM   1265 N N     . SER A 1 186 ? -0.572  4.871   11.510  1.00 18.16 ? 186 SER A N     1 
ATOM   1266 C CA    . SER A 1 186 ? 0.077   4.001   12.491  1.00 18.74 ? 186 SER A CA    1 
ATOM   1267 C C     . SER A 1 186 ? 1.563   3.813   12.167  1.00 19.35 ? 186 SER A C     1 
ATOM   1268 O O     . SER A 1 186 ? 2.398   3.855   13.074  1.00 19.19 ? 186 SER A O     1 
ATOM   1269 C CB    . SER A 1 186 ? -0.616  2.640   12.583  1.00 18.72 ? 186 SER A CB    1 
ATOM   1270 O OG    . SER A 1 186 ? -1.884  2.741   13.206  1.00 21.32 ? 186 SER A OG    1 
ATOM   1271 N N     . PHE A 1 187 ? 1.883   3.610   10.890  1.00 20.09 ? 187 PHE A N     1 
ATOM   1272 C CA    . PHE A 1 187 ? 3.271   3.376   10.460  1.00 21.36 ? 187 PHE A CA    1 
ATOM   1273 C C     . PHE A 1 187 ? 4.120   4.627   10.669  1.00 22.77 ? 187 PHE A C     1 
ATOM   1274 O O     . PHE A 1 187 ? 5.282   4.531   11.055  1.00 23.33 ? 187 PHE A O     1 
ATOM   1275 C CB    . PHE A 1 187 ? 3.347   2.989   8.981   1.00 21.14 ? 187 PHE A CB    1 
ATOM   1276 C CG    . PHE A 1 187 ? 2.716   1.656   8.633   1.00 20.90 ? 187 PHE A CG    1 
ATOM   1277 C CD1   . PHE A 1 187 ? 2.297   1.415   7.329   1.00 21.37 ? 187 PHE A CD1   1 
ATOM   1278 C CD2   . PHE A 1 187 ? 2.559   0.643   9.574   1.00 21.66 ? 187 PHE A CD2   1 
ATOM   1279 C CE1   . PHE A 1 187 ? 1.725   0.203   6.975   1.00 22.49 ? 187 PHE A CE1   1 
ATOM   1280 C CE2   . PHE A 1 187 ? 1.990   -0.579  9.218   1.00 22.29 ? 187 PHE A CE2   1 
ATOM   1281 C CZ    . PHE A 1 187 ? 1.569   -0.791  7.919   1.00 22.69 ? 187 PHE A CZ    1 
ATOM   1282 N N     . ALA A 1 188 ? 3.530   5.791   10.406  1.00 23.80 ? 188 ALA A N     1 
ATOM   1283 C CA    . ALA A 1 188 ? 4.227   7.074   10.525  1.00 24.62 ? 188 ALA A CA    1 
ATOM   1284 C C     . ALA A 1 188 ? 4.300   7.596   11.965  1.00 25.02 ? 188 ALA A C     1 
ATOM   1285 O O     . ALA A 1 188 ? 4.962   8.605   12.232  1.00 25.72 ? 188 ALA A O     1 
ATOM   1286 C CB    . ALA A 1 188 ? 3.568   8.115   9.615   1.00 24.79 ? 188 ALA A CB    1 
ATOM   1287 N N     . GLY A 1 189 ? 3.621   6.927   12.892  1.00 25.42 ? 189 GLY A N     1 
ATOM   1288 C CA    . GLY A 1 189 ? 3.589   7.356   14.274  1.00 25.56 ? 189 GLY A CA    1 
ATOM   1289 C C     . GLY A 1 189 ? 2.930   8.714   14.462  1.00 25.60 ? 189 GLY A C     1 
ATOM   1290 O O     . GLY A 1 189 ? 3.329   9.480   15.337  1.00 25.67 ? 189 GLY A O     1 
ATOM   1291 N N     . GLU A 1 190 ? 1.923   9.009   13.638  1.00 25.25 ? 190 GLU A N     1 
ATOM   1292 C CA    . GLU A 1 190 ? 1.188   10.269  13.730  1.00 24.92 ? 190 GLU A CA    1 
ATOM   1293 C C     . GLU A 1 190 ? 0.382   10.332  15.023  1.00 24.50 ? 190 GLU A C     1 
ATOM   1294 O O     . GLU A 1 190 ? 0.031   9.307   15.603  1.00 23.95 ? 190 GLU A O     1 
ATOM   1295 C CB    . GLU A 1 190 ? 0.252   10.436  12.518  1.00 24.96 ? 190 GLU A CB    1 
ATOM   1296 C CG    . GLU A 1 190 ? 0.992   10.593  11.196  1.00 25.77 ? 190 GLU A CG    1 
ATOM   1297 C CD    . GLU A 1 190 ? 0.078   10.805  10.003  1.00 27.27 ? 190 GLU A CD    1 
ATOM   1298 O OE1   . GLU A 1 190 ? -1.162  10.727  10.159  1.00 27.93 ? 190 GLU A OE1   1 
ATOM   1299 O OE2   . GLU A 1 190 ? 0.609   11.043  8.895   1.00 28.63 ? 190 GLU A OE2   1 
ATOM   1300 N N     . GLN A 1 191 ? 0.113   11.546  15.492  1.00 24.55 ? 191 GLN A N     1 
ATOM   1301 C CA    . GLN A 1 191 ? -0.893  11.751  16.530  1.00 24.33 ? 191 GLN A CA    1 
ATOM   1302 C C     . GLN A 1 191 ? -2.017  12.540  15.873  1.00 23.47 ? 191 GLN A C     1 
ATOM   1303 O O     . GLN A 1 191 ? -1.785  13.662  15.431  1.00 23.66 ? 191 GLN A O     1 
ATOM   1304 C CB    . GLN A 1 191 ? -0.349  12.494  17.762  1.00 25.06 ? 191 GLN A CB    1 
ATOM   1305 C CG    . GLN A 1 191 ? 0.979   13.221  17.586  1.00 26.79 ? 191 GLN A CG    1 
ATOM   1306 C CD    . GLN A 1 191 ? 1.504   13.822  18.886  1.00 28.76 ? 191 GLN A CD    1 
ATOM   1307 O OE1   . GLN A 1 191 ? 0.725   14.222  19.763  1.00 30.22 ? 191 GLN A OE1   1 
ATOM   1308 N NE2   . GLN A 1 191 ? 2.825   13.885  19.012  1.00 30.70 ? 191 GLN A NE2   1 
ATOM   1309 N N     . PRO A 1 192 ? -3.224  11.984  15.782  1.00 22.14 ? 192 PRO A N     1 
ATOM   1310 C CA    . PRO A 1 192 ? -3.612  10.692  16.370  1.00 20.95 ? 192 PRO A CA    1 
ATOM   1311 C C     . PRO A 1 192 ? -3.327  9.477   15.484  1.00 19.38 ? 192 PRO A C     1 
ATOM   1312 O O     . PRO A 1 192 ? -3.243  9.592   14.253  1.00 19.10 ? 192 PRO A O     1 
ATOM   1313 C CB    . PRO A 1 192 ? -5.125  10.853  16.523  1.00 21.19 ? 192 PRO A CB    1 
ATOM   1314 C CG    . PRO A 1 192 ? -5.511  11.677  15.330  1.00 22.18 ? 192 PRO A CG    1 
ATOM   1315 C CD    . PRO A 1 192 ? -4.355  12.617  15.077  1.00 22.53 ? 192 PRO A CD    1 
ATOM   1316 N N     . SER A 1 193 ? -3.188  8.317   16.126  1.00 17.83 ? 193 SER A N     1 
ATOM   1317 C CA    . SER A 1 193 ? -3.091  7.031   15.427  1.00 16.88 ? 193 SER A CA    1 
ATOM   1318 C C     . SER A 1 193 ? -3.381  5.853   16.365  1.00 16.31 ? 193 SER A C     1 
ATOM   1319 O O     . SER A 1 193 ? -3.252  5.966   17.577  1.00 16.24 ? 193 SER A O     1 
ATOM   1320 C CB    . SER A 1 193 ? -1.710  6.845   14.786  1.00 16.95 ? 193 SER A CB    1 
ATOM   1321 O OG    . SER A 1 193 ? -0.688  6.763   15.766  1.00 17.25 ? 193 SER A OG    1 
ATOM   1322 N N     . VAL A 1 194 ? -3.777  4.724   15.782  1.00 15.57 ? 194 VAL A N     1 
ATOM   1323 C CA    . VAL A 1 194 ? -3.891  3.457   16.499  1.00 15.65 ? 194 VAL A CA    1 
ATOM   1324 C C     . VAL A 1 194 ? -2.479  2.868   16.604  1.00 15.46 ? 194 VAL A C     1 
ATOM   1325 O O     . VAL A 1 194 ? -1.737  2.893   15.631  1.00 15.30 ? 194 VAL A O     1 
ATOM   1326 C CB    . VAL A 1 194 ? -4.804  2.451   15.733  1.00 15.51 ? 194 VAL A CB    1 
ATOM   1327 C CG1   . VAL A 1 194 ? -5.000  1.166   16.521  1.00 16.33 ? 194 VAL A CG1   1 
ATOM   1328 C CG2   . VAL A 1 194 ? -6.184  3.068   15.427  1.00 15.88 ? 194 VAL A CG2   1 
ATOM   1329 N N     . PRO A 1 195 ? -2.090  2.334   17.759  1.00 15.25 ? 195 PRO A N     1 
ATOM   1330 C CA    . PRO A 1 195 ? -0.783  1.668   17.855  1.00 15.66 ? 195 PRO A CA    1 
ATOM   1331 C C     . PRO A 1 195 ? -0.641  0.557   16.819  1.00 15.53 ? 195 PRO A C     1 
ATOM   1332 O O     . PRO A 1 195 ? -1.608  -0.155  16.573  1.00 14.84 ? 195 PRO A O     1 
ATOM   1333 C CB    . PRO A 1 195 ? -0.776  1.090   19.267  1.00 15.68 ? 195 PRO A CB    1 
ATOM   1334 C CG    . PRO A 1 195 ? -1.804  1.810   20.008  1.00 16.23 ? 195 PRO A CG    1 
ATOM   1335 C CD    . PRO A 1 195 ? -2.804  2.344   19.041  1.00 15.95 ? 195 PRO A CD    1 
ATOM   1336 N N     . GLU A 1 196 ? 0.540   0.419   16.229  1.00 15.81 ? 196 GLU A N     1 
ATOM   1337 C CA    . GLU A 1 196 ? 0.770   -0.592  15.193  1.00 16.11 ? 196 GLU A CA    1 
ATOM   1338 C C     . GLU A 1 196 ? 0.336   -2.000  15.637  1.00 15.52 ? 196 GLU A C     1 
ATOM   1339 O O     . GLU A 1 196 ? -0.251  -2.744  14.865  1.00 15.43 ? 196 GLU A O     1 
ATOM   1340 C CB    . GLU A 1 196 ? 2.242   -0.594  14.772  1.00 17.19 ? 196 GLU A CB    1 
ATOM   1341 C CG    . GLU A 1 196 ? 2.524   -1.371  13.503  1.00 20.09 ? 196 GLU A CG    1 
ATOM   1342 C CD    . GLU A 1 196 ? 3.889   -1.061  12.890  1.00 24.14 ? 196 GLU A CD    1 
ATOM   1343 O OE1   . GLU A 1 196 ? 4.434   0.044   13.108  1.00 27.66 ? 196 GLU A OE1   1 
ATOM   1344 O OE2   . GLU A 1 196 ? 4.417   -1.932  12.179  1.00 28.38 ? 196 GLU A OE2   1 
ATOM   1345 N N     . ALA A 1 197 ? 0.584   -2.347  16.899  1.00 14.91 ? 197 ALA A N     1 
ATOM   1346 C CA    . ALA A 1 197 ? 0.242   -3.678  17.412  1.00 14.54 ? 197 ALA A CA    1 
ATOM   1347 C C     . ALA A 1 197 ? -1.256  -3.911  17.660  1.00 14.57 ? 197 ALA A C     1 
ATOM   1348 O O     . ALA A 1 197 ? -1.659  -5.026  18.032  1.00 14.52 ? 197 ALA A O     1 
ATOM   1349 C CB    . ALA A 1 197 ? 1.032   -3.958  18.674  1.00 14.86 ? 197 ALA A CB    1 
ATOM   1350 N N     . ARG A 1 198 ? -2.077  -2.871  17.459  1.00 13.83 ? 198 ARG A N     1 
ATOM   1351 C CA    . ARG A 1 198 ? -3.526  -2.931  17.642  1.00 14.06 ? 198 ARG A CA    1 
ATOM   1352 C C     . ARG A 1 198 ? -4.314  -2.696  16.361  1.00 13.48 ? 198 ARG A C     1 
ATOM   1353 O O     . ARG A 1 198 ? -5.536  -2.869  16.338  1.00 13.20 ? 198 ARG A O     1 
ATOM   1354 C CB    . ARG A 1 198 ? -3.956  -1.872  18.670  1.00 13.85 ? 198 ARG A CB    1 
ATOM   1355 C CG    . ARG A 1 198 ? -3.573  -2.210  20.094  1.00 14.92 ? 198 ARG A CG    1 
ATOM   1356 C CD    . ARG A 1 198 ? -4.239  -3.464  20.646  1.00 16.41 ? 198 ARG A CD    1 
ATOM   1357 N NE    . ARG A 1 198 ? -5.689  -3.446  20.441  1.00 16.87 ? 198 ARG A NE    1 
ATOM   1358 C CZ    . ARG A 1 198 ? -6.454  -4.523  20.292  1.00 18.18 ? 198 ARG A CZ    1 
ATOM   1359 N NH1   . ARG A 1 198 ? -5.933  -5.750  20.352  1.00 18.88 ? 198 ARG A NH1   1 
ATOM   1360 N NH2   . ARG A 1 198 ? -7.757  -4.378  20.097  1.00 19.16 ? 198 ARG A NH2   1 
ATOM   1361 N N     . VAL A 1 199 ? -3.637  -2.290  15.294  1.00 13.49 ? 199 VAL A N     1 
ATOM   1362 C CA    . VAL A 1 199 ? -4.351  -1.778  14.124  1.00 14.78 ? 199 VAL A CA    1 
ATOM   1363 C C     . VAL A 1 199 ? -5.066  -2.906  13.346  1.00 14.46 ? 199 VAL A C     1 
ATOM   1364 O O     . VAL A 1 199 ? -6.177  -2.718  12.890  1.00 14.04 ? 199 VAL A O     1 
ATOM   1365 C CB    . VAL A 1 199 ? -3.439  -0.872  13.243  1.00 15.21 ? 199 VAL A CB    1 
ATOM   1366 C CG1   . VAL A 1 199 ? -2.401  -1.671  12.535  1.00 16.40 ? 199 VAL A CG1   1 
ATOM   1367 C CG2   . VAL A 1 199 ? -4.277  -0.035  12.265  1.00 16.76 ? 199 VAL A CG2   1 
ATOM   1368 N N     . LEU A 1 200 ? -4.480  -4.095  13.257  1.00 14.67 ? 200 LEU A N     1 
ATOM   1369 C CA    . LEU A 1 200 ? -5.164  -5.198  12.573  1.00 15.15 ? 200 LEU A CA    1 
ATOM   1370 C C     . LEU A 1 200 ? -6.485  -5.583  13.254  1.00 14.73 ? 200 LEU A C     1 
ATOM   1371 O O     . LEU A 1 200 ? -7.517  -5.670  12.590  1.00 15.25 ? 200 LEU A O     1 
ATOM   1372 C CB    . LEU A 1 200 ? -4.218  -6.394  12.420  1.00 15.62 ? 200 LEU A CB    1 
ATOM   1373 C CG    . LEU A 1 200 ? -4.518  -7.451  11.366  1.00 18.11 ? 200 LEU A CG    1 
ATOM   1374 C CD1   . LEU A 1 200 ? -4.735  -6.860  9.991   1.00 18.75 ? 200 LEU A CD1   1 
ATOM   1375 C CD2   . LEU A 1 200 ? -3.353  -8.430  11.355  1.00 18.73 ? 200 LEU A CD2   1 
ATOM   1376 N N     . ASP A 1 201 ? -6.475  -5.772  14.570  1.00 14.43 ? 201 ASP A N     1 
ATOM   1377 C CA    . ASP A 1 201 ? -7.687  -6.110  15.324  1.00 14.68 ? 201 ASP A CA    1 
ATOM   1378 C C     . ASP A 1 201 ? -8.753  -5.026  15.152  1.00 13.54 ? 201 ASP A C     1 
ATOM   1379 O O     . ASP A 1 201 ? -9.945  -5.316  15.062  1.00 13.03 ? 201 ASP A O     1 
ATOM   1380 C CB    . ASP A 1 201 ? -7.392  -6.222  16.830  1.00 15.32 ? 201 ASP A CB    1 
ATOM   1381 C CG    . ASP A 1 201 ? -6.946  -7.621  17.272  1.00 18.21 ? 201 ASP A CG    1 
ATOM   1382 O OD1   . ASP A 1 201 ? -6.876  -8.559  16.453  1.00 20.29 ? 201 ASP A OD1   1 
ATOM   1383 O OD2   . ASP A 1 201 ? -6.650  -7.870  18.461  1.00 21.22 ? 201 ASP A OD2   1 
ATOM   1384 N N     . THR A 1 202 ? -8.316  -3.772  15.151  1.00 13.13 ? 202 THR A N     1 
ATOM   1385 C CA    . THR A 1 202 ? -9.250  -2.643  15.106  1.00 12.64 ? 202 THR A CA    1 
ATOM   1386 C C     . THR A 1 202 ? -9.973  -2.645  13.770  1.00 12.80 ? 202 THR A C     1 
ATOM   1387 O O     . THR A 1 202 ? -11.199 -2.578  13.712  1.00 13.07 ? 202 THR A O     1 
ATOM   1388 C CB    . THR A 1 202 ? -8.491  -1.334  15.300  1.00 13.22 ? 202 THR A CB    1 
ATOM   1389 O OG1   . THR A 1 202 ? -7.818  -1.338  16.574  1.00 13.24 ? 202 THR A OG1   1 
ATOM   1390 C CG2   . THR A 1 202 ? -9.444  -0.142  15.369  1.00 12.27 ? 202 THR A CG2   1 
ATOM   1391 N N     . LEU A 1 203 ? -9.194  -2.734  12.695  1.00 12.65 ? 203 LEU A N     1 
ATOM   1392 C CA    . LEU A 1 203 ? -9.744  -2.725  11.343  1.00 12.65 ? 203 LEU A CA    1 
ATOM   1393 C C     . LEU A 1 203 ? -10.645 -3.939  11.106  1.00 12.81 ? 203 LEU A C     1 
ATOM   1394 O O     . LEU A 1 203 ? -11.748 -3.782  10.591  1.00 12.46 ? 203 LEU A O     1 
ATOM   1395 C CB    . LEU A 1 203 ? -8.628  -2.647  10.302  1.00 12.98 ? 203 LEU A CB    1 
ATOM   1396 C CG    . LEU A 1 203 ? -7.758  -1.369  10.348  1.00 13.68 ? 203 LEU A CG    1 
ATOM   1397 C CD1   . LEU A 1 203 ? -6.618  -1.460  9.346   1.00 15.32 ? 203 LEU A CD1   1 
ATOM   1398 C CD2   . LEU A 1 203 ? -8.582  -0.117  10.103  1.00 14.45 ? 203 LEU A CD2   1 
ATOM   1399 N N     . VAL A 1 204 ? -10.196 -5.133  11.492  1.00 12.49 ? 204 VAL A N     1 
ATOM   1400 C CA    . VAL A 1 204 ? -10.984 -6.345  11.271  1.00 13.01 ? 204 VAL A CA    1 
ATOM   1401 C C     . VAL A 1 204 ? -12.364 -6.242  11.969  1.00 12.89 ? 204 VAL A C     1 
ATOM   1402 O O     . VAL A 1 204 ? -13.375 -6.606  11.388  1.00 12.47 ? 204 VAL A O     1 
ATOM   1403 C CB    . VAL A 1 204 ? -10.223 -7.615  11.710  1.00 13.40 ? 204 VAL A CB    1 
ATOM   1404 C CG1   . VAL A 1 204 ? -11.140 -8.836  11.698  1.00 13.78 ? 204 VAL A CG1   1 
ATOM   1405 C CG2   . VAL A 1 204 ? -9.005  -7.843  10.818  1.00 13.92 ? 204 VAL A CG2   1 
ATOM   1406 N N     . HIS A 1 205 ? -12.403 -5.740  13.205  1.00 12.77 ? 205 HIS A N     1 
ATOM   1407 C CA    . HIS A 1 205 ? -13.666 -5.551  13.927  1.00 12.76 ? 205 HIS A CA    1 
ATOM   1408 C C     . HIS A 1 205 ? -14.630 -4.691  13.125  1.00 12.52 ? 205 HIS A C     1 
ATOM   1409 O O     . HIS A 1 205 ? -15.803 -5.034  12.991  1.00 13.31 ? 205 HIS A O     1 
ATOM   1410 C CB    . HIS A 1 205 ? -13.457 -4.884  15.296  1.00 12.65 ? 205 HIS A CB    1 
ATOM   1411 C CG    . HIS A 1 205 ? -14.738 -4.484  15.974  1.00 12.65 ? 205 HIS A CG    1 
ATOM   1412 N ND1   . HIS A 1 205 ? -15.468 -5.352  16.759  1.00 16.09 ? 205 HIS A ND1   1 
ATOM   1413 C CD2   . HIS A 1 205 ? -15.426 -3.318  15.966  1.00 13.53 ? 205 HIS A CD2   1 
ATOM   1414 C CE1   . HIS A 1 205 ? -16.547 -4.733  17.212  1.00 15.33 ? 205 HIS A CE1   1 
ATOM   1415 N NE2   . HIS A 1 205 ? -16.550 -3.499  16.740  1.00 14.41 ? 205 HIS A NE2   1 
ATOM   1416 N N     . ILE A 1 206 ? -14.138 -3.559  12.625  1.00 12.45 ? 206 ILE A N     1 
ATOM   1417 C CA    . ILE A 1 206 ? -14.981 -2.611  11.900  1.00 12.56 ? 206 ILE A CA    1 
ATOM   1418 C C     . ILE A 1 206 ? -15.460 -3.211  10.577  1.00 12.32 ? 206 ILE A C     1 
ATOM   1419 O O     . ILE A 1 206 ? -16.621 -3.045  10.214  1.00 12.92 ? 206 ILE A O     1 
ATOM   1420 C CB    . ILE A 1 206 ? -14.240 -1.249  11.707  1.00 12.06 ? 206 ILE A CB    1 
ATOM   1421 C CG1   . ILE A 1 206 ? -13.976 -0.608  13.076  1.00 12.39 ? 206 ILE A CG1   1 
ATOM   1422 C CG2   . ILE A 1 206 ? -15.057 -0.284  10.846  1.00 12.99 ? 206 ILE A CG2   1 
ATOM   1423 C CD1   . ILE A 1 206 ? -12.976 0.485   13.014  1.00 13.23 ? 206 ILE A CD1   1 
ATOM   1424 N N     . TRP A 1 207 ? -14.590 -3.957  9.892   1.00 12.74 ? 207 TRP A N     1 
ATOM   1425 C CA    . TRP A 1 207 ? -14.967 -4.619  8.639   1.00 12.55 ? 207 TRP A CA    1 
ATOM   1426 C C     . TRP A 1 207 ? -16.059 -5.678  8.900   1.00 13.11 ? 207 TRP A C     1 
ATOM   1427 O O     . TRP A 1 207 ? -17.092 -5.685  8.246   1.00 13.18 ? 207 TRP A O     1 
ATOM   1428 C CB    . TRP A 1 207 ? -13.742 -5.270  7.970   1.00 12.62 ? 207 TRP A CB    1 
ATOM   1429 C CG    . TRP A 1 207 ? -12.890 -4.341  7.159   1.00 12.76 ? 207 TRP A CG    1 
ATOM   1430 C CD1   . TRP A 1 207 ? -12.283 -3.182  7.577   1.00 13.91 ? 207 TRP A CD1   1 
ATOM   1431 C CD2   . TRP A 1 207 ? -12.534 -4.499  5.782   1.00 13.01 ? 207 TRP A CD2   1 
ATOM   1432 N NE1   . TRP A 1 207 ? -11.567 -2.620  6.544   1.00 13.30 ? 207 TRP A NE1   1 
ATOM   1433 C CE2   . TRP A 1 207 ? -11.711 -3.401  5.427   1.00 13.89 ? 207 TRP A CE2   1 
ATOM   1434 C CE3   . TRP A 1 207 ? -12.830 -5.455  4.803   1.00 14.48 ? 207 TRP A CE3   1 
ATOM   1435 C CZ2   . TRP A 1 207 ? -11.199 -3.229  4.137   1.00 14.29 ? 207 TRP A CZ2   1 
ATOM   1436 C CZ3   . TRP A 1 207 ? -12.304 -5.288  3.525   1.00 14.83 ? 207 TRP A CZ3   1 
ATOM   1437 C CH2   . TRP A 1 207 ? -11.500 -4.190  3.207   1.00 13.83 ? 207 TRP A CH2   1 
ATOM   1438 N N     . VAL A 1 208 ? -15.838 -6.561  9.873   1.00 13.45 ? 208 VAL A N     1 
ATOM   1439 C CA    . VAL A 1 208 ? -16.774 -7.656  10.123  1.00 14.10 ? 208 VAL A CA    1 
ATOM   1440 C C     . VAL A 1 208 ? -18.142 -7.158  10.616  1.00 14.20 ? 208 VAL A C     1 
ATOM   1441 O O     . VAL A 1 208 ? -19.191 -7.651  10.178  1.00 14.28 ? 208 VAL A O     1 
ATOM   1442 C CB    . VAL A 1 208 ? -16.166 -8.695  11.099  1.00 14.77 ? 208 VAL A CB    1 
ATOM   1443 C CG1   . VAL A 1 208 ? -17.216 -9.676  11.597  1.00 16.50 ? 208 VAL A CG1   1 
ATOM   1444 C CG2   . VAL A 1 208 ? -15.025 -9.428  10.419  1.00 14.80 ? 208 VAL A CG2   1 
ATOM   1445 N N     . THR A 1 209 ? -18.147 -6.198  11.532  1.00 14.16 ? 209 THR A N     1 
ATOM   1446 C CA    . THR A 1 209 ? -19.415 -5.683  12.051  1.00 14.28 ? 209 THR A CA    1 
ATOM   1447 C C     . THR A 1 209 ? -20.203 -4.944  10.984  1.00 14.22 ? 209 THR A C     1 
ATOM   1448 O O     . THR A 1 209 ? -21.413 -5.120  10.879  1.00 14.66 ? 209 THR A O     1 
ATOM   1449 C CB    . THR A 1 209 ? -19.238 -4.774  13.275  1.00 14.43 ? 209 THR A CB    1 
ATOM   1450 O OG1   . THR A 1 209 ? -18.276 -3.741  13.009  1.00 14.53 ? 209 THR A OG1   1 
ATOM   1451 C CG2   . THR A 1 209 ? -18.708 -5.560  14.458  1.00 15.43 ? 209 THR A CG2   1 
ATOM   1452 N N     . SER A 1 210 ? -19.523 -4.137  10.177  1.00 13.75 ? 210 SER A N     1 
ATOM   1453 C CA    . SER A 1 210 ? -20.211 -3.373  9.134   1.00 13.60 ? 210 SER A CA    1 
ATOM   1454 C C     . SER A 1 210 ? -20.646 -4.229  7.933   1.00 13.63 ? 210 SER A C     1 
ATOM   1455 O O     . SER A 1 210 ? -21.635 -3.903  7.262   1.00 13.93 ? 210 SER A O     1 
ATOM   1456 C CB    . SER A 1 210 ? -19.362 -2.174  8.696   1.00 13.89 ? 210 SER A CB    1 
ATOM   1457 O OG    . SER A 1 210 ? -18.257 -2.577  7.929   1.00 14.21 ? 210 SER A OG    1 
ATOM   1458 N N     . ILE A 1 211 ? -19.953 -5.335  7.679   1.00 13.45 ? 211 ILE A N     1 
ATOM   1459 C CA    . ILE A 1 211 ? -20.311 -6.206  6.552   1.00 13.81 ? 211 ILE A CA    1 
ATOM   1460 C C     . ILE A 1 211 ? -21.438 -7.163  6.939   1.00 14.64 ? 211 ILE A C     1 
ATOM   1461 O O     . ILE A 1 211 ? -22.353 -7.379  6.151   1.00 14.76 ? 211 ILE A O     1 
ATOM   1462 C CB    . ILE A 1 211 ? -19.061 -6.959  5.993   1.00 13.58 ? 211 ILE A CB    1 
ATOM   1463 C CG1   . ILE A 1 211 ? -18.143 -5.950  5.272   1.00 13.17 ? 211 ILE A CG1   1 
ATOM   1464 C CG2   . ILE A 1 211 ? -19.478 -8.109  5.056   1.00 13.21 ? 211 ILE A CG2   1 
ATOM   1465 C CD1   . ILE A 1 211 ? -16.762 -6.463  4.924   1.00 13.12 ? 211 ILE A CD1   1 
ATOM   1466 N N     . TYR A 1 212 ? -21.375 -7.735  8.141   1.00 15.55 ? 212 TYR A N     1 
ATOM   1467 C CA    . TYR A 1 212 ? -22.328 -8.775  8.548   1.00 16.57 ? 212 TYR A CA    1 
ATOM   1468 C C     . TYR A 1 212 ? -23.434 -8.262  9.476   1.00 18.17 ? 212 TYR A C     1 
ATOM   1469 O O     . TYR A 1 212 ? -24.393 -8.985  9.757   1.00 18.68 ? 212 TYR A O     1 
ATOM   1470 C CB    . TYR A 1 212 ? -21.573 -9.968  9.169   1.00 15.99 ? 212 TYR A CB    1 
ATOM   1471 C CG    . TYR A 1 212 ? -20.604 -10.603 8.193   1.00 15.54 ? 212 TYR A CG    1 
ATOM   1472 C CD1   . TYR A 1 212 ? -19.241 -10.306 8.237   1.00 14.99 ? 212 TYR A CD1   1 
ATOM   1473 C CD2   . TYR A 1 212 ? -21.049 -11.479 7.198   1.00 14.83 ? 212 TYR A CD2   1 
ATOM   1474 C CE1   . TYR A 1 212 ? -18.352 -10.864 7.336   1.00 15.00 ? 212 TYR A CE1   1 
ATOM   1475 C CE2   . TYR A 1 212 ? -20.162 -12.047 6.290   1.00 15.62 ? 212 TYR A CE2   1 
ATOM   1476 C CZ    . TYR A 1 212 ? -18.816 -11.732 6.358   1.00 14.80 ? 212 TYR A CZ    1 
ATOM   1477 O OH    . TYR A 1 212 ? -17.928 -12.279 5.468   1.00 16.10 ? 212 TYR A OH    1 
ATOM   1478 N N     . GLY A 1 213 ? -23.335 -7.002  9.894   1.00 20.19 ? 213 GLY A N     1 
ATOM   1479 C CA    . GLY A 1 213 ? -24.269 -6.411  10.841  1.00 21.91 ? 213 GLY A CA    1 
ATOM   1480 C C     . GLY A 1 213 ? -25.509 -5.816  10.201  1.00 23.35 ? 213 GLY A C     1 
ATOM   1481 O O     . GLY A 1 213 ? -25.451 -5.219  9.124   1.00 24.17 ? 213 GLY A O     1 
ATOM   1482 N N     . GLU A 1 214 ? -26.646 -5.989  10.868  1.00 25.37 ? 214 GLU A N     1 
ATOM   1483 C CA    . GLU A 1 214 ? -27.903 -5.433  10.383  1.00 26.52 ? 214 GLU A CA    1 
ATOM   1484 C C     . GLU A 1 214 ? -28.124 -4.068  11.035  1.00 27.04 ? 214 GLU A C     1 
ATOM   1485 O O     . GLU A 1 214 ? -27.525 -3.745  12.066  1.00 28.41 ? 214 GLU A O     1 
ATOM   1486 C CB    . GLU A 1 214 ? -29.080 -6.382  10.664  1.00 26.74 ? 214 GLU A CB    1 
ATOM   1487 C CG    . GLU A 1 214 ? -29.912 -6.742  9.440   1.00 27.70 ? 214 GLU A CG    1 
HETATM 1488 C C1    . DIO B 2 .   ? -8.213  -5.929  0.161   1.00 42.21 ? 300 DIO A C1    1 
HETATM 1489 C C2    . DIO B 2 .   ? -8.096  -6.859  2.312   1.00 42.22 ? 300 DIO A C2    1 
HETATM 1490 C "C1'" . DIO B 2 .   ? -9.631  -6.445  0.039   1.00 42.35 ? 300 DIO A "C1'" 1 
HETATM 1491 C "C2'" . DIO B 2 .   ? -9.474  -7.488  2.142   1.00 42.46 ? 300 DIO A "C2'" 1 
HETATM 1492 O O1    . DIO B 2 .   ? -7.976  -5.666  1.542   1.00 42.19 ? 300 DIO A O1    1 
HETATM 1493 O "O1'" . DIO B 2 .   ? -9.758  -7.666  0.752   1.00 42.89 ? 300 DIO A "O1'" 1 
HETATM 1494 C C1    . DIO C 2 .   ? -3.686  0.955   1.373   1.00 35.33 ? 301 DIO A C1    1 
HETATM 1495 C C2    . DIO C 2 .   ? -3.610  -0.854  2.789   1.00 36.48 ? 301 DIO A C2    1 
HETATM 1496 C "C1'" . DIO C 2 .   ? -5.060  0.499   0.883   1.00 36.22 ? 301 DIO A "C1'" 1 
HETATM 1497 C "C2'" . DIO C 2 .   ? -5.089  -1.128  2.601   1.00 36.33 ? 301 DIO A "C2'" 1 
HETATM 1498 O O1    . DIO C 2 .   ? -3.393  0.541   2.698   1.00 36.38 ? 301 DIO A O1    1 
HETATM 1499 O "O1'" . DIO C 2 .   ? -5.413  -0.837  1.249   1.00 37.92 ? 301 DIO A "O1'" 1 
HETATM 1500 C C1    . GOL D 3 .   ? 3.124   -12.308 3.812   1.00 37.62 ? 302 GOL A C1    1 
HETATM 1501 O O1    . GOL D 3 .   ? 3.878   -12.081 2.644   1.00 39.63 ? 302 GOL A O1    1 
HETATM 1502 C C2    . GOL D 3 .   ? 2.100   -11.187 3.943   1.00 38.20 ? 302 GOL A C2    1 
HETATM 1503 O O2    . GOL D 3 .   ? 1.389   -11.363 5.138   1.00 39.14 ? 302 GOL A O2    1 
HETATM 1504 C C3    . GOL D 3 .   ? 1.124   -11.169 2.772   1.00 37.82 ? 302 GOL A C3    1 
HETATM 1505 O O3    . GOL D 3 .   ? 1.513   -12.087 1.779   1.00 40.01 ? 302 GOL A O3    1 
HETATM 1506 O O     . HOH E 4 .   ? -23.442 -6.625  3.793   1.00 17.43 ? 303 HOH A O     1 
HETATM 1507 O O     . HOH E 4 .   ? -1.902  -4.967  14.506  1.00 16.19 ? 304 HOH A O     1 
HETATM 1508 O O     . HOH E 4 .   ? 1.090   -9.907  10.664  1.00 21.25 ? 305 HOH A O     1 
HETATM 1509 O O     . HOH E 4 .   ? -3.991  -6.086  16.100  1.00 16.67 ? 306 HOH A O     1 
HETATM 1510 O O     . HOH E 4 .   ? -13.327 0.175   -7.980  1.00 21.09 ? 307 HOH A O     1 
HETATM 1511 O O     . HOH E 4 .   ? 25.052  8.887   -19.189 1.00 18.43 ? 308 HOH A O     1 
HETATM 1512 O O     . HOH E 4 .   ? -24.954 -3.510  -3.703  1.00 21.49 ? 309 HOH A O     1 
HETATM 1513 O O     . HOH E 4 .   ? -10.672 -7.868  15.764  1.00 20.51 ? 310 HOH A O     1 
HETATM 1514 O O     . HOH E 4 .   ? -24.265 -4.712  6.762   1.00 18.83 ? 311 HOH A O     1 
HETATM 1515 O O     . HOH E 4 .   ? 2.737   -0.825  18.462  1.00 23.29 ? 312 HOH A O     1 
HETATM 1516 O O     . HOH E 4 .   ? -3.923  4.819   12.932  1.00 21.10 ? 313 HOH A O     1 
HETATM 1517 O O     . HOH E 4 .   ? -23.558 3.574   0.989   1.00 20.38 ? 314 HOH A O     1 
HETATM 1518 O O     . HOH E 4 .   ? -16.731 -5.487  -7.690  1.00 24.41 ? 315 HOH A O     1 
HETATM 1519 O O     . HOH E 4 .   ? -6.001  -14.468 9.873   1.00 26.79 ? 316 HOH A O     1 
HETATM 1520 O O     . HOH E 4 .   ? -10.303 -6.315  -8.694  1.00 27.98 ? 317 HOH A O     1 
HETATM 1521 O O     . HOH E 4 .   ? 29.389  5.782   -13.622 1.00 26.12 ? 318 HOH A O     1 
HETATM 1522 O O     . HOH E 4 .   ? -7.702  -0.336  -11.620 1.00 31.83 ? 319 HOH A O     1 
HETATM 1523 O O     . HOH E 4 .   ? -26.175 4.368   -4.160  1.00 26.86 ? 320 HOH A O     1 
HETATM 1524 O O     . HOH E 4 .   ? 10.741  1.608   2.805   1.00 27.13 ? 321 HOH A O     1 
HETATM 1525 O O     . HOH E 4 .   ? -30.855 -8.977  3.659   1.00 32.55 ? 322 HOH A O     1 
HETATM 1526 O O     . HOH E 4 .   ? 9.986   -0.413  7.003   1.00 27.39 ? 323 HOH A O     1 
HETATM 1527 O O     . HOH E 4 .   ? -3.321  11.310  12.167  1.00 28.16 ? 324 HOH A O     1 
HETATM 1528 O O     . HOH E 4 .   ? -14.703 4.006   -5.250  1.00 26.45 ? 325 HOH A O     1 
HETATM 1529 O O     . HOH E 4 .   ? -20.767 -4.524  -6.110  1.00 28.81 ? 326 HOH A O     1 
HETATM 1530 O O     . HOH E 4 .   ? -4.058  8.603   3.558   1.00 30.04 ? 327 HOH A O     1 
HETATM 1531 O O     . HOH E 4 .   ? -19.297 -11.608 -6.405  1.00 29.89 ? 328 HOH A O     1 
HETATM 1532 O O     . HOH E 4 .   ? 7.149   -5.845  -7.051  1.00 32.06 ? 329 HOH A O     1 
HETATM 1533 O O     . HOH E 4 .   ? 4.156   -10.496 -3.428  1.00 29.14 ? 330 HOH A O     1 
HETATM 1534 O O     . HOH E 4 .   ? 29.632  12.673  -10.777 1.00 38.54 ? 331 HOH A O     1 
HETATM 1535 O O     . HOH E 4 .   ? -28.099 -12.195 2.228   1.00 38.24 ? 332 HOH A O     1 
HETATM 1536 O O     . HOH E 4 .   ? -5.289  13.185  11.397  1.00 40.68 ? 333 HOH A O     1 
HETATM 1537 O O     . HOH E 4 .   ? 9.308   12.630  1.010   1.00 40.54 ? 334 HOH A O     1 
HETATM 1538 O O     . HOH E 4 .   ? 0.425   -13.596 -7.693  1.00 41.95 ? 335 HOH A O     1 
HETATM 1539 O O     . HOH E 4 .   ? -18.088 -18.054 9.621   1.00 44.14 ? 336 HOH A O     1 
HETATM 1540 O O     . HOH E 4 .   ? 7.528   10.619  -7.276  1.00 31.45 ? 337 HOH A O     1 
HETATM 1541 O O     . HOH E 4 .   ? -9.376  -6.859  20.195  1.00 30.53 ? 338 HOH A O     1 
HETATM 1542 O O     . HOH E 4 .   ? -3.815  -10.951 13.998  1.00 37.86 ? 339 HOH A O     1 
HETATM 1543 O O     . HOH E 4 .   ? 6.331   -9.502  5.820   1.00 36.03 ? 340 HOH A O     1 
HETATM 1544 O O     . HOH E 4 .   ? 16.274  15.536  -8.977  1.00 44.58 ? 341 HOH A O     1 
HETATM 1545 O O     . HOH E 4 .   ? -0.732  5.338   18.666  1.00 38.46 ? 342 HOH A O     1 
HETATM 1546 O O     . HOH E 4 .   ? -24.873 -6.207  -3.116  1.00 40.00 ? 343 HOH A O     1 
HETATM 1547 O O     . HOH E 4 .   ? -0.583  -7.427  17.166  1.00 39.09 ? 344 HOH A O     1 
HETATM 1548 O O     . HOH E 4 .   ? 5.293   4.952   7.167   1.00 37.76 ? 345 HOH A O     1 
HETATM 1549 O O     . HOH E 4 .   ? 2.135   -0.910  -12.162 1.00 36.21 ? 346 HOH A O     1 
HETATM 1550 O O     . HOH E 4 .   ? 1.499   5.167   15.600  1.00 51.65 ? 347 HOH A O     1 
HETATM 1551 O O     . HOH E 4 .   ? 3.673   15.485  -11.907 1.00 59.22 ? 348 HOH A O     1 
HETATM 1552 O O     . HOH E 4 .   ? -22.672 -2.655  -4.940  1.00 35.83 ? 349 HOH A O     1 
HETATM 1553 O O     . HOH E 4 .   ? 6.714   11.433  -9.750  1.00 45.64 ? 350 HOH A O     1 
HETATM 1554 O O     . HOH E 4 .   ? 16.908  -2.569  -5.642  1.00 38.49 ? 351 HOH A O     1 
HETATM 1555 O O     . HOH E 4 .   ? -28.797 1.402   1.545   1.00 40.72 ? 352 HOH A O     1 
HETATM 1556 O O     . HOH E 4 .   ? 17.490  -0.553  0.493   1.00 39.62 ? 353 HOH A O     1 
HETATM 1557 O O     . HOH E 4 .   ? -25.045 -20.962 1.270   1.00 53.99 ? 354 HOH A O     1 
HETATM 1558 O O     . HOH E 4 .   ? -21.811 4.257   -5.968  0.50 20.59 ? 355 HOH A O     1 
HETATM 1559 O O     . HOH E 4 .   ? 19.569  6.958   -12.292 1.00 74.45 ? 356 HOH A O     1 
HETATM 1560 O O     . HOH E 4 .   ? -17.099 1.324   4.060   1.00 83.07 ? 357 HOH A O     1 
HETATM 1561 O O     . HOH E 4 .   ? -9.073  -10.736 1.030   1.00 65.55 ? 358 HOH A O     1 
HETATM 1562 O O     . HOH E 4 .   ? -22.817 -5.259  13.684  0.50 29.27 ? 359 HOH A O     1 
HETATM 1563 O O     . HOH E 4 .   ? -16.048 -15.647 12.243  1.00 40.72 ? 360 HOH A O     1 
HETATM 1564 O O     . HOH E 4 .   ? -28.393 0.094   4.804   1.00 71.11 ? 361 HOH A O     1 
HETATM 1565 O O     . HOH E 4 .   ? -0.284  -7.239  14.561  1.00 26.34 ? 362 HOH A O     1 
HETATM 1566 O O     . HOH E 4 .   ? -13.098 -8.913  14.960  1.00 30.05 ? 363 HOH A O     1 
HETATM 1567 O O     . HOH E 4 .   ? -13.213 2.774   -7.136  1.00 29.98 ? 364 HOH A O     1 
HETATM 1568 O O     . HOH E 4 .   ? -18.568 -3.624  -7.454  1.00 32.56 ? 365 HOH A O     1 
HETATM 1569 O O     . HOH E 4 .   ? 3.052   6.282   6.696   1.00 30.23 ? 366 HOH A O     1 
HETATM 1570 O O     . HOH E 4 .   ? -4.754  -13.279 15.044  1.00 36.89 ? 367 HOH A O     1 
HETATM 1571 O O     . HOH E 4 .   ? 2.263   2.926   16.222  1.00 35.41 ? 368 HOH A O     1 
HETATM 1572 O O     . HOH E 4 .   ? -10.577 -23.152 6.128   1.00 53.58 ? 369 HOH A O     1 
HETATM 1573 O O     . HOH E 4 .   ? -11.036 -7.927  18.460  1.00 38.87 ? 370 HOH A O     1 
HETATM 1574 O O     . HOH E 4 .   ? 0.373   -9.306  13.299  1.00 26.59 ? 371 HOH A O     1 
HETATM 1575 O O     . HOH E 4 .   ? -12.673 -7.993  -8.560  1.00 37.49 ? 372 HOH A O     1 
HETATM 1576 O O     . HOH E 4 .   ? 7.962   12.306  -1.285  1.00 40.19 ? 373 HOH A O     1 
HETATM 1577 O O     . HOH E 4 .   ? -9.304  -14.188 12.788  1.00 34.83 ? 374 HOH A O     1 
HETATM 1578 O O     . HOH E 4 .   ? -15.413 -6.479  -10.174 1.00 41.09 ? 375 HOH A O     1 
HETATM 1579 O O     . HOH E 4 .   ? 0.954   13.956  13.440  1.00 43.18 ? 376 HOH A O     1 
HETATM 1580 O O     . HOH E 4 .   ? -21.946 -16.633 -3.218  1.00 39.91 ? 377 HOH A O     1 
HETATM 1581 O O     . HOH E 4 .   ? 23.148  13.076  -11.518 1.00 70.25 ? 378 HOH A O     1 
HETATM 1582 O O     . HOH E 4 .   ? -4.338  8.712   -5.593  1.00 36.52 ? 379 HOH A O     1 
HETATM 1583 O O     . HOH E 4 .   ? 4.078   -4.049  10.297  1.00 48.17 ? 380 HOH A O     1 
HETATM 1584 O O     . HOH E 4 .   ? -28.150 -3.110  -0.659  1.00 43.72 ? 381 HOH A O     1 
HETATM 1585 O O     . HOH E 4 .   ? -7.504  -4.742  23.202  1.00 52.23 ? 382 HOH A O     1 
HETATM 1586 O O     . HOH E 4 .   ? -14.049 -7.394  18.076  1.00 41.96 ? 383 HOH A O     1 
HETATM 1587 O O     . HOH E 4 .   ? -27.239 -6.079  -2.197  1.00 38.57 ? 384 HOH A O     1 
HETATM 1588 O O     . HOH E 4 .   ? 7.679   13.174  -5.971  1.00 41.63 ? 385 HOH A O     1 
HETATM 1589 O O     . HOH E 4 .   ? -7.700  -18.150 0.203   1.00 47.45 ? 386 HOH A O     1 
HETATM 1590 O O     . HOH E 4 .   ? 9.078   11.517  3.246   1.00 41.99 ? 387 HOH A O     1 
HETATM 1591 O O     . HOH E 4 .   ? 4.814   -8.663  0.736   1.00 32.90 ? 388 HOH A O     1 
HETATM 1592 O O     . HOH E 4 .   ? 6.407   5.799   -2.604  1.00 65.49 ? 389 HOH A O     1 
HETATM 1593 O O     . HOH E 4 .   ? 6.796   -2.186  11.022  1.00 69.95 ? 390 HOH A O     1 
HETATM 1594 O O     . HOH E 4 .   ? -2.483  -19.508 -4.612  1.00 51.56 ? 391 HOH A O     1 
HETATM 1595 O O     . HOH E 4 .   ? 5.978   -10.231 -5.404  1.00 41.25 ? 392 HOH A O     1 
HETATM 1596 O O     . HOH E 4 .   ? -16.587 -12.210 14.457  1.00 57.25 ? 393 HOH A O     1 
HETATM 1597 O O     . HOH E 4 .   ? 21.380  13.785  5.183   1.00 60.56 ? 394 HOH A O     1 
HETATM 1598 O O     . HOH E 4 .   ? -3.184  8.641   19.513  1.00 39.50 ? 395 HOH A O     1 
HETATM 1599 O O     . HOH E 4 .   ? -3.750  -3.851  10.060  1.00 79.69 ? 396 HOH A O     1 
HETATM 1600 O O     . HOH E 4 .   ? 24.730  8.766   -0.480  1.00 40.46 ? 397 HOH A O     1 
HETATM 1601 O O     . HOH E 4 .   ? -6.886  -11.098 17.437  1.00 41.08 ? 398 HOH A O     1 
HETATM 1602 O O     . HOH E 4 .   ? 17.515  17.300  -7.126  1.00 45.22 ? 399 HOH A O     1 
HETATM 1603 O O     . HOH E 4 .   ? -0.523  1.741   -6.327  1.00 75.08 ? 400 HOH A O     1 
HETATM 1604 O O     . HOH E 4 .   ? 5.049   -10.795 -0.854  1.00 35.69 ? 401 HOH A O     1 
HETATM 1605 O O     . HOH E 4 .   ? 28.183  8.711   -0.604  1.00 72.72 ? 402 HOH A O     1 
HETATM 1606 O O     . HOH E 4 .   ? -4.362  6.893   -14.322 1.00 62.76 ? 403 HOH A O     1 
HETATM 1607 O O     . HOH E 4 .   ? -0.598  11.572  -14.632 1.00 68.98 ? 404 HOH A O     1 
HETATM 1608 O O     . HOH E 4 .   ? 11.548  1.417   5.498   1.00 44.47 ? 405 HOH A O     1 
HETATM 1609 O O     . HOH E 4 .   ? 2.196   1.365   12.590  1.00 76.89 ? 406 HOH A O     1 
HETATM 1610 O O     . HOH E 4 .   ? -5.361  -15.143 12.043  1.00 71.60 ? 407 HOH A O     1 
HETATM 1611 O O     . HOH E 4 .   ? 6.563   15.548  -6.915  1.00 44.43 ? 408 HOH A O     1 
HETATM 1612 O O     . HOH E 4 .   ? -27.365 -12.261 7.059   1.00 47.55 ? 409 HOH A O     1 
HETATM 1613 O O     . HOH E 4 .   ? 17.677  0.971   4.939   1.00 65.61 ? 410 HOH A O     1 
HETATM 1614 O O     . HOH E 4 .   ? -22.842 6.177   -7.832  1.00 26.85 ? 411 HOH A O     1 
HETATM 1615 O O     . HOH E 4 .   ? 0.725   6.633   -2.563  1.00 33.27 ? 412 HOH A O     1 
HETATM 1616 O O     . HOH E 4 .   ? -29.369 -3.528  9.428   1.00 34.59 ? 413 HOH A O     1 
HETATM 1617 O O     . HOH E 4 .   ? -9.543  -18.291 7.052   1.00 30.43 ? 414 HOH A O     1 
HETATM 1618 O O     . HOH E 4 .   ? -21.898 -15.343 8.471   1.00 33.25 ? 415 HOH A O     1 
HETATM 1619 O O     . HOH E 4 .   ? -7.924  -8.599  22.005  1.00 31.74 ? 416 HOH A O     1 
HETATM 1620 O O     . HOH E 4 .   ? -7.561  -16.939 5.538   1.00 29.18 ? 417 HOH A O     1 
HETATM 1621 O O     . HOH E 4 .   ? -5.145  -19.548 0.127   1.00 35.64 ? 418 HOH A O     1 
HETATM 1622 O O     . HOH E 4 .   ? -9.872  -16.850 2.118   1.00 31.67 ? 419 HOH A O     1 
HETATM 1623 O O     . HOH E 4 .   ? -28.900 -0.748  -2.171  1.00 29.75 ? 420 HOH A O     1 
# 
